data_2KAT
#
_entry.id   2KAT
#
_entity_poly.entity_id   1
_entity_poly.type   'polypeptide(L)'
_entity_poly.pdbx_seq_one_letter_code
;MQAITERLEAMLAQGTDNMLLRFTLGKTYAEHEQFDAALPHLRAALDFDPTYSVAWKWLGKTLQGQGDRAGARQAWESGL
AAAQSRGDQQVVKELQVFLRRLAREDALEHHHHHH
;
_entity_poly.pdbx_strand_id   A
#
# COMPACT_ATOMS: atom_id res chain seq x y z
N MET A 1 -10.01 11.30 -22.46
CA MET A 1 -8.58 11.58 -22.68
C MET A 1 -7.73 10.61 -21.88
N GLN A 2 -6.42 10.75 -21.99
CA GLN A 2 -5.49 9.87 -21.28
C GLN A 2 -5.51 10.16 -19.78
N ALA A 3 -4.83 9.29 -19.03
CA ALA A 3 -4.77 9.36 -17.56
C ALA A 3 -6.10 8.93 -16.94
N ILE A 4 -6.05 7.82 -16.23
CA ILE A 4 -7.24 7.23 -15.61
C ILE A 4 -7.83 8.17 -14.57
N THR A 5 -6.96 8.84 -13.82
CA THR A 5 -7.40 9.77 -12.79
C THR A 5 -8.26 10.88 -13.37
N GLU A 6 -7.81 11.46 -14.47
CA GLU A 6 -8.49 12.60 -15.09
C GLU A 6 -9.91 12.24 -15.52
N ARG A 7 -10.08 11.09 -16.13
CA ARG A 7 -11.39 10.67 -16.63
C ARG A 7 -12.31 10.27 -15.48
N LEU A 8 -11.74 9.72 -14.42
CA LEU A 8 -12.51 9.33 -13.24
C LEU A 8 -13.08 10.54 -12.54
N GLU A 9 -12.34 11.64 -12.56
CA GLU A 9 -12.77 12.90 -11.94
C GLU A 9 -14.17 13.30 -12.41
N ALA A 10 -14.49 12.96 -13.66
CA ALA A 10 -15.79 13.27 -14.23
C ALA A 10 -16.92 12.57 -13.46
N MET A 11 -16.78 11.28 -13.22
CA MET A 11 -17.83 10.51 -12.55
C MET A 11 -17.83 10.79 -11.05
N LEU A 12 -16.67 11.16 -10.51
CA LEU A 12 -16.59 11.56 -9.11
C LEU A 12 -17.34 12.86 -8.87
N ALA A 13 -17.34 13.72 -9.89
CA ALA A 13 -18.05 15.00 -9.82
C ALA A 13 -19.54 14.80 -10.01
N GLN A 14 -19.95 13.59 -10.35
CA GLN A 14 -21.36 13.27 -10.51
C GLN A 14 -21.97 12.75 -9.21
N GLY A 15 -21.14 12.67 -8.17
CA GLY A 15 -21.63 12.24 -6.88
C GLY A 15 -21.68 10.73 -6.75
N THR A 16 -20.90 10.04 -7.56
CA THR A 16 -20.82 8.60 -7.48
C THR A 16 -19.67 8.19 -6.58
N ASP A 17 -19.88 8.34 -5.27
CA ASP A 17 -18.87 7.99 -4.28
C ASP A 17 -18.90 6.49 -4.00
N ASN A 18 -18.07 5.75 -4.71
CA ASN A 18 -18.02 4.29 -4.57
C ASN A 18 -16.72 3.84 -3.93
N MET A 19 -16.68 2.58 -3.52
CA MET A 19 -15.53 2.02 -2.82
C MET A 19 -14.32 1.89 -3.74
N LEU A 20 -14.47 1.16 -4.84
CA LEU A 20 -13.36 0.85 -5.72
C LEU A 20 -12.80 2.11 -6.38
N LEU A 21 -13.66 3.11 -6.55
CA LEU A 21 -13.24 4.38 -7.14
C LEU A 21 -12.18 5.05 -6.28
N ARG A 22 -12.24 4.80 -4.97
CA ARG A 22 -11.24 5.35 -4.06
C ARG A 22 -9.91 4.66 -4.28
N PHE A 23 -9.97 3.34 -4.43
CA PHE A 23 -8.78 2.50 -4.56
C PHE A 23 -8.05 2.74 -5.89
N THR A 24 -8.79 2.71 -7.00
CA THR A 24 -8.20 2.83 -8.32
C THR A 24 -7.38 4.12 -8.46
N LEU A 25 -7.92 5.22 -7.94
CA LEU A 25 -7.23 6.50 -7.97
C LEU A 25 -5.94 6.45 -7.15
N GLY A 26 -5.98 5.71 -6.05
CA GLY A 26 -4.83 5.59 -5.20
C GLY A 26 -3.73 4.75 -5.82
N LYS A 27 -4.13 3.70 -6.52
CA LYS A 27 -3.19 2.80 -7.18
C LYS A 27 -2.33 3.56 -8.19
N THR A 28 -2.95 4.47 -8.92
CA THR A 28 -2.24 5.25 -9.94
C THR A 28 -1.09 6.03 -9.33
N TYR A 29 -1.30 6.60 -8.14
CA TYR A 29 -0.24 7.34 -7.46
C TYR A 29 0.89 6.41 -7.09
N ALA A 30 0.55 5.22 -6.61
CA ALA A 30 1.53 4.26 -6.14
C ALA A 30 2.33 3.68 -7.30
N GLU A 31 1.67 3.48 -8.44
CA GLU A 31 2.35 2.97 -9.62
C GLU A 31 3.33 3.99 -10.18
N HIS A 32 3.01 5.27 -10.00
CA HIS A 32 3.87 6.35 -10.47
C HIS A 32 4.95 6.65 -9.44
N GLU A 33 5.01 5.82 -8.41
CA GLU A 33 5.96 5.97 -7.30
C GLU A 33 5.73 7.29 -6.56
N GLN A 34 4.52 7.79 -6.64
CA GLN A 34 4.13 9.00 -5.95
C GLN A 34 3.47 8.62 -4.63
N PHE A 35 4.13 7.71 -3.92
CA PHE A 35 3.63 7.16 -2.67
C PHE A 35 3.33 8.25 -1.64
N ASP A 36 4.04 9.35 -1.74
CA ASP A 36 3.81 10.50 -0.85
C ASP A 36 2.37 10.99 -0.99
N ALA A 37 1.95 11.19 -2.23
CA ALA A 37 0.60 11.65 -2.53
C ALA A 37 -0.40 10.53 -2.32
N ALA A 38 0.06 9.29 -2.47
CA ALA A 38 -0.78 8.12 -2.29
C ALA A 38 -1.22 7.97 -0.83
N LEU A 39 -0.32 8.30 0.10
CA LEU A 39 -0.58 8.10 1.53
C LEU A 39 -1.91 8.69 2.01
N PRO A 40 -2.18 9.99 1.77
CA PRO A 40 -3.44 10.61 2.21
C PRO A 40 -4.65 9.99 1.51
N HIS A 41 -4.49 9.66 0.24
CA HIS A 41 -5.59 9.14 -0.56
C HIS A 41 -5.94 7.71 -0.12
N LEU A 42 -4.91 6.89 0.09
CA LEU A 42 -5.12 5.52 0.52
C LEU A 42 -5.65 5.47 1.95
N ARG A 43 -5.16 6.39 2.77
CA ARG A 43 -5.60 6.48 4.16
C ARG A 43 -7.09 6.81 4.23
N ALA A 44 -7.53 7.71 3.36
CA ALA A 44 -8.93 8.10 3.29
C ALA A 44 -9.79 6.90 2.95
N ALA A 45 -9.31 6.07 2.04
CA ALA A 45 -10.03 4.87 1.64
C ALA A 45 -10.12 3.88 2.79
N LEU A 46 -8.99 3.66 3.46
CA LEU A 46 -8.93 2.71 4.57
C LEU A 46 -9.85 3.10 5.71
N ASP A 47 -10.14 4.38 5.83
CA ASP A 47 -11.05 4.85 6.86
C ASP A 47 -12.46 4.36 6.59
N PHE A 48 -12.85 4.37 5.33
CA PHE A 48 -14.19 3.94 4.93
C PHE A 48 -14.26 2.42 4.80
N ASP A 49 -13.25 1.83 4.17
CA ASP A 49 -13.23 0.40 3.95
C ASP A 49 -11.83 -0.18 4.15
N PRO A 50 -11.50 -0.52 5.40
CA PRO A 50 -10.17 -1.03 5.77
C PRO A 50 -10.00 -2.51 5.45
N THR A 51 -11.05 -3.15 4.97
CA THR A 51 -11.05 -4.58 4.75
C THR A 51 -10.61 -4.95 3.32
N TYR A 52 -10.02 -4.01 2.62
CA TYR A 52 -9.55 -4.28 1.26
C TYR A 52 -8.10 -4.77 1.29
N SER A 53 -7.96 -6.09 1.19
CA SER A 53 -6.67 -6.76 1.27
C SER A 53 -5.62 -6.19 0.32
N VAL A 54 -6.02 -5.95 -0.92
CA VAL A 54 -5.11 -5.44 -1.94
C VAL A 54 -4.51 -4.10 -1.50
N ALA A 55 -5.31 -3.29 -0.81
CA ALA A 55 -4.86 -1.98 -0.34
C ALA A 55 -3.75 -2.13 0.69
N TRP A 56 -3.84 -3.14 1.55
CA TRP A 56 -2.82 -3.39 2.57
C TRP A 56 -1.49 -3.64 1.88
N LYS A 57 -1.55 -4.40 0.81
CA LYS A 57 -0.39 -4.78 0.03
C LYS A 57 0.25 -3.56 -0.64
N TRP A 58 -0.58 -2.60 -1.06
CA TRP A 58 -0.06 -1.36 -1.64
C TRP A 58 0.54 -0.46 -0.57
N LEU A 59 -0.09 -0.44 0.61
CA LEU A 59 0.41 0.35 1.73
C LEU A 59 1.84 -0.03 2.09
N GLY A 60 2.11 -1.32 2.12
CA GLY A 60 3.47 -1.78 2.37
C GLY A 60 4.45 -1.22 1.35
N LYS A 61 4.06 -1.24 0.08
CA LYS A 61 4.87 -0.69 -0.99
C LYS A 61 5.00 0.83 -0.86
N THR A 62 4.02 1.46 -0.23
CA THR A 62 4.00 2.90 -0.08
C THR A 62 5.14 3.37 0.82
N LEU A 63 5.27 2.73 1.98
CA LEU A 63 6.30 3.09 2.94
C LEU A 63 7.71 2.85 2.39
N GLN A 64 7.89 1.71 1.71
CA GLN A 64 9.21 1.37 1.17
C GLN A 64 9.59 2.30 0.02
N GLY A 65 8.58 2.69 -0.76
CA GLY A 65 8.81 3.62 -1.85
C GLY A 65 9.08 5.02 -1.36
N GLN A 66 8.42 5.39 -0.27
CA GLN A 66 8.64 6.68 0.36
C GLN A 66 10.08 6.78 0.86
N GLY A 67 10.60 5.65 1.33
CA GLY A 67 11.97 5.59 1.79
C GLY A 67 12.06 5.42 3.30
N ASP A 68 11.04 4.83 3.88
CA ASP A 68 11.05 4.57 5.32
C ASP A 68 11.07 3.07 5.57
N ARG A 69 12.26 2.56 5.86
CA ARG A 69 12.45 1.13 6.07
C ARG A 69 11.70 0.64 7.31
N ALA A 70 11.69 1.46 8.36
CA ALA A 70 10.99 1.09 9.58
C ALA A 70 9.49 1.06 9.36
N GLY A 71 8.97 2.07 8.70
CA GLY A 71 7.56 2.13 8.40
C GLY A 71 7.11 0.96 7.55
N ALA A 72 7.92 0.59 6.57
CA ALA A 72 7.62 -0.54 5.68
C ALA A 72 7.54 -1.84 6.48
N ARG A 73 8.51 -2.02 7.38
CA ARG A 73 8.53 -3.19 8.25
C ARG A 73 7.23 -3.30 9.03
N GLN A 74 6.86 -2.21 9.71
CA GLN A 74 5.68 -2.21 10.57
C GLN A 74 4.40 -2.38 9.73
N ALA A 75 4.40 -1.81 8.54
CA ALA A 75 3.25 -1.89 7.65
C ALA A 75 2.93 -3.34 7.27
N TRP A 76 3.94 -4.07 6.82
CA TRP A 76 3.75 -5.46 6.41
C TRP A 76 3.40 -6.34 7.60
N GLU A 77 3.99 -6.05 8.75
CA GLU A 77 3.66 -6.76 9.98
C GLU A 77 2.19 -6.59 10.33
N SER A 78 1.67 -5.39 10.10
CA SER A 78 0.28 -5.08 10.41
C SER A 78 -0.66 -5.74 9.40
N GLY A 79 -0.30 -5.67 8.12
CA GLY A 79 -1.16 -6.19 7.07
C GLY A 79 -1.18 -7.71 7.02
N LEU A 80 -0.11 -8.33 7.51
CA LEU A 80 0.01 -9.79 7.51
C LEU A 80 -1.14 -10.42 8.30
N ALA A 81 -1.31 -9.96 9.53
CA ALA A 81 -2.38 -10.45 10.40
C ALA A 81 -3.75 -10.07 9.85
N ALA A 82 -3.81 -8.95 9.15
CA ALA A 82 -5.05 -8.53 8.51
C ALA A 82 -5.44 -9.56 7.44
N ALA A 83 -4.46 -9.96 6.64
CA ALA A 83 -4.68 -10.95 5.59
C ALA A 83 -4.98 -12.32 6.20
N GLN A 84 -4.31 -12.63 7.31
CA GLN A 84 -4.57 -13.85 8.05
C GLN A 84 -6.01 -13.89 8.54
N SER A 85 -6.47 -12.78 9.11
CA SER A 85 -7.83 -12.68 9.60
C SER A 85 -8.85 -12.79 8.46
N ARG A 86 -8.45 -12.40 7.26
CA ARG A 86 -9.30 -12.52 6.09
C ARG A 86 -9.13 -13.87 5.40
N GLY A 87 -8.13 -14.62 5.85
CA GLY A 87 -7.88 -15.95 5.30
C GLY A 87 -7.36 -15.90 3.88
N ASP A 88 -6.67 -14.83 3.54
CA ASP A 88 -6.14 -14.66 2.20
C ASP A 88 -4.66 -15.00 2.17
N GLN A 89 -4.38 -16.28 1.99
CA GLN A 89 -3.02 -16.80 1.99
C GLN A 89 -2.16 -16.17 0.92
N GLN A 90 -2.75 -15.88 -0.24
CA GLN A 90 -2.01 -15.29 -1.34
C GLN A 90 -1.38 -13.97 -0.91
N VAL A 91 -2.17 -13.11 -0.27
CA VAL A 91 -1.69 -11.79 0.12
C VAL A 91 -0.64 -11.91 1.22
N VAL A 92 -0.87 -12.85 2.14
CA VAL A 92 0.07 -13.09 3.23
C VAL A 92 1.45 -13.41 2.68
N LYS A 93 1.50 -14.35 1.74
CA LYS A 93 2.77 -14.76 1.16
C LYS A 93 3.39 -13.66 0.29
N GLU A 94 2.55 -12.94 -0.46
CA GLU A 94 3.03 -11.86 -1.32
C GLU A 94 3.75 -10.79 -0.49
N LEU A 95 3.11 -10.35 0.57
CA LEU A 95 3.68 -9.33 1.45
C LEU A 95 4.86 -9.90 2.22
N GLN A 96 4.78 -11.18 2.57
CA GLN A 96 5.83 -11.85 3.31
C GLN A 96 7.16 -11.81 2.55
N VAL A 97 7.09 -12.05 1.24
CA VAL A 97 8.29 -12.07 0.40
C VAL A 97 9.01 -10.72 0.44
N PHE A 98 8.25 -9.65 0.31
CA PHE A 98 8.80 -8.30 0.35
C PHE A 98 9.37 -8.00 1.73
N LEU A 99 8.69 -8.47 2.76
CA LEU A 99 9.10 -8.27 4.15
C LEU A 99 10.45 -8.93 4.41
N ARG A 100 10.71 -10.04 3.74
CA ARG A 100 11.99 -10.74 3.88
C ARG A 100 13.09 -9.95 3.22
N ARG A 101 12.82 -9.53 2.00
CA ARG A 101 13.78 -8.75 1.23
C ARG A 101 14.18 -7.48 1.96
N LEU A 102 13.21 -6.84 2.62
CA LEU A 102 13.48 -5.62 3.38
C LEU A 102 14.42 -5.92 4.55
N ALA A 103 14.23 -7.08 5.15
CA ALA A 103 15.05 -7.53 6.27
C ALA A 103 16.51 -7.69 5.85
N ARG A 104 16.73 -8.03 4.59
CA ARG A 104 18.07 -8.26 4.07
C ARG A 104 18.89 -6.95 4.08
N GLU A 105 18.21 -5.81 3.96
CA GLU A 105 18.86 -4.53 4.07
C GLU A 105 19.21 -4.24 5.53
N ASP A 106 18.29 -4.60 6.42
CA ASP A 106 18.52 -4.49 7.87
C ASP A 106 19.73 -5.33 8.24
N ALA A 107 19.81 -6.49 7.62
CA ALA A 107 20.91 -7.41 7.82
C ALA A 107 22.25 -6.73 7.53
N LEU A 108 22.26 -5.75 6.65
CA LEU A 108 23.48 -5.05 6.29
C LEU A 108 23.85 -3.98 7.32
N GLU A 109 22.93 -3.07 7.62
CA GLU A 109 23.23 -1.92 8.46
C GLU A 109 23.12 -2.24 9.95
N HIS A 110 22.24 -3.16 10.24
CA HIS A 110 21.94 -3.56 11.62
C HIS A 110 22.58 -4.91 11.90
N HIS A 111 23.32 -5.40 10.91
CA HIS A 111 24.02 -6.69 10.97
C HIS A 111 23.11 -7.80 11.48
N HIS A 112 22.02 -8.02 10.77
CA HIS A 112 21.17 -9.19 11.00
C HIS A 112 21.56 -10.25 9.98
N HIS A 113 22.72 -10.03 9.37
CA HIS A 113 23.29 -10.91 8.36
C HIS A 113 23.58 -12.28 8.96
N HIS A 114 23.48 -13.33 8.13
CA HIS A 114 23.74 -14.70 8.57
C HIS A 114 25.14 -14.83 9.18
N HIS A 115 26.04 -13.98 8.74
CA HIS A 115 27.38 -13.92 9.30
C HIS A 115 27.69 -12.48 9.69
N MET A 1 1.80 11.92 -21.73
CA MET A 1 1.15 11.24 -20.59
C MET A 1 -0.34 11.55 -20.56
N GLN A 2 -1.10 10.74 -19.83
CA GLN A 2 -2.51 10.98 -19.65
C GLN A 2 -2.89 10.85 -18.19
N ALA A 3 -3.85 11.64 -17.78
CA ALA A 3 -4.31 11.62 -16.40
C ALA A 3 -5.65 10.92 -16.30
N ILE A 4 -5.61 9.59 -16.27
CA ILE A 4 -6.82 8.78 -16.15
C ILE A 4 -7.54 9.10 -14.86
N THR A 5 -6.77 9.28 -13.80
CA THR A 5 -7.32 9.61 -12.48
C THR A 5 -8.12 10.91 -12.53
N GLU A 6 -7.70 11.84 -13.40
CA GLU A 6 -8.35 13.14 -13.51
C GLU A 6 -9.78 13.00 -14.01
N ARG A 7 -9.98 12.21 -15.07
CA ARG A 7 -11.32 12.01 -15.58
C ARG A 7 -12.14 11.12 -14.66
N LEU A 8 -11.47 10.21 -13.98
CA LEU A 8 -12.12 9.36 -12.98
C LEU A 8 -12.62 10.21 -11.81
N GLU A 9 -11.82 11.18 -11.39
CA GLU A 9 -12.20 12.08 -10.33
C GLU A 9 -13.35 12.98 -10.78
N ALA A 10 -13.36 13.31 -12.06
CA ALA A 10 -14.47 14.05 -12.65
C ALA A 10 -15.75 13.25 -12.52
N MET A 11 -15.68 11.97 -12.88
CA MET A 11 -16.82 11.05 -12.78
C MET A 11 -17.27 10.92 -11.34
N LEU A 12 -16.29 10.92 -10.43
CA LEU A 12 -16.57 10.89 -8.99
C LEU A 12 -17.43 12.08 -8.59
N ALA A 13 -17.04 13.25 -9.07
CA ALA A 13 -17.74 14.49 -8.75
C ALA A 13 -19.05 14.62 -9.55
N GLN A 14 -19.18 13.81 -10.59
CA GLN A 14 -20.38 13.82 -11.42
C GLN A 14 -21.51 12.99 -10.83
N GLY A 15 -21.29 12.47 -9.63
CA GLY A 15 -22.34 11.72 -8.95
C GLY A 15 -22.05 10.24 -8.88
N THR A 16 -20.80 9.90 -8.66
CA THR A 16 -20.41 8.52 -8.44
C THR A 16 -19.44 8.44 -7.28
N ASP A 17 -19.88 8.95 -6.13
CA ASP A 17 -19.09 8.88 -4.90
C ASP A 17 -19.01 7.43 -4.45
N ASN A 18 -18.10 6.70 -5.05
CA ASN A 18 -18.01 5.27 -4.84
C ASN A 18 -16.68 4.90 -4.21
N MET A 19 -16.67 3.77 -3.54
CA MET A 19 -15.48 3.34 -2.81
C MET A 19 -14.47 2.69 -3.75
N LEU A 20 -14.88 1.63 -4.42
CA LEU A 20 -14.00 0.90 -5.33
C LEU A 20 -13.56 1.80 -6.47
N LEU A 21 -14.44 2.69 -6.89
CA LEU A 21 -14.13 3.66 -7.93
C LEU A 21 -12.96 4.54 -7.47
N ARG A 22 -13.11 5.20 -6.33
CA ARG A 22 -12.09 6.12 -5.85
C ARG A 22 -10.83 5.37 -5.45
N PHE A 23 -10.98 4.09 -5.11
CA PHE A 23 -9.86 3.23 -4.78
C PHE A 23 -8.98 3.00 -6.01
N THR A 24 -9.62 2.89 -7.17
CA THR A 24 -8.92 2.69 -8.43
C THR A 24 -7.93 3.83 -8.68
N LEU A 25 -8.36 5.05 -8.39
CA LEU A 25 -7.50 6.22 -8.53
C LEU A 25 -6.27 6.09 -7.64
N GLY A 26 -6.47 5.52 -6.45
CA GLY A 26 -5.37 5.35 -5.52
C GLY A 26 -4.27 4.48 -6.08
N LYS A 27 -4.66 3.37 -6.69
CA LYS A 27 -3.71 2.49 -7.35
C LYS A 27 -2.99 3.22 -8.48
N THR A 28 -3.78 3.99 -9.25
CA THR A 28 -3.25 4.71 -10.39
C THR A 28 -2.14 5.68 -9.99
N TYR A 29 -2.31 6.35 -8.86
CA TYR A 29 -1.26 7.24 -8.35
C TYR A 29 -0.01 6.45 -8.03
N ALA A 30 -0.17 5.31 -7.38
CA ALA A 30 0.97 4.51 -6.96
C ALA A 30 1.71 3.93 -8.17
N GLU A 31 0.95 3.54 -9.19
CA GLU A 31 1.53 2.99 -10.41
C GLU A 31 2.24 4.07 -11.22
N HIS A 32 1.81 5.31 -11.06
CA HIS A 32 2.39 6.42 -11.80
C HIS A 32 3.46 7.15 -10.97
N GLU A 33 3.95 6.48 -9.94
CA GLU A 33 5.06 6.98 -9.13
C GLU A 33 4.64 8.21 -8.31
N GLN A 34 3.35 8.35 -8.11
CA GLN A 34 2.79 9.45 -7.33
C GLN A 34 2.54 8.96 -5.91
N PHE A 35 3.55 8.27 -5.36
CA PHE A 35 3.43 7.56 -4.09
C PHE A 35 2.88 8.43 -2.97
N ASP A 36 3.40 9.64 -2.82
CA ASP A 36 3.03 10.50 -1.70
C ASP A 36 1.55 10.82 -1.71
N ALA A 37 1.02 11.05 -2.90
CA ALA A 37 -0.39 11.37 -3.09
C ALA A 37 -1.26 10.14 -2.90
N ALA A 38 -0.69 8.98 -3.19
CA ALA A 38 -1.40 7.73 -3.08
C ALA A 38 -1.73 7.39 -1.63
N LEU A 39 -0.81 7.68 -0.73
CA LEU A 39 -0.95 7.31 0.68
C LEU A 39 -2.25 7.82 1.33
N PRO A 40 -2.55 9.14 1.26
CA PRO A 40 -3.78 9.68 1.86
C PRO A 40 -5.01 9.18 1.13
N HIS A 41 -4.86 9.09 -0.19
CA HIS A 41 -5.94 8.64 -1.05
C HIS A 41 -6.31 7.19 -0.74
N LEU A 42 -5.30 6.37 -0.46
CA LEU A 42 -5.52 4.98 -0.11
C LEU A 42 -6.14 4.85 1.28
N ARG A 43 -5.71 5.74 2.18
CA ARG A 43 -6.25 5.77 3.54
C ARG A 43 -7.74 6.04 3.53
N ALA A 44 -8.19 6.82 2.56
CA ALA A 44 -9.61 7.10 2.39
C ALA A 44 -10.40 5.83 2.13
N ALA A 45 -9.82 4.92 1.34
CA ALA A 45 -10.45 3.64 1.06
C ALA A 45 -10.45 2.75 2.31
N LEU A 46 -9.31 2.76 3.01
CA LEU A 46 -9.16 1.99 4.24
C LEU A 46 -10.12 2.47 5.32
N ASP A 47 -10.51 3.73 5.24
CA ASP A 47 -11.44 4.33 6.19
C ASP A 47 -12.79 3.63 6.13
N PHE A 48 -13.18 3.23 4.92
CA PHE A 48 -14.43 2.52 4.71
C PHE A 48 -14.28 1.04 5.04
N ASP A 49 -13.18 0.45 4.59
CA ASP A 49 -12.94 -0.97 4.77
C ASP A 49 -11.47 -1.24 5.07
N PRO A 50 -11.09 -1.21 6.35
CA PRO A 50 -9.69 -1.43 6.76
C PRO A 50 -9.23 -2.86 6.51
N THR A 51 -10.17 -3.72 6.13
CA THR A 51 -9.89 -5.12 5.89
C THR A 51 -9.64 -5.39 4.41
N TYR A 52 -9.47 -4.33 3.63
CA TYR A 52 -9.18 -4.48 2.20
C TYR A 52 -7.74 -4.97 2.02
N SER A 53 -7.61 -6.28 1.86
CA SER A 53 -6.33 -6.97 1.80
C SER A 53 -5.38 -6.38 0.75
N VAL A 54 -5.92 -6.07 -0.42
CA VAL A 54 -5.10 -5.54 -1.51
C VAL A 54 -4.44 -4.23 -1.12
N ALA A 55 -5.16 -3.42 -0.34
CA ALA A 55 -4.68 -2.10 0.05
C ALA A 55 -3.50 -2.22 1.01
N TRP A 56 -3.48 -3.26 1.83
CA TRP A 56 -2.39 -3.46 2.78
C TRP A 56 -1.06 -3.60 2.04
N LYS A 57 -1.11 -4.36 0.96
CA LYS A 57 0.07 -4.64 0.16
C LYS A 57 0.62 -3.37 -0.48
N TRP A 58 -0.28 -2.56 -1.04
CA TRP A 58 0.11 -1.30 -1.66
C TRP A 58 0.61 -0.30 -0.63
N LEU A 59 -0.01 -0.31 0.55
CA LEU A 59 0.35 0.61 1.63
C LEU A 59 1.83 0.42 2.01
N GLY A 60 2.21 -0.83 2.27
CA GLY A 60 3.58 -1.12 2.65
C GLY A 60 4.57 -0.75 1.57
N LYS A 61 4.22 -1.01 0.31
CA LYS A 61 5.08 -0.69 -0.82
C LYS A 61 5.38 0.81 -0.87
N THR A 62 4.35 1.60 -0.65
CA THR A 62 4.46 3.04 -0.74
C THR A 62 5.31 3.61 0.40
N LEU A 63 5.19 3.03 1.59
CA LEU A 63 5.97 3.49 2.74
C LEU A 63 7.46 3.27 2.50
N GLN A 64 7.78 2.20 1.80
CA GLN A 64 9.17 1.90 1.48
C GLN A 64 9.74 3.00 0.56
N GLY A 65 8.94 3.39 -0.43
CA GLY A 65 9.35 4.42 -1.36
C GLY A 65 9.47 5.78 -0.70
N GLN A 66 8.83 5.95 0.45
CA GLN A 66 8.92 7.20 1.20
C GLN A 66 10.27 7.33 1.89
N GLY A 67 10.91 6.18 2.13
CA GLY A 67 12.23 6.19 2.72
C GLY A 67 12.25 5.69 4.15
N ASP A 68 11.07 5.46 4.72
CA ASP A 68 10.98 5.03 6.10
C ASP A 68 11.22 3.53 6.20
N ARG A 69 12.48 3.17 6.35
CA ARG A 69 12.93 1.78 6.41
C ARG A 69 12.23 1.01 7.54
N ALA A 70 12.13 1.62 8.72
CA ALA A 70 11.48 0.98 9.86
C ALA A 70 9.98 0.85 9.64
N GLY A 71 9.35 1.94 9.24
CA GLY A 71 7.91 1.96 9.04
C GLY A 71 7.45 0.96 8.00
N ALA A 72 8.20 0.84 6.92
CA ALA A 72 7.85 -0.08 5.83
C ALA A 72 7.83 -1.52 6.33
N ARG A 73 8.83 -1.88 7.14
CA ARG A 73 8.94 -3.22 7.67
C ARG A 73 7.78 -3.50 8.63
N GLN A 74 7.54 -2.57 9.55
CA GLN A 74 6.49 -2.72 10.55
C GLN A 74 5.11 -2.75 9.89
N ALA A 75 4.95 -1.99 8.81
CA ALA A 75 3.68 -1.93 8.08
C ALA A 75 3.27 -3.31 7.60
N TRP A 76 4.21 -4.03 7.03
CA TRP A 76 3.93 -5.38 6.52
C TRP A 76 3.70 -6.35 7.68
N GLU A 77 4.43 -6.17 8.78
CA GLU A 77 4.22 -6.98 9.97
C GLU A 77 2.80 -6.79 10.50
N SER A 78 2.34 -5.54 10.46
CA SER A 78 1.00 -5.21 10.93
C SER A 78 -0.05 -5.75 9.95
N GLY A 79 0.23 -5.59 8.66
CA GLY A 79 -0.68 -6.09 7.64
C GLY A 79 -0.82 -7.59 7.66
N LEU A 80 0.24 -8.28 8.06
CA LEU A 80 0.22 -9.73 8.16
C LEU A 80 -0.81 -10.18 9.18
N ALA A 81 -0.80 -9.53 10.33
CA ALA A 81 -1.75 -9.83 11.40
C ALA A 81 -3.18 -9.50 10.96
N ALA A 82 -3.32 -8.50 10.10
CA ALA A 82 -4.62 -8.18 9.52
C ALA A 82 -5.06 -9.33 8.63
N ALA A 83 -4.12 -9.84 7.82
CA ALA A 83 -4.39 -10.98 6.96
C ALA A 83 -4.67 -12.22 7.79
N GLN A 84 -3.97 -12.36 8.92
CA GLN A 84 -4.22 -13.43 9.86
C GLN A 84 -5.64 -13.36 10.39
N SER A 85 -6.02 -12.18 10.86
CA SER A 85 -7.38 -11.95 11.34
C SER A 85 -8.42 -12.22 10.26
N ARG A 86 -8.07 -11.90 9.02
CA ARG A 86 -8.93 -12.14 7.87
C ARG A 86 -8.93 -13.61 7.45
N GLY A 87 -7.94 -14.35 7.91
CA GLY A 87 -7.77 -15.72 7.48
C GLY A 87 -7.34 -15.82 6.02
N ASP A 88 -6.97 -14.67 5.44
CA ASP A 88 -6.61 -14.58 4.03
C ASP A 88 -5.22 -15.14 3.80
N GLN A 89 -5.19 -16.44 3.60
CA GLN A 89 -3.95 -17.20 3.44
C GLN A 89 -3.09 -16.69 2.29
N GLN A 90 -3.73 -16.42 1.17
CA GLN A 90 -3.00 -16.02 -0.04
C GLN A 90 -2.29 -14.69 0.18
N VAL A 91 -2.95 -13.78 0.86
CA VAL A 91 -2.39 -12.45 1.10
C VAL A 91 -1.19 -12.55 2.04
N VAL A 92 -1.28 -13.44 3.02
CA VAL A 92 -0.17 -13.68 3.94
C VAL A 92 1.07 -14.10 3.17
N LYS A 93 0.88 -15.03 2.24
CA LYS A 93 1.98 -15.56 1.43
C LYS A 93 2.59 -14.48 0.53
N GLU A 94 1.73 -13.61 -0.02
CA GLU A 94 2.20 -12.55 -0.90
C GLU A 94 2.98 -11.51 -0.12
N LEU A 95 2.40 -11.04 0.98
CA LEU A 95 3.03 -10.02 1.79
C LEU A 95 4.30 -10.54 2.44
N GLN A 96 4.32 -11.84 2.77
CA GLN A 96 5.48 -12.46 3.40
C GLN A 96 6.73 -12.31 2.54
N VAL A 97 6.56 -12.28 1.22
CA VAL A 97 7.68 -12.14 0.30
C VAL A 97 8.42 -10.82 0.54
N PHE A 98 7.66 -9.78 0.82
CA PHE A 98 8.23 -8.46 1.05
C PHE A 98 9.10 -8.43 2.30
N LEU A 99 8.65 -9.14 3.34
CA LEU A 99 9.39 -9.20 4.59
C LEU A 99 10.76 -9.81 4.38
N ARG A 100 10.83 -10.82 3.51
CA ARG A 100 12.07 -11.55 3.27
C ARG A 100 13.08 -10.65 2.60
N ARG A 101 12.60 -10.01 1.57
CA ARG A 101 13.43 -9.18 0.72
C ARG A 101 13.92 -7.95 1.49
N LEU A 102 13.03 -7.32 2.25
CA LEU A 102 13.40 -6.14 3.03
C LEU A 102 14.33 -6.52 4.18
N ALA A 103 14.08 -7.65 4.82
CA ALA A 103 14.88 -8.09 5.96
C ALA A 103 16.33 -8.29 5.56
N ARG A 104 16.56 -8.76 4.34
CA ARG A 104 17.90 -8.96 3.83
C ARG A 104 18.70 -7.66 3.85
N GLU A 105 18.03 -6.58 3.45
CA GLU A 105 18.65 -5.28 3.41
C GLU A 105 18.87 -4.72 4.80
N ASP A 106 17.88 -4.90 5.66
CA ASP A 106 17.91 -4.36 7.02
C ASP A 106 18.89 -5.11 7.89
N ALA A 107 18.84 -6.43 7.84
CA ALA A 107 19.70 -7.27 8.66
C ALA A 107 21.17 -7.02 8.35
N LEU A 108 21.50 -6.97 7.07
CA LEU A 108 22.86 -6.71 6.65
C LEU A 108 23.19 -5.22 6.74
N GLU A 109 22.14 -4.42 6.80
CA GLU A 109 22.24 -2.96 6.83
C GLU A 109 23.10 -2.47 5.67
N HIS A 110 22.72 -2.87 4.46
CA HIS A 110 23.46 -2.50 3.25
C HIS A 110 24.90 -3.04 3.33
N HIS A 111 25.02 -4.21 3.95
CA HIS A 111 26.30 -4.91 4.14
C HIS A 111 27.24 -4.06 5.01
N HIS A 112 26.65 -3.11 5.72
CA HIS A 112 27.38 -2.20 6.59
C HIS A 112 28.40 -1.37 5.82
N HIS A 113 28.17 -1.22 4.51
CA HIS A 113 28.99 -0.32 3.71
C HIS A 113 28.43 1.09 3.88
N HIS A 114 28.91 1.75 4.93
CA HIS A 114 28.34 2.99 5.47
C HIS A 114 26.89 2.77 5.92
N HIS A 115 26.53 3.37 7.05
CA HIS A 115 25.19 3.22 7.59
C HIS A 115 24.28 4.29 6.98
N MET A 1 -7.63 15.85 -21.58
CA MET A 1 -7.99 14.78 -20.60
C MET A 1 -7.40 13.45 -21.04
N GLN A 2 -6.26 13.11 -20.48
CA GLN A 2 -5.63 11.83 -20.74
C GLN A 2 -5.36 11.10 -19.43
N ALA A 3 -4.96 9.83 -19.56
CA ALA A 3 -4.66 8.99 -18.40
C ALA A 3 -5.92 8.67 -17.62
N ILE A 4 -5.79 7.69 -16.76
CA ILE A 4 -6.88 7.24 -15.93
C ILE A 4 -7.22 8.26 -14.83
N THR A 5 -6.24 9.08 -14.47
CA THR A 5 -6.40 10.02 -13.37
C THR A 5 -7.47 11.08 -13.66
N GLU A 6 -7.36 11.77 -14.80
CA GLU A 6 -8.25 12.88 -15.11
C GLU A 6 -9.70 12.44 -15.19
N ARG A 7 -9.93 11.27 -15.74
CA ARG A 7 -11.29 10.78 -15.94
C ARG A 7 -11.92 10.34 -14.62
N LEU A 8 -11.16 9.64 -13.78
CA LEU A 8 -11.67 9.18 -12.50
C LEU A 8 -11.91 10.35 -11.55
N GLU A 9 -10.94 11.26 -11.47
CA GLU A 9 -11.07 12.41 -10.58
C GLU A 9 -12.29 13.24 -10.91
N ALA A 10 -12.62 13.33 -12.20
CA ALA A 10 -13.76 14.12 -12.64
C ALA A 10 -15.08 13.48 -12.20
N MET A 11 -15.24 12.19 -12.47
CA MET A 11 -16.48 11.49 -12.17
C MET A 11 -16.63 11.27 -10.67
N LEU A 12 -15.51 11.08 -9.97
CA LEU A 12 -15.52 10.94 -8.53
C LEU A 12 -16.05 12.21 -7.89
N ALA A 13 -15.59 13.34 -8.38
CA ALA A 13 -15.99 14.64 -7.86
C ALA A 13 -17.43 14.95 -8.21
N GLN A 14 -17.98 14.26 -9.21
CA GLN A 14 -19.38 14.46 -9.59
C GLN A 14 -20.31 13.70 -8.64
N GLY A 15 -19.72 12.89 -7.78
CA GLY A 15 -20.49 12.17 -6.79
C GLY A 15 -20.50 10.68 -7.01
N THR A 16 -19.92 10.25 -8.12
CA THR A 16 -19.88 8.83 -8.43
C THR A 16 -18.68 8.16 -7.77
N ASP A 17 -18.75 8.04 -6.45
CA ASP A 17 -17.70 7.39 -5.69
C ASP A 17 -18.28 6.78 -4.43
N ASN A 18 -17.52 5.87 -3.84
CA ASN A 18 -17.91 5.14 -2.65
C ASN A 18 -16.67 4.60 -1.96
N MET A 19 -15.95 3.80 -2.71
CA MET A 19 -14.70 3.22 -2.24
C MET A 19 -13.85 2.80 -3.44
N LEU A 20 -14.52 2.23 -4.44
CA LEU A 20 -13.86 1.70 -5.63
C LEU A 20 -12.96 2.75 -6.30
N LEU A 21 -13.53 3.89 -6.66
CA LEU A 21 -12.79 4.91 -7.40
C LEU A 21 -11.67 5.50 -6.55
N ARG A 22 -12.00 5.86 -5.32
CA ARG A 22 -11.02 6.40 -4.38
C ARG A 22 -9.84 5.44 -4.21
N PHE A 23 -10.13 4.15 -4.10
CA PHE A 23 -9.08 3.14 -4.00
C PHE A 23 -8.27 3.09 -5.29
N THR A 24 -8.96 3.11 -6.42
CA THR A 24 -8.32 3.04 -7.72
C THR A 24 -7.41 4.24 -7.95
N LEU A 25 -7.86 5.42 -7.56
CA LEU A 25 -7.07 6.63 -7.68
C LEU A 25 -5.81 6.55 -6.84
N GLY A 26 -5.95 6.06 -5.61
CA GLY A 26 -4.78 5.86 -4.76
C GLY A 26 -3.78 4.92 -5.39
N LYS A 27 -4.28 3.82 -5.93
CA LYS A 27 -3.45 2.85 -6.64
C LYS A 27 -2.81 3.51 -7.86
N THR A 28 -3.58 4.35 -8.55
CA THR A 28 -3.10 5.04 -9.74
C THR A 28 -1.97 6.01 -9.39
N TYR A 29 -2.09 6.69 -8.25
CA TYR A 29 -1.03 7.59 -7.80
C TYR A 29 0.26 6.81 -7.56
N ALA A 30 0.12 5.61 -6.99
CA ALA A 30 1.27 4.75 -6.74
C ALA A 30 1.90 4.31 -8.06
N GLU A 31 1.06 4.02 -9.05
CA GLU A 31 1.55 3.64 -10.38
C GLU A 31 2.22 4.81 -11.09
N HIS A 32 1.86 6.03 -10.67
CA HIS A 32 2.42 7.25 -11.25
C HIS A 32 3.62 7.74 -10.46
N GLU A 33 4.08 6.93 -9.51
CA GLU A 33 5.23 7.26 -8.66
C GLU A 33 4.94 8.51 -7.82
N GLN A 34 3.66 8.72 -7.55
CA GLN A 34 3.22 9.85 -6.74
C GLN A 34 2.71 9.32 -5.40
N PHE A 35 3.51 8.44 -4.81
CA PHE A 35 3.15 7.68 -3.61
C PHE A 35 2.67 8.58 -2.48
N ASP A 36 3.23 9.78 -2.40
CA ASP A 36 2.84 10.76 -1.38
C ASP A 36 1.34 11.02 -1.44
N ALA A 37 0.83 11.21 -2.65
CA ALA A 37 -0.58 11.46 -2.87
C ALA A 37 -1.40 10.18 -2.70
N ALA A 38 -0.76 9.05 -2.95
CA ALA A 38 -1.41 7.76 -2.86
C ALA A 38 -1.73 7.40 -1.41
N LEU A 39 -0.79 7.72 -0.51
CA LEU A 39 -0.89 7.30 0.89
C LEU A 39 -2.22 7.68 1.55
N PRO A 40 -2.64 8.97 1.53
CA PRO A 40 -3.91 9.39 2.15
C PRO A 40 -5.13 8.70 1.54
N HIS A 41 -5.14 8.59 0.22
CA HIS A 41 -6.28 8.04 -0.50
C HIS A 41 -6.38 6.53 -0.26
N LEU A 42 -5.23 5.88 -0.19
CA LEU A 42 -5.19 4.44 0.06
C LEU A 42 -5.60 4.15 1.51
N ARG A 43 -5.19 5.02 2.42
CA ARG A 43 -5.56 4.88 3.83
C ARG A 43 -7.07 5.08 4.00
N ALA A 44 -7.62 6.04 3.27
CA ALA A 44 -9.06 6.30 3.31
C ALA A 44 -9.86 5.09 2.85
N ALA A 45 -9.27 4.33 1.93
CA ALA A 45 -9.91 3.11 1.45
C ALA A 45 -10.01 2.08 2.57
N LEU A 46 -8.94 1.96 3.35
CA LEU A 46 -8.90 1.02 4.47
C LEU A 46 -9.76 1.50 5.63
N ASP A 47 -9.97 2.80 5.71
CA ASP A 47 -10.85 3.38 6.73
C ASP A 47 -12.25 2.82 6.56
N PHE A 48 -12.71 2.76 5.32
CA PHE A 48 -14.02 2.23 5.01
C PHE A 48 -14.03 0.71 4.94
N ASP A 49 -13.02 0.13 4.31
CA ASP A 49 -12.95 -1.33 4.17
C ASP A 49 -11.59 -1.85 4.63
N PRO A 50 -11.48 -2.15 5.93
CA PRO A 50 -10.24 -2.69 6.51
C PRO A 50 -9.99 -4.15 6.08
N THR A 51 -10.95 -4.70 5.36
CA THR A 51 -10.91 -6.09 4.94
C THR A 51 -10.46 -6.22 3.48
N TYR A 52 -9.88 -5.16 2.94
CA TYR A 52 -9.44 -5.16 1.55
C TYR A 52 -8.02 -5.72 1.46
N SER A 53 -7.92 -7.03 1.31
CA SER A 53 -6.65 -7.75 1.28
C SER A 53 -5.65 -7.14 0.29
N VAL A 54 -6.12 -6.75 -0.88
CA VAL A 54 -5.25 -6.17 -1.91
C VAL A 54 -4.53 -4.92 -1.38
N ALA A 55 -5.26 -4.12 -0.60
CA ALA A 55 -4.73 -2.86 -0.09
C ALA A 55 -3.63 -3.11 0.95
N TRP A 56 -3.71 -4.24 1.65
CA TRP A 56 -2.74 -4.55 2.69
C TRP A 56 -1.35 -4.72 2.07
N LYS A 57 -1.29 -5.51 1.01
CA LYS A 57 -0.04 -5.73 0.29
C LYS A 57 0.41 -4.45 -0.43
N TRP A 58 -0.56 -3.66 -0.91
CA TRP A 58 -0.25 -2.42 -1.62
C TRP A 58 0.33 -1.36 -0.69
N LEU A 59 -0.01 -1.43 0.60
CA LEU A 59 0.51 -0.48 1.57
C LEU A 59 2.04 -0.49 1.56
N GLY A 60 2.62 -1.67 1.67
CA GLY A 60 4.05 -1.81 1.67
C GLY A 60 4.68 -1.36 0.38
N LYS A 61 4.06 -1.71 -0.74
CA LYS A 61 4.56 -1.33 -2.06
C LYS A 61 4.65 0.19 -2.18
N THR A 62 3.60 0.86 -1.74
CA THR A 62 3.52 2.32 -1.80
C THR A 62 4.59 2.96 -0.90
N LEU A 63 4.76 2.40 0.29
CA LEU A 63 5.74 2.92 1.24
C LEU A 63 7.18 2.68 0.78
N GLN A 64 7.39 1.59 0.06
CA GLN A 64 8.71 1.30 -0.51
C GLN A 64 9.07 2.32 -1.59
N GLY A 65 8.06 2.73 -2.35
CA GLY A 65 8.26 3.77 -3.34
C GLY A 65 8.49 5.12 -2.70
N GLN A 66 7.79 5.36 -1.60
CA GLN A 66 7.93 6.60 -0.85
C GLN A 66 9.32 6.67 -0.21
N GLY A 67 9.80 5.53 0.27
CA GLY A 67 11.13 5.48 0.85
C GLY A 67 11.11 5.30 2.36
N ASP A 68 9.93 5.04 2.90
CA ASP A 68 9.78 4.87 4.33
C ASP A 68 9.86 3.40 4.70
N ARG A 69 11.08 2.93 4.93
CA ARG A 69 11.32 1.55 5.31
C ARG A 69 10.74 1.22 6.68
N ALA A 70 10.77 2.20 7.58
CA ALA A 70 10.22 2.02 8.92
C ALA A 70 8.70 1.85 8.86
N GLY A 71 8.05 2.74 8.13
CA GLY A 71 6.61 2.68 7.96
C GLY A 71 6.17 1.42 7.24
N ALA A 72 6.94 1.03 6.23
CA ALA A 72 6.66 -0.19 5.48
C ALA A 72 6.73 -1.41 6.40
N ARG A 73 7.75 -1.43 7.24
CA ARG A 73 7.93 -2.50 8.22
C ARG A 73 6.71 -2.57 9.13
N GLN A 74 6.34 -1.42 9.69
CA GLN A 74 5.16 -1.32 10.55
C GLN A 74 3.90 -1.76 9.80
N ALA A 75 3.78 -1.31 8.55
CA ALA A 75 2.61 -1.61 7.73
C ALA A 75 2.49 -3.10 7.47
N TRP A 76 3.58 -3.74 7.07
CA TRP A 76 3.56 -5.16 6.76
C TRP A 76 3.23 -5.99 7.98
N GLU A 77 3.76 -5.59 9.14
CA GLU A 77 3.43 -6.26 10.40
C GLU A 77 1.94 -6.12 10.71
N SER A 78 1.38 -4.96 10.39
CA SER A 78 -0.03 -4.70 10.59
C SER A 78 -0.88 -5.51 9.60
N GLY A 79 -0.47 -5.48 8.33
CA GLY A 79 -1.19 -6.17 7.28
C GLY A 79 -1.12 -7.68 7.43
N LEU A 80 -0.02 -8.16 7.99
CA LEU A 80 0.18 -9.59 8.20
C LEU A 80 -0.89 -10.12 9.14
N ALA A 81 -1.01 -9.48 10.29
CA ALA A 81 -2.01 -9.86 11.27
C ALA A 81 -3.41 -9.64 10.74
N ALA A 82 -3.58 -8.65 9.88
CA ALA A 82 -4.87 -8.41 9.25
C ALA A 82 -5.23 -9.58 8.34
N ALA A 83 -4.28 -9.99 7.53
CA ALA A 83 -4.44 -11.12 6.63
C ALA A 83 -4.67 -12.41 7.42
N GLN A 84 -3.89 -12.60 8.48
CA GLN A 84 -4.05 -13.75 9.36
C GLN A 84 -5.43 -13.77 9.98
N SER A 85 -5.88 -12.62 10.47
CA SER A 85 -7.18 -12.53 11.12
C SER A 85 -8.34 -12.77 10.14
N ARG A 86 -8.13 -12.47 8.86
CA ARG A 86 -9.17 -12.69 7.85
C ARG A 86 -9.01 -14.02 7.12
N GLY A 87 -7.84 -14.64 7.26
CA GLY A 87 -7.63 -15.94 6.65
C GLY A 87 -7.08 -15.85 5.24
N ASP A 88 -6.46 -14.73 4.92
CA ASP A 88 -5.87 -14.54 3.60
C ASP A 88 -4.43 -15.01 3.61
N GLN A 89 -4.27 -16.32 3.53
CA GLN A 89 -2.97 -16.97 3.61
C GLN A 89 -2.02 -16.53 2.50
N GLN A 90 -2.56 -16.35 1.30
CA GLN A 90 -1.78 -15.89 0.17
C GLN A 90 -1.13 -14.55 0.49
N VAL A 91 -1.92 -13.65 1.07
CA VAL A 91 -1.43 -12.30 1.39
C VAL A 91 -0.39 -12.36 2.50
N VAL A 92 -0.61 -13.24 3.48
CA VAL A 92 0.33 -13.43 4.58
C VAL A 92 1.71 -13.80 4.04
N LYS A 93 1.74 -14.81 3.19
CA LYS A 93 2.99 -15.32 2.64
C LYS A 93 3.67 -14.29 1.74
N GLU A 94 2.88 -13.54 0.98
CA GLU A 94 3.43 -12.49 0.14
C GLU A 94 4.08 -11.39 0.97
N LEU A 95 3.36 -10.91 1.97
CA LEU A 95 3.84 -9.84 2.82
C LEU A 95 5.02 -10.30 3.68
N GLN A 96 5.00 -11.57 4.07
CA GLN A 96 6.09 -12.16 4.84
C GLN A 96 7.41 -12.03 4.08
N VAL A 97 7.37 -12.23 2.77
CA VAL A 97 8.57 -12.13 1.93
C VAL A 97 9.13 -10.73 1.96
N PHE A 98 8.27 -9.73 1.87
CA PHE A 98 8.69 -8.33 1.87
C PHE A 98 9.41 -7.97 3.17
N LEU A 99 8.91 -8.49 4.29
CA LEU A 99 9.54 -8.27 5.59
C LEU A 99 10.99 -8.77 5.59
N ARG A 100 11.22 -9.89 4.91
CA ARG A 100 12.55 -10.48 4.84
C ARG A 100 13.45 -9.60 4.00
N ARG A 101 12.93 -9.21 2.86
CA ARG A 101 13.66 -8.38 1.91
C ARG A 101 14.05 -7.06 2.55
N LEU A 102 13.14 -6.48 3.32
CA LEU A 102 13.41 -5.23 4.00
C LEU A 102 14.46 -5.41 5.09
N ALA A 103 14.41 -6.56 5.75
CA ALA A 103 15.35 -6.88 6.83
C ALA A 103 16.77 -6.96 6.29
N ARG A 104 16.92 -7.37 5.04
CA ARG A 104 18.23 -7.51 4.41
C ARG A 104 19.01 -6.20 4.47
N GLU A 105 18.34 -5.10 4.15
CA GLU A 105 18.95 -3.77 4.19
C GLU A 105 19.33 -3.39 5.62
N ASP A 106 18.44 -3.74 6.55
CA ASP A 106 18.58 -3.36 7.95
C ASP A 106 19.69 -4.12 8.63
N ALA A 107 19.74 -5.42 8.36
CA ALA A 107 20.75 -6.31 8.92
C ALA A 107 22.16 -5.90 8.48
N LEU A 108 22.25 -5.24 7.33
CA LEU A 108 23.53 -4.88 6.73
C LEU A 108 24.41 -4.05 7.67
N GLU A 109 23.89 -2.97 8.23
CA GLU A 109 24.74 -2.01 8.92
C GLU A 109 24.94 -2.34 10.38
N HIS A 110 24.14 -1.72 11.21
CA HIS A 110 24.31 -1.85 12.65
C HIS A 110 23.10 -2.53 13.28
N HIS A 111 22.03 -2.56 12.53
CA HIS A 111 20.79 -3.16 12.99
C HIS A 111 20.77 -4.63 12.56
N HIS A 112 21.91 -5.28 12.78
CA HIS A 112 22.18 -6.61 12.24
C HIS A 112 21.31 -7.71 12.87
N HIS A 113 20.91 -7.48 14.13
CA HIS A 113 20.04 -8.40 14.87
C HIS A 113 20.75 -9.69 15.28
N HIS A 114 20.84 -10.66 14.36
CA HIS A 114 21.33 -11.99 14.70
C HIS A 114 22.68 -12.30 14.05
N HIS A 115 23.58 -12.86 14.85
CA HIS A 115 24.90 -13.31 14.40
C HIS A 115 25.65 -12.21 13.67
N MET A 1 2.67 17.67 -16.48
CA MET A 1 1.86 16.76 -17.32
C MET A 1 0.47 16.59 -16.71
N GLN A 2 -0.51 16.30 -17.55
CA GLN A 2 -1.84 16.01 -17.06
C GLN A 2 -1.96 14.53 -16.73
N ALA A 3 -2.77 14.21 -15.74
CA ALA A 3 -2.89 12.85 -15.28
C ALA A 3 -4.32 12.35 -15.39
N ILE A 4 -4.44 11.11 -15.83
CA ILE A 4 -5.73 10.46 -15.96
C ILE A 4 -6.48 10.44 -14.62
N THR A 5 -5.72 10.32 -13.53
CA THR A 5 -6.29 10.28 -12.20
C THR A 5 -7.06 11.55 -11.86
N GLU A 6 -6.59 12.69 -12.38
CA GLU A 6 -7.22 13.97 -12.11
C GLU A 6 -8.66 13.99 -12.61
N ARG A 7 -8.86 13.54 -13.84
CA ARG A 7 -10.19 13.50 -14.43
C ARG A 7 -11.01 12.36 -13.82
N LEU A 8 -10.33 11.28 -13.44
CA LEU A 8 -10.99 10.16 -12.78
C LEU A 8 -11.59 10.58 -11.44
N GLU A 9 -10.79 11.22 -10.61
CA GLU A 9 -11.25 11.75 -9.32
C GLU A 9 -12.48 12.63 -9.52
N ALA A 10 -12.44 13.42 -10.59
CA ALA A 10 -13.53 14.34 -10.90
C ALA A 10 -14.81 13.58 -11.27
N MET A 11 -14.69 12.61 -12.18
CA MET A 11 -15.86 11.90 -12.67
C MET A 11 -16.42 10.95 -11.62
N LEU A 12 -15.57 10.41 -10.77
CA LEU A 12 -16.02 9.49 -9.73
C LEU A 12 -16.74 10.25 -8.62
N ALA A 13 -16.10 11.30 -8.11
CA ALA A 13 -16.62 12.02 -6.95
C ALA A 13 -17.95 12.72 -7.24
N GLN A 14 -18.23 12.98 -8.50
CA GLN A 14 -19.42 13.72 -8.88
C GLN A 14 -20.55 12.78 -9.30
N GLY A 15 -20.41 11.51 -8.95
CA GLY A 15 -21.44 10.55 -9.30
C GLY A 15 -21.41 9.33 -8.39
N THR A 16 -20.27 8.67 -8.37
CA THR A 16 -20.12 7.45 -7.58
C THR A 16 -18.74 7.41 -6.92
N ASP A 17 -18.65 8.03 -5.74
CA ASP A 17 -17.41 8.02 -4.98
C ASP A 17 -17.16 6.63 -4.41
N ASN A 18 -17.85 6.33 -3.30
CA ASN A 18 -17.81 5.00 -2.69
C ASN A 18 -16.35 4.58 -2.42
N MET A 19 -16.15 3.30 -2.20
CA MET A 19 -14.80 2.76 -2.03
C MET A 19 -14.51 1.76 -3.13
N LEU A 20 -15.56 1.05 -3.56
CA LEU A 20 -15.43 -0.07 -4.48
C LEU A 20 -15.13 0.36 -5.92
N LEU A 21 -15.01 1.66 -6.15
CA LEU A 21 -14.68 2.15 -7.48
C LEU A 21 -13.44 3.05 -7.45
N ARG A 22 -13.39 3.93 -6.45
CA ARG A 22 -12.36 4.94 -6.40
C ARG A 22 -11.05 4.39 -5.82
N PHE A 23 -11.09 3.15 -5.33
CA PHE A 23 -9.88 2.52 -4.76
C PHE A 23 -8.88 2.21 -5.87
N THR A 24 -9.40 1.88 -7.05
CA THR A 24 -8.57 1.50 -8.20
C THR A 24 -7.55 2.58 -8.54
N LEU A 25 -7.94 3.83 -8.35
CA LEU A 25 -7.07 4.97 -8.58
C LEU A 25 -5.80 4.89 -7.74
N GLY A 26 -5.94 4.32 -6.54
CA GLY A 26 -4.79 4.16 -5.65
C GLY A 26 -3.68 3.35 -6.30
N LYS A 27 -4.07 2.34 -7.07
CA LYS A 27 -3.11 1.56 -7.85
C LYS A 27 -2.42 2.48 -8.86
N THR A 28 -3.23 3.25 -9.57
CA THR A 28 -2.75 4.13 -10.63
C THR A 28 -1.71 5.11 -10.11
N TYR A 29 -1.96 5.67 -8.94
CA TYR A 29 -1.02 6.59 -8.33
C TYR A 29 0.32 5.90 -8.07
N ALA A 30 0.26 4.69 -7.54
CA ALA A 30 1.47 3.95 -7.17
C ALA A 30 2.22 3.48 -8.42
N GLU A 31 1.48 3.06 -9.43
CA GLU A 31 2.07 2.60 -10.68
C GLU A 31 2.73 3.75 -11.42
N HIS A 32 2.18 4.95 -11.27
CA HIS A 32 2.75 6.15 -11.88
C HIS A 32 3.78 6.79 -10.97
N GLU A 33 4.19 6.02 -9.95
CA GLU A 33 5.30 6.39 -9.08
C GLU A 33 4.95 7.59 -8.20
N GLN A 34 3.66 7.85 -8.04
CA GLN A 34 3.21 8.92 -7.15
C GLN A 34 2.69 8.29 -5.86
N PHE A 35 3.61 7.79 -5.07
CA PHE A 35 3.30 7.12 -3.82
C PHE A 35 2.72 8.09 -2.80
N ASP A 36 3.26 9.30 -2.78
CA ASP A 36 2.84 10.31 -1.81
C ASP A 36 1.36 10.60 -1.91
N ALA A 37 0.88 10.76 -3.13
CA ALA A 37 -0.52 11.09 -3.38
C ALA A 37 -1.41 9.88 -3.12
N ALA A 38 -0.86 8.70 -3.32
CA ALA A 38 -1.59 7.46 -3.11
C ALA A 38 -1.87 7.21 -1.63
N LEU A 39 -0.89 7.54 -0.79
CA LEU A 39 -0.95 7.23 0.65
C LEU A 39 -2.26 7.70 1.33
N PRO A 40 -2.63 8.98 1.23
CA PRO A 40 -3.85 9.48 1.88
C PRO A 40 -5.10 9.04 1.15
N HIS A 41 -4.96 8.80 -0.15
CA HIS A 41 -6.07 8.39 -0.99
C HIS A 41 -6.45 6.93 -0.69
N LEU A 42 -5.44 6.08 -0.59
CA LEU A 42 -5.65 4.66 -0.36
C LEU A 42 -6.10 4.40 1.08
N ARG A 43 -5.46 5.08 2.04
CA ARG A 43 -5.81 4.90 3.44
C ARG A 43 -7.24 5.36 3.71
N ALA A 44 -7.69 6.37 2.97
CA ALA A 44 -9.07 6.83 3.06
C ALA A 44 -10.04 5.71 2.71
N ALA A 45 -9.69 4.95 1.67
CA ALA A 45 -10.49 3.80 1.25
C ALA A 45 -10.51 2.74 2.34
N LEU A 46 -9.37 2.55 3.01
CA LEU A 46 -9.27 1.60 4.11
C LEU A 46 -10.11 2.03 5.30
N ASP A 47 -10.33 3.34 5.41
CA ASP A 47 -11.17 3.88 6.46
C ASP A 47 -12.62 3.45 6.25
N PHE A 48 -13.03 3.45 4.98
CA PHE A 48 -14.38 3.03 4.62
C PHE A 48 -14.50 1.51 4.63
N ASP A 49 -13.52 0.82 4.06
CA ASP A 49 -13.57 -0.63 3.97
C ASP A 49 -12.23 -1.23 4.39
N PRO A 50 -12.07 -1.47 5.70
CA PRO A 50 -10.82 -2.00 6.26
C PRO A 50 -10.66 -3.50 6.00
N THR A 51 -11.67 -4.10 5.39
CA THR A 51 -11.68 -5.54 5.15
C THR A 51 -10.97 -5.89 3.84
N TYR A 52 -10.68 -4.87 3.03
CA TYR A 52 -10.03 -5.09 1.75
C TYR A 52 -8.54 -5.43 1.93
N SER A 53 -8.27 -6.73 1.97
CA SER A 53 -6.94 -7.27 2.25
C SER A 53 -5.90 -6.83 1.23
N VAL A 54 -6.29 -6.76 -0.04
CA VAL A 54 -5.37 -6.40 -1.11
C VAL A 54 -4.74 -5.04 -0.86
N ALA A 55 -5.51 -4.12 -0.29
CA ALA A 55 -5.04 -2.76 -0.03
C ALA A 55 -3.95 -2.75 1.04
N TRP A 56 -3.99 -3.71 1.95
CA TRP A 56 -3.00 -3.81 3.02
C TRP A 56 -1.61 -3.94 2.40
N LYS A 57 -1.51 -4.84 1.43
CA LYS A 57 -0.25 -5.11 0.74
C LYS A 57 0.21 -3.90 -0.08
N TRP A 58 -0.75 -3.17 -0.67
CA TRP A 58 -0.42 -1.99 -1.47
C TRP A 58 0.06 -0.83 -0.60
N LEU A 59 -0.54 -0.68 0.59
CA LEU A 59 -0.25 0.44 1.48
C LEU A 59 1.24 0.49 1.81
N GLY A 60 1.82 -0.67 2.10
CA GLY A 60 3.24 -0.73 2.40
C GLY A 60 4.10 -0.35 1.22
N LYS A 61 3.64 -0.69 0.02
CA LYS A 61 4.39 -0.39 -1.20
C LYS A 61 4.52 1.12 -1.41
N THR A 62 3.47 1.85 -1.09
CA THR A 62 3.46 3.29 -1.24
C THR A 62 4.33 3.98 -0.19
N LEU A 63 4.39 3.40 0.99
CA LEU A 63 5.26 3.92 2.04
C LEU A 63 6.73 3.70 1.69
N GLN A 64 7.00 2.57 1.04
CA GLN A 64 8.35 2.24 0.61
C GLN A 64 8.88 3.31 -0.34
N GLY A 65 7.99 3.85 -1.17
CA GLY A 65 8.37 4.86 -2.13
C GLY A 65 8.84 6.16 -1.49
N GLN A 66 8.52 6.34 -0.21
CA GLN A 66 8.95 7.52 0.52
C GLN A 66 10.42 7.38 0.93
N GLY A 67 10.93 6.17 0.86
CA GLY A 67 12.32 5.93 1.23
C GLY A 67 12.46 5.53 2.69
N ASP A 68 11.34 5.52 3.40
CA ASP A 68 11.34 5.21 4.81
C ASP A 68 11.08 3.72 5.00
N ARG A 69 12.15 2.95 5.07
CA ARG A 69 12.06 1.50 5.16
C ARG A 69 11.39 1.05 6.46
N ALA A 70 11.57 1.82 7.52
CA ALA A 70 11.03 1.47 8.82
C ALA A 70 9.51 1.56 8.82
N GLY A 71 8.98 2.67 8.35
CA GLY A 71 7.55 2.87 8.33
C GLY A 71 6.87 1.97 7.33
N ALA A 72 7.55 1.74 6.22
CA ALA A 72 7.03 0.87 5.18
C ALA A 72 6.79 -0.54 5.71
N ARG A 73 7.81 -1.11 6.36
CA ARG A 73 7.68 -2.47 6.87
C ARG A 73 6.70 -2.51 8.04
N GLN A 74 6.66 -1.45 8.84
CA GLN A 74 5.69 -1.36 9.93
C GLN A 74 4.27 -1.49 9.41
N ALA A 75 4.01 -0.89 8.25
CA ALA A 75 2.70 -1.00 7.62
C ALA A 75 2.39 -2.45 7.25
N TRP A 76 3.39 -3.14 6.74
CA TRP A 76 3.25 -4.54 6.38
C TRP A 76 3.05 -5.40 7.62
N GLU A 77 3.77 -5.07 8.69
CA GLU A 77 3.62 -5.78 9.96
C GLU A 77 2.21 -5.62 10.52
N SER A 78 1.64 -4.43 10.35
CA SER A 78 0.28 -4.16 10.79
C SER A 78 -0.72 -4.94 9.94
N GLY A 79 -0.50 -4.92 8.62
CA GLY A 79 -1.35 -5.65 7.70
C GLY A 79 -1.24 -7.15 7.90
N LEU A 80 -0.07 -7.58 8.36
CA LEU A 80 0.17 -8.99 8.64
C LEU A 80 -0.80 -9.49 9.70
N ALA A 81 -0.89 -8.74 10.79
CA ALA A 81 -1.80 -9.06 11.88
C ALA A 81 -3.26 -9.01 11.41
N ALA A 82 -3.54 -8.11 10.48
CA ALA A 82 -4.88 -8.01 9.91
C ALA A 82 -5.21 -9.29 9.15
N ALA A 83 -4.22 -9.79 8.41
CA ALA A 83 -4.37 -11.03 7.67
C ALA A 83 -4.43 -12.22 8.62
N GLN A 84 -3.57 -12.19 9.64
CA GLN A 84 -3.56 -13.23 10.67
C GLN A 84 -4.91 -13.34 11.34
N SER A 85 -5.48 -12.18 11.71
CA SER A 85 -6.79 -12.12 12.35
C SER A 85 -7.87 -12.76 11.49
N ARG A 86 -7.79 -12.55 10.18
CA ARG A 86 -8.78 -13.09 9.26
C ARG A 86 -8.46 -14.52 8.85
N GLY A 87 -7.24 -14.96 9.16
CA GLY A 87 -6.81 -16.30 8.79
C GLY A 87 -6.41 -16.37 7.32
N ASP A 88 -6.01 -15.23 6.78
CA ASP A 88 -5.65 -15.13 5.37
C ASP A 88 -4.16 -15.36 5.19
N GLN A 89 -3.81 -16.63 5.14
CA GLN A 89 -2.44 -17.08 5.03
C GLN A 89 -1.74 -16.53 3.78
N GLN A 90 -2.45 -16.55 2.65
CA GLN A 90 -1.86 -16.09 1.39
C GLN A 90 -1.42 -14.64 1.50
N VAL A 91 -2.22 -13.83 2.17
CA VAL A 91 -1.89 -12.42 2.35
C VAL A 91 -0.66 -12.27 3.24
N VAL A 92 -0.61 -13.11 4.27
CA VAL A 92 0.55 -13.15 5.18
C VAL A 92 1.81 -13.49 4.40
N LYS A 93 1.72 -14.51 3.55
CA LYS A 93 2.85 -14.96 2.72
C LYS A 93 3.32 -13.84 1.81
N GLU A 94 2.38 -13.19 1.12
CA GLU A 94 2.69 -12.12 0.19
C GLU A 94 3.43 -10.98 0.87
N LEU A 95 2.95 -10.58 2.03
CA LEU A 95 3.55 -9.48 2.76
C LEU A 95 4.92 -9.86 3.31
N GLN A 96 5.07 -11.10 3.76
CA GLN A 96 6.35 -11.57 4.30
C GLN A 96 7.46 -11.48 3.26
N VAL A 97 7.10 -11.62 1.99
CA VAL A 97 8.09 -11.54 0.91
C VAL A 97 8.79 -10.18 0.92
N PHE A 98 8.02 -9.13 1.14
CA PHE A 98 8.57 -7.78 1.19
C PHE A 98 9.47 -7.61 2.41
N LEU A 99 9.04 -8.20 3.52
CA LEU A 99 9.80 -8.11 4.77
C LEU A 99 11.17 -8.74 4.63
N ARG A 100 11.28 -9.81 3.85
CA ARG A 100 12.53 -10.55 3.74
C ARG A 100 13.55 -9.73 2.98
N ARG A 101 13.15 -9.28 1.81
CA ARG A 101 14.03 -8.49 0.95
C ARG A 101 14.49 -7.22 1.66
N LEU A 102 13.56 -6.56 2.33
CA LEU A 102 13.87 -5.32 3.04
C LEU A 102 14.81 -5.59 4.21
N ALA A 103 14.62 -6.72 4.86
CA ALA A 103 15.47 -7.10 5.98
C ALA A 103 16.86 -7.49 5.52
N ARG A 104 16.96 -8.06 4.33
CA ARG A 104 18.25 -8.49 3.79
C ARG A 104 19.19 -7.30 3.61
N GLU A 105 18.66 -6.20 3.13
CA GLU A 105 19.44 -4.98 2.97
C GLU A 105 19.93 -4.48 4.32
N ASP A 106 19.07 -4.57 5.32
CA ASP A 106 19.42 -4.19 6.68
C ASP A 106 20.44 -5.15 7.26
N ALA A 107 20.21 -6.43 7.02
CA ALA A 107 21.07 -7.51 7.48
C ALA A 107 22.50 -7.34 6.99
N LEU A 108 22.67 -6.70 5.84
CA LEU A 108 24.00 -6.41 5.32
C LEU A 108 24.69 -5.37 6.20
N GLU A 109 23.92 -4.42 6.71
CA GLU A 109 24.46 -3.33 7.52
C GLU A 109 24.58 -3.76 8.97
N HIS A 110 23.75 -4.72 9.32
CA HIS A 110 23.74 -5.30 10.66
C HIS A 110 24.40 -6.67 10.64
N HIS A 111 25.22 -6.91 9.62
CA HIS A 111 25.76 -8.24 9.36
C HIS A 111 26.64 -8.74 10.50
N HIS A 112 27.32 -7.83 11.17
CA HIS A 112 28.19 -8.17 12.30
C HIS A 112 29.28 -9.15 11.89
N HIS A 113 30.34 -8.65 11.27
CA HIS A 113 31.48 -9.46 10.93
C HIS A 113 32.70 -8.58 10.70
N HIS A 114 32.65 -7.82 9.59
CA HIS A 114 33.75 -6.93 9.21
C HIS A 114 34.99 -7.73 8.81
N HIS A 115 35.78 -7.19 7.89
CA HIS A 115 37.00 -7.85 7.46
C HIS A 115 38.05 -7.78 8.56
N MET A 1 -8.15 15.63 -21.93
CA MET A 1 -8.33 14.84 -20.69
C MET A 1 -7.55 13.53 -20.77
N GLN A 2 -6.69 13.31 -19.79
CA GLN A 2 -5.80 12.17 -19.79
C GLN A 2 -5.79 11.54 -18.41
N ALA A 3 -5.00 10.48 -18.21
CA ALA A 3 -4.85 9.84 -16.91
C ALA A 3 -6.11 9.10 -16.49
N ILE A 4 -5.91 8.03 -15.75
CA ILE A 4 -7.01 7.25 -15.22
C ILE A 4 -7.74 8.03 -14.14
N THR A 5 -7.01 8.89 -13.45
CA THR A 5 -7.56 9.66 -12.35
C THR A 5 -8.67 10.61 -12.81
N GLU A 6 -8.48 11.23 -13.97
CA GLU A 6 -9.45 12.19 -14.49
C GLU A 6 -10.81 11.53 -14.77
N ARG A 7 -10.79 10.39 -15.42
CA ARG A 7 -12.05 9.69 -15.74
C ARG A 7 -12.71 9.19 -14.47
N LEU A 8 -11.90 8.81 -13.49
CA LEU A 8 -12.43 8.35 -12.20
C LEU A 8 -13.10 9.50 -11.46
N GLU A 9 -12.42 10.63 -11.35
CA GLU A 9 -12.96 11.79 -10.63
C GLU A 9 -14.18 12.36 -11.38
N ALA A 10 -14.18 12.23 -12.70
CA ALA A 10 -15.32 12.65 -13.51
C ALA A 10 -16.59 11.92 -13.08
N MET A 11 -16.44 10.67 -12.69
CA MET A 11 -17.58 9.88 -12.20
C MET A 11 -18.06 10.41 -10.86
N LEU A 12 -17.13 10.86 -10.02
CA LEU A 12 -17.48 11.48 -8.75
C LEU A 12 -18.36 12.71 -8.99
N ALA A 13 -18.05 13.44 -10.06
CA ALA A 13 -18.81 14.62 -10.43
C ALA A 13 -20.22 14.23 -10.89
N GLN A 14 -20.36 13.01 -11.39
CA GLN A 14 -21.66 12.49 -11.82
C GLN A 14 -22.45 11.97 -10.63
N GLY A 15 -21.82 11.95 -9.46
CA GLY A 15 -22.53 11.63 -8.24
C GLY A 15 -22.36 10.19 -7.79
N THR A 16 -21.74 9.36 -8.63
CA THR A 16 -21.55 7.96 -8.29
C THR A 16 -20.35 7.80 -7.35
N ASP A 17 -20.51 8.30 -6.14
CA ASP A 17 -19.48 8.22 -5.12
C ASP A 17 -19.51 6.85 -4.46
N ASN A 18 -18.50 6.05 -4.74
CA ASN A 18 -18.40 4.72 -4.17
C ASN A 18 -17.06 4.53 -3.48
N MET A 19 -16.92 3.40 -2.82
CA MET A 19 -15.76 3.12 -1.99
C MET A 19 -14.66 2.40 -2.76
N LEU A 20 -15.04 1.69 -3.82
CA LEU A 20 -14.14 0.75 -4.47
C LEU A 20 -13.18 1.40 -5.47
N LEU A 21 -13.48 2.61 -5.92
CA LEU A 21 -12.61 3.26 -6.91
C LEU A 21 -11.38 3.90 -6.25
N ARG A 22 -11.35 3.90 -4.92
CA ARG A 22 -10.32 4.63 -4.20
C ARG A 22 -8.96 3.93 -4.25
N PHE A 23 -8.94 2.61 -4.17
CA PHE A 23 -7.66 1.89 -4.23
C PHE A 23 -7.04 1.97 -5.62
N THR A 24 -7.89 2.06 -6.64
CA THR A 24 -7.43 2.21 -8.02
C THR A 24 -6.68 3.53 -8.19
N LEU A 25 -7.15 4.56 -7.49
CA LEU A 25 -6.49 5.87 -7.50
C LEU A 25 -5.06 5.74 -6.99
N GLY A 26 -4.89 4.98 -5.91
CA GLY A 26 -3.59 4.78 -5.31
C GLY A 26 -2.61 4.13 -6.27
N LYS A 27 -3.10 3.21 -7.08
CA LYS A 27 -2.27 2.55 -8.07
C LYS A 27 -1.67 3.56 -9.05
N THR A 28 -2.46 4.55 -9.42
CA THR A 28 -1.99 5.56 -10.36
C THR A 28 -0.91 6.44 -9.73
N TYR A 29 -1.05 6.72 -8.44
CA TYR A 29 -0.05 7.50 -7.73
C TYR A 29 1.24 6.71 -7.60
N ALA A 30 1.13 5.43 -7.31
CA ALA A 30 2.30 4.59 -7.10
C ALA A 30 3.06 4.39 -8.40
N GLU A 31 2.34 4.10 -9.48
CA GLU A 31 2.95 3.90 -10.79
C GLU A 31 3.65 5.16 -11.27
N HIS A 32 3.11 6.32 -10.90
CA HIS A 32 3.68 7.59 -11.32
C HIS A 32 4.66 8.14 -10.28
N GLU A 33 5.04 7.28 -9.32
CA GLU A 33 6.04 7.59 -8.31
C GLU A 33 5.63 8.77 -7.42
N GLN A 34 4.35 8.83 -7.08
CA GLN A 34 3.84 9.88 -6.20
C GLN A 34 3.41 9.25 -4.88
N PHE A 35 4.28 8.41 -4.34
CA PHE A 35 4.00 7.64 -3.13
C PHE A 35 3.54 8.52 -1.96
N ASP A 36 4.23 9.64 -1.77
CA ASP A 36 3.89 10.58 -0.70
C ASP A 36 2.44 11.02 -0.78
N ALA A 37 2.00 11.32 -1.99
CA ALA A 37 0.64 11.78 -2.24
C ALA A 37 -0.35 10.62 -2.12
N ALA A 38 0.13 9.42 -2.41
CA ALA A 38 -0.70 8.23 -2.34
C ALA A 38 -1.08 7.89 -0.90
N LEU A 39 -0.14 8.09 0.02
CA LEU A 39 -0.33 7.69 1.42
C LEU A 39 -1.63 8.21 2.04
N PRO A 40 -1.91 9.53 2.00
CA PRO A 40 -3.14 10.08 2.59
C PRO A 40 -4.38 9.66 1.83
N HIS A 41 -4.24 9.49 0.52
CA HIS A 41 -5.37 9.09 -0.32
C HIS A 41 -5.74 7.63 -0.06
N LEU A 42 -4.73 6.80 0.14
CA LEU A 42 -4.94 5.40 0.50
C LEU A 42 -5.48 5.29 1.92
N ARG A 43 -5.00 6.18 2.79
CA ARG A 43 -5.48 6.21 4.17
C ARG A 43 -6.95 6.57 4.20
N ALA A 44 -7.38 7.38 3.23
CA ALA A 44 -8.80 7.72 3.09
C ALA A 44 -9.61 6.48 2.77
N ALA A 45 -9.05 5.57 1.97
CA ALA A 45 -9.69 4.30 1.68
C ALA A 45 -9.69 3.42 2.91
N LEU A 46 -8.59 3.46 3.65
CA LEU A 46 -8.45 2.74 4.91
C LEU A 46 -9.45 3.27 5.94
N ASP A 47 -9.88 4.50 5.76
CA ASP A 47 -10.88 5.10 6.63
C ASP A 47 -12.23 4.40 6.44
N PHE A 48 -12.45 3.90 5.23
CA PHE A 48 -13.67 3.18 4.90
C PHE A 48 -13.62 1.73 5.36
N ASP A 49 -12.50 1.05 5.14
CA ASP A 49 -12.37 -0.34 5.57
C ASP A 49 -11.18 -0.50 6.50
N PRO A 50 -11.32 -1.30 7.57
CA PRO A 50 -10.27 -1.49 8.56
C PRO A 50 -9.18 -2.46 8.11
N THR A 51 -9.48 -3.32 7.16
CA THR A 51 -8.56 -4.38 6.80
C THR A 51 -8.83 -4.91 5.39
N TYR A 52 -8.29 -4.21 4.40
CA TYR A 52 -8.43 -4.62 3.02
C TYR A 52 -7.09 -5.12 2.49
N SER A 53 -7.07 -6.36 2.03
CA SER A 53 -5.85 -7.05 1.62
C SER A 53 -5.04 -6.26 0.61
N VAL A 54 -5.69 -5.84 -0.47
CA VAL A 54 -5.01 -5.13 -1.55
C VAL A 54 -4.45 -3.79 -1.08
N ALA A 55 -5.21 -3.09 -0.26
CA ALA A 55 -4.84 -1.76 0.20
C ALA A 55 -3.57 -1.79 1.04
N TRP A 56 -3.53 -2.69 2.01
CA TRP A 56 -2.37 -2.83 2.89
C TRP A 56 -1.16 -3.34 2.12
N LYS A 57 -1.40 -4.20 1.14
CA LYS A 57 -0.35 -4.71 0.28
C LYS A 57 0.32 -3.57 -0.50
N TRP A 58 -0.52 -2.67 -1.03
CA TRP A 58 -0.01 -1.50 -1.74
C TRP A 58 0.57 -0.48 -0.77
N LEU A 59 0.00 -0.39 0.41
CA LEU A 59 0.48 0.52 1.45
C LEU A 59 1.96 0.26 1.73
N GLY A 60 2.32 -1.02 1.82
CA GLY A 60 3.70 -1.40 2.02
C GLY A 60 4.61 -0.90 0.91
N LYS A 61 4.15 -1.04 -0.33
CA LYS A 61 4.89 -0.56 -1.49
C LYS A 61 5.02 0.96 -1.45
N THR A 62 3.98 1.62 -0.98
CA THR A 62 3.93 3.06 -0.95
C THR A 62 4.93 3.62 0.07
N LEU A 63 4.97 3.02 1.26
CA LEU A 63 5.92 3.44 2.28
C LEU A 63 7.36 3.07 1.87
N GLN A 64 7.50 1.99 1.13
CA GLN A 64 8.79 1.61 0.57
C GLN A 64 9.30 2.71 -0.36
N GLY A 65 8.42 3.19 -1.23
CA GLY A 65 8.79 4.26 -2.15
C GLY A 65 8.97 5.59 -1.45
N GLN A 66 8.29 5.77 -0.32
CA GLN A 66 8.44 6.98 0.49
C GLN A 66 9.87 7.09 1.00
N GLY A 67 10.48 5.95 1.28
CA GLY A 67 11.87 5.93 1.69
C GLY A 67 12.04 5.66 3.18
N ASP A 68 11.00 5.14 3.81
CA ASP A 68 11.06 4.82 5.23
C ASP A 68 10.95 3.32 5.43
N ARG A 69 12.09 2.69 5.65
CA ARG A 69 12.16 1.23 5.79
C ARG A 69 11.39 0.76 7.03
N ALA A 70 11.33 1.60 8.05
CA ALA A 70 10.59 1.25 9.27
C ALA A 70 9.10 1.17 8.99
N GLY A 71 8.56 2.19 8.33
CA GLY A 71 7.17 2.18 7.94
C GLY A 71 6.88 1.04 6.97
N ALA A 72 7.84 0.76 6.10
CA ALA A 72 7.71 -0.35 5.16
C ALA A 72 7.53 -1.67 5.90
N ARG A 73 8.37 -1.88 6.92
CA ARG A 73 8.25 -3.07 7.77
C ARG A 73 6.87 -3.11 8.41
N GLN A 74 6.48 -1.98 8.98
CA GLN A 74 5.20 -1.84 9.66
C GLN A 74 4.03 -2.23 8.74
N ALA A 75 4.02 -1.65 7.55
CA ALA A 75 2.93 -1.84 6.61
C ALA A 75 2.78 -3.30 6.18
N TRP A 76 3.90 -3.93 5.85
CA TRP A 76 3.86 -5.30 5.36
C TRP A 76 3.51 -6.29 6.47
N GLU A 77 4.04 -6.08 7.67
CA GLU A 77 3.72 -6.94 8.80
C GLU A 77 2.25 -6.81 9.16
N SER A 78 1.76 -5.59 9.15
CA SER A 78 0.38 -5.31 9.52
C SER A 78 -0.57 -5.78 8.40
N GLY A 79 -0.12 -5.61 7.16
CA GLY A 79 -0.96 -5.93 6.01
C GLY A 79 -1.26 -7.41 5.87
N LEU A 80 -0.44 -8.26 6.47
CA LEU A 80 -0.66 -9.70 6.41
C LEU A 80 -2.03 -10.03 6.97
N ALA A 81 -2.35 -9.39 8.09
CA ALA A 81 -3.66 -9.57 8.75
C ALA A 81 -4.81 -9.17 7.82
N ALA A 82 -4.56 -8.22 6.93
CA ALA A 82 -5.57 -7.80 5.97
C ALA A 82 -5.87 -8.91 4.98
N ALA A 83 -4.82 -9.61 4.57
CA ALA A 83 -4.96 -10.73 3.67
C ALA A 83 -5.58 -11.92 4.39
N GLN A 84 -5.21 -12.09 5.66
CA GLN A 84 -5.74 -13.15 6.50
C GLN A 84 -7.22 -12.95 6.78
N SER A 85 -7.59 -11.71 7.05
CA SER A 85 -8.99 -11.36 7.31
C SER A 85 -9.83 -11.58 6.06
N ARG A 86 -9.27 -11.28 4.90
CA ARG A 86 -9.94 -11.50 3.63
C ARG A 86 -9.87 -12.96 3.21
N GLY A 87 -9.07 -13.73 3.93
CA GLY A 87 -8.89 -15.13 3.60
C GLY A 87 -8.29 -15.33 2.24
N ASP A 88 -7.43 -14.41 1.86
CA ASP A 88 -6.82 -14.43 0.54
C ASP A 88 -5.38 -14.89 0.63
N GLN A 89 -5.21 -16.20 0.61
CA GLN A 89 -3.91 -16.83 0.71
C GLN A 89 -2.93 -16.33 -0.34
N GLN A 90 -3.45 -15.98 -1.52
CA GLN A 90 -2.60 -15.43 -2.57
C GLN A 90 -1.88 -14.18 -2.07
N VAL A 91 -2.63 -13.27 -1.46
CA VAL A 91 -2.08 -12.02 -0.95
C VAL A 91 -1.14 -12.29 0.22
N VAL A 92 -1.50 -13.27 1.05
CA VAL A 92 -0.70 -13.63 2.21
C VAL A 92 0.70 -14.03 1.78
N LYS A 93 0.79 -14.92 0.80
CA LYS A 93 2.08 -15.37 0.28
C LYS A 93 2.83 -14.25 -0.42
N GLU A 94 2.12 -13.39 -1.15
CA GLU A 94 2.76 -12.26 -1.82
C GLU A 94 3.43 -11.34 -0.81
N LEU A 95 2.68 -10.98 0.24
CA LEU A 95 3.21 -10.13 1.30
C LEU A 95 4.30 -10.87 2.09
N GLN A 96 4.13 -12.18 2.20
CA GLN A 96 5.12 -13.03 2.87
C GLN A 96 6.47 -12.91 2.18
N VAL A 97 6.46 -12.93 0.85
CA VAL A 97 7.68 -12.80 0.05
C VAL A 97 8.34 -11.44 0.30
N PHE A 98 7.52 -10.39 0.39
CA PHE A 98 8.04 -9.04 0.62
C PHE A 98 8.74 -8.95 1.97
N LEU A 99 8.19 -9.65 2.97
CA LEU A 99 8.78 -9.66 4.30
C LEU A 99 10.19 -10.25 4.27
N ARG A 100 10.39 -11.25 3.43
CA ARG A 100 11.68 -11.90 3.30
C ARG A 100 12.64 -11.00 2.54
N ARG A 101 12.12 -10.41 1.48
CA ARG A 101 12.88 -9.43 0.70
C ARG A 101 13.36 -8.29 1.60
N LEU A 102 12.44 -7.80 2.43
CA LEU A 102 12.76 -6.72 3.36
C LEU A 102 13.73 -7.17 4.44
N ALA A 103 13.61 -8.44 4.85
CA ALA A 103 14.46 -9.01 5.89
C ALA A 103 15.94 -8.86 5.54
N ARG A 104 16.26 -8.91 4.26
CA ARG A 104 17.64 -8.71 3.79
C ARG A 104 18.16 -7.37 4.28
N GLU A 105 17.35 -6.33 4.12
CA GLU A 105 17.72 -4.98 4.48
C GLU A 105 17.77 -4.80 5.99
N ASP A 106 16.82 -5.41 6.67
CA ASP A 106 16.70 -5.29 8.12
C ASP A 106 17.81 -6.04 8.84
N ALA A 107 18.02 -7.28 8.41
CA ALA A 107 19.03 -8.13 9.04
C ALA A 107 20.44 -7.56 8.87
N LEU A 108 20.73 -7.03 7.69
CA LEU A 108 22.03 -6.43 7.44
C LEU A 108 22.12 -5.01 7.96
N GLU A 109 21.16 -4.17 7.55
CA GLU A 109 21.21 -2.73 7.81
C GLU A 109 22.49 -2.15 7.22
N HIS A 110 22.96 -2.79 6.14
CA HIS A 110 24.18 -2.41 5.45
C HIS A 110 25.40 -2.65 6.36
N HIS A 111 25.20 -3.41 7.43
CA HIS A 111 26.29 -3.78 8.32
C HIS A 111 26.08 -5.20 8.88
N HIS A 112 25.51 -5.27 10.08
CA HIS A 112 25.31 -6.56 10.75
C HIS A 112 24.11 -6.45 11.70
N HIS A 113 23.24 -5.47 11.42
CA HIS A 113 22.12 -5.12 12.30
C HIS A 113 22.62 -4.64 13.65
N HIS A 114 22.54 -3.35 13.87
CA HIS A 114 23.00 -2.76 15.12
C HIS A 114 21.92 -2.89 16.19
N HIS A 115 22.32 -3.47 17.33
CA HIS A 115 21.39 -3.74 18.42
C HIS A 115 20.36 -4.78 17.99
N MET A 1 -1.79 5.19 -24.18
CA MET A 1 -2.96 4.62 -23.48
C MET A 1 -3.95 5.71 -23.10
N GLN A 2 -5.16 5.31 -22.74
CA GLN A 2 -6.21 6.25 -22.39
C GLN A 2 -5.93 6.86 -21.02
N ALA A 3 -6.36 8.10 -20.87
CA ALA A 3 -6.11 8.84 -19.64
C ALA A 3 -7.17 8.53 -18.58
N ILE A 4 -6.97 7.40 -17.91
CA ILE A 4 -7.89 6.92 -16.91
C ILE A 4 -7.97 7.87 -15.71
N THR A 5 -6.84 8.50 -15.39
CA THR A 5 -6.75 9.40 -14.25
C THR A 5 -7.77 10.53 -14.34
N GLU A 6 -7.92 11.08 -15.54
CA GLU A 6 -8.75 12.26 -15.75
C GLU A 6 -10.22 11.97 -15.50
N ARG A 7 -10.69 10.81 -15.97
CA ARG A 7 -12.10 10.45 -15.81
C ARG A 7 -12.40 10.05 -14.37
N LEU A 8 -11.43 9.44 -13.70
CA LEU A 8 -11.64 8.98 -12.33
C LEU A 8 -11.89 10.15 -11.38
N GLU A 9 -10.99 11.14 -11.39
CA GLU A 9 -11.11 12.27 -10.47
C GLU A 9 -12.37 13.10 -10.77
N ALA A 10 -12.75 13.14 -12.04
CA ALA A 10 -13.93 13.88 -12.46
C ALA A 10 -15.18 13.29 -11.83
N MET A 11 -15.28 11.97 -11.82
CA MET A 11 -16.46 11.29 -11.29
C MET A 11 -16.63 11.57 -9.80
N LEU A 12 -15.54 11.47 -9.05
CA LEU A 12 -15.59 11.74 -7.60
C LEU A 12 -16.06 13.18 -7.34
N ALA A 13 -15.61 14.10 -8.18
CA ALA A 13 -15.95 15.51 -8.04
C ALA A 13 -17.42 15.76 -8.37
N GLN A 14 -18.04 14.84 -9.08
CA GLN A 14 -19.45 14.96 -9.47
C GLN A 14 -20.36 14.26 -8.47
N GLY A 15 -19.77 13.71 -7.42
CA GLY A 15 -20.55 13.04 -6.40
C GLY A 15 -20.51 11.53 -6.53
N THR A 16 -19.71 11.05 -7.47
CA THR A 16 -19.53 9.62 -7.65
C THR A 16 -18.21 9.20 -6.99
N ASP A 17 -18.10 9.53 -5.71
CA ASP A 17 -16.87 9.33 -4.93
C ASP A 17 -16.62 7.84 -4.65
N ASN A 18 -17.45 7.26 -3.79
CA ASN A 18 -17.37 5.83 -3.43
C ASN A 18 -16.08 5.51 -2.67
N MET A 19 -15.99 4.27 -2.20
CA MET A 19 -14.81 3.81 -1.48
C MET A 19 -13.84 3.13 -2.44
N LEU A 20 -14.36 2.21 -3.23
CA LEU A 20 -13.55 1.42 -4.16
C LEU A 20 -12.90 2.32 -5.20
N LEU A 21 -13.61 3.37 -5.59
CA LEU A 21 -13.13 4.26 -6.62
C LEU A 21 -11.96 5.11 -6.10
N ARG A 22 -11.98 5.43 -4.80
CA ARG A 22 -10.87 6.13 -4.16
C ARG A 22 -9.61 5.27 -4.23
N PHE A 23 -9.77 3.98 -3.96
CA PHE A 23 -8.65 3.04 -3.97
C PHE A 23 -8.09 2.90 -5.38
N THR A 24 -8.97 2.93 -6.37
CA THR A 24 -8.57 2.81 -7.76
C THR A 24 -7.58 3.91 -8.14
N LEU A 25 -7.78 5.10 -7.57
CA LEU A 25 -6.86 6.21 -7.78
C LEU A 25 -5.52 5.95 -7.08
N GLY A 26 -5.59 5.50 -5.84
CA GLY A 26 -4.39 5.29 -5.04
C GLY A 26 -3.42 4.30 -5.65
N LYS A 27 -3.95 3.15 -6.07
CA LYS A 27 -3.11 2.10 -6.64
C LYS A 27 -2.46 2.55 -7.94
N THR A 28 -3.21 3.33 -8.73
CA THR A 28 -2.70 3.82 -10.01
C THR A 28 -1.60 4.86 -9.81
N TYR A 29 -1.78 5.73 -8.82
CA TYR A 29 -0.77 6.74 -8.51
C TYR A 29 0.53 6.08 -8.06
N ALA A 30 0.42 5.01 -7.27
CA ALA A 30 1.59 4.29 -6.79
C ALA A 30 2.38 3.68 -7.93
N GLU A 31 1.68 3.24 -8.97
CA GLU A 31 2.33 2.67 -10.15
C GLU A 31 3.11 3.74 -10.91
N HIS A 32 2.73 5.00 -10.72
CA HIS A 32 3.40 6.11 -11.38
C HIS A 32 4.36 6.83 -10.45
N GLU A 33 4.66 6.20 -9.31
CA GLU A 33 5.59 6.76 -8.32
C GLU A 33 4.99 8.01 -7.66
N GLN A 34 3.69 8.19 -7.84
CA GLN A 34 2.99 9.33 -7.25
C GLN A 34 2.47 8.96 -5.87
N PHE A 35 3.35 8.34 -5.08
CA PHE A 35 3.00 7.85 -3.74
C PHE A 35 2.44 8.98 -2.88
N ASP A 36 2.91 10.19 -3.12
CA ASP A 36 2.46 11.36 -2.38
C ASP A 36 0.97 11.57 -2.59
N ALA A 37 0.55 11.49 -3.84
CA ALA A 37 -0.86 11.65 -4.22
C ALA A 37 -1.67 10.41 -3.84
N ALA A 38 -0.99 9.27 -3.82
CA ALA A 38 -1.62 8.01 -3.48
C ALA A 38 -1.99 7.95 -2.00
N LEU A 39 -1.11 8.48 -1.15
CA LEU A 39 -1.28 8.40 0.31
C LEU A 39 -2.69 8.83 0.78
N PRO A 40 -3.18 10.04 0.42
CA PRO A 40 -4.51 10.49 0.86
C PRO A 40 -5.63 9.61 0.33
N HIS A 41 -5.51 9.19 -0.92
CA HIS A 41 -6.55 8.40 -1.57
C HIS A 41 -6.59 6.99 -0.99
N LEU A 42 -5.41 6.43 -0.72
CA LEU A 42 -5.31 5.11 -0.12
C LEU A 42 -5.77 5.14 1.33
N ARG A 43 -5.36 6.19 2.04
CA ARG A 43 -5.70 6.33 3.45
C ARG A 43 -7.22 6.47 3.62
N ALA A 44 -7.83 7.27 2.76
CA ALA A 44 -9.27 7.52 2.82
C ALA A 44 -10.07 6.26 2.56
N ALA A 45 -9.54 5.39 1.71
CA ALA A 45 -10.22 4.13 1.39
C ALA A 45 -10.21 3.19 2.59
N LEU A 46 -9.05 3.04 3.20
CA LEU A 46 -8.89 2.17 4.37
C LEU A 46 -9.58 2.73 5.59
N ASP A 47 -9.76 4.04 5.62
CA ASP A 47 -10.47 4.70 6.71
C ASP A 47 -11.87 4.11 6.87
N PHE A 48 -12.54 3.88 5.74
CA PHE A 48 -13.87 3.29 5.75
C PHE A 48 -13.80 1.77 5.86
N ASP A 49 -12.90 1.14 5.11
CA ASP A 49 -12.78 -0.31 5.12
C ASP A 49 -11.33 -0.74 5.21
N PRO A 50 -10.81 -0.90 6.43
CA PRO A 50 -9.41 -1.28 6.66
C PRO A 50 -9.15 -2.75 6.32
N THR A 51 -10.21 -3.46 5.95
CA THR A 51 -10.11 -4.89 5.69
C THR A 51 -9.95 -5.17 4.19
N TYR A 52 -9.45 -4.20 3.45
CA TYR A 52 -9.21 -4.39 2.02
C TYR A 52 -7.81 -4.99 1.82
N SER A 53 -7.79 -6.31 1.64
CA SER A 53 -6.55 -7.10 1.56
C SER A 53 -5.52 -6.52 0.60
N VAL A 54 -5.98 -6.10 -0.57
CA VAL A 54 -5.07 -5.58 -1.59
C VAL A 54 -4.34 -4.33 -1.10
N ALA A 55 -5.03 -3.51 -0.31
CA ALA A 55 -4.49 -2.26 0.17
C ALA A 55 -3.39 -2.48 1.20
N TRP A 56 -3.47 -3.59 1.93
CA TRP A 56 -2.47 -3.91 2.95
C TRP A 56 -1.08 -3.98 2.32
N LYS A 57 -0.98 -4.71 1.22
CA LYS A 57 0.28 -4.85 0.51
C LYS A 57 0.71 -3.52 -0.12
N TRP A 58 -0.26 -2.73 -0.57
CA TRP A 58 0.02 -1.41 -1.14
C TRP A 58 0.59 -0.46 -0.10
N LEU A 59 0.14 -0.61 1.15
CA LEU A 59 0.60 0.26 2.23
C LEU A 59 2.12 0.27 2.35
N GLY A 60 2.69 -0.92 2.42
CA GLY A 60 4.13 -1.04 2.55
C GLY A 60 4.86 -0.45 1.36
N LYS A 61 4.33 -0.67 0.17
CA LYS A 61 4.95 -0.18 -1.05
C LYS A 61 4.85 1.34 -1.14
N THR A 62 3.70 1.88 -0.78
CA THR A 62 3.46 3.31 -0.83
C THR A 62 4.33 4.05 0.18
N LEU A 63 4.43 3.49 1.39
CA LEU A 63 5.27 4.07 2.42
C LEU A 63 6.75 3.97 2.05
N GLN A 64 7.10 2.87 1.37
CA GLN A 64 8.45 2.67 0.90
C GLN A 64 8.81 3.71 -0.16
N GLY A 65 7.87 3.98 -1.06
CA GLY A 65 8.05 5.00 -2.08
C GLY A 65 8.29 6.36 -1.46
N GLN A 66 7.63 6.62 -0.35
CA GLN A 66 7.85 7.83 0.42
C GLN A 66 9.27 7.80 1.01
N GLY A 67 9.60 6.69 1.64
CA GLY A 67 10.91 6.53 2.24
C GLY A 67 10.83 5.97 3.65
N ASP A 68 9.65 5.52 4.04
CA ASP A 68 9.43 4.97 5.36
C ASP A 68 9.82 3.51 5.41
N ARG A 69 11.10 3.24 5.66
CA ARG A 69 11.58 1.87 5.80
C ARG A 69 10.96 1.20 7.02
N ALA A 70 10.78 1.97 8.09
CA ALA A 70 10.15 1.46 9.29
C ALA A 70 8.66 1.21 9.04
N GLY A 71 8.00 2.20 8.44
CA GLY A 71 6.58 2.10 8.16
C GLY A 71 6.25 0.96 7.22
N ALA A 72 7.05 0.79 6.17
CA ALA A 72 6.85 -0.29 5.21
C ALA A 72 6.89 -1.64 5.91
N ARG A 73 7.90 -1.83 6.75
CA ARG A 73 8.06 -3.07 7.49
C ARG A 73 6.88 -3.30 8.44
N GLN A 74 6.50 -2.23 9.14
CA GLN A 74 5.38 -2.29 10.07
C GLN A 74 4.10 -2.71 9.37
N ALA A 75 3.85 -2.11 8.21
CA ALA A 75 2.65 -2.39 7.43
C ALA A 75 2.61 -3.85 6.99
N TRP A 76 3.74 -4.39 6.56
CA TRP A 76 3.80 -5.74 6.05
C TRP A 76 3.64 -6.77 7.17
N GLU A 77 4.34 -6.53 8.28
CA GLU A 77 4.27 -7.44 9.42
C GLU A 77 2.89 -7.42 10.06
N SER A 78 2.31 -6.24 10.21
CA SER A 78 1.02 -6.09 10.87
C SER A 78 -0.11 -6.58 9.95
N GLY A 79 0.01 -6.30 8.67
CA GLY A 79 -1.01 -6.69 7.71
C GLY A 79 -1.02 -8.19 7.45
N LEU A 80 0.05 -8.87 7.86
CA LEU A 80 0.17 -10.30 7.68
C LEU A 80 -0.94 -11.04 8.41
N ALA A 81 -1.14 -10.67 9.67
CA ALA A 81 -2.20 -11.26 10.48
C ALA A 81 -3.57 -10.95 9.92
N ALA A 82 -3.70 -9.79 9.31
CA ALA A 82 -4.95 -9.41 8.66
C ALA A 82 -5.22 -10.35 7.49
N ALA A 83 -4.20 -10.58 6.69
CA ALA A 83 -4.29 -11.49 5.54
C ALA A 83 -4.54 -12.92 6.02
N GLN A 84 -3.87 -13.32 7.09
CA GLN A 84 -4.09 -14.60 7.71
C GLN A 84 -5.55 -14.74 8.16
N SER A 85 -6.06 -13.70 8.83
CA SER A 85 -7.44 -13.70 9.30
C SER A 85 -8.43 -13.87 8.15
N ARG A 86 -8.18 -13.21 7.03
CA ARG A 86 -9.06 -13.30 5.87
C ARG A 86 -8.86 -14.60 5.10
N GLY A 87 -7.76 -15.29 5.38
CA GLY A 87 -7.44 -16.50 4.66
C GLY A 87 -6.85 -16.20 3.30
N ASP A 88 -6.29 -15.01 3.16
CA ASP A 88 -5.70 -14.57 1.91
C ASP A 88 -4.29 -15.09 1.77
N GLN A 89 -4.19 -16.34 1.34
CA GLN A 89 -2.92 -17.03 1.19
C GLN A 89 -1.97 -16.29 0.28
N GLN A 90 -2.47 -15.80 -0.85
CA GLN A 90 -1.64 -15.06 -1.80
C GLN A 90 -1.09 -13.81 -1.15
N VAL A 91 -1.96 -13.08 -0.44
CA VAL A 91 -1.59 -11.81 0.15
C VAL A 91 -0.54 -11.99 1.23
N VAL A 92 -0.68 -13.05 2.03
CA VAL A 92 0.28 -13.36 3.07
C VAL A 92 1.67 -13.57 2.46
N LYS A 93 1.72 -14.43 1.46
CA LYS A 93 2.98 -14.78 0.82
C LYS A 93 3.58 -13.60 0.06
N GLU A 94 2.72 -12.79 -0.57
CA GLU A 94 3.18 -11.58 -1.24
C GLU A 94 3.89 -10.66 -0.26
N LEU A 95 3.23 -10.42 0.88
CA LEU A 95 3.77 -9.53 1.92
C LEU A 95 5.09 -10.05 2.46
N GLN A 96 5.15 -11.35 2.72
CA GLN A 96 6.36 -11.98 3.25
C GLN A 96 7.54 -11.73 2.31
N VAL A 97 7.30 -11.84 1.00
CA VAL A 97 8.35 -11.64 0.02
C VAL A 97 8.92 -10.22 0.10
N PHE A 98 8.06 -9.22 0.07
CA PHE A 98 8.51 -7.84 0.04
C PHE A 98 9.23 -7.46 1.32
N LEU A 99 8.75 -7.99 2.43
CA LEU A 99 9.32 -7.71 3.75
C LEU A 99 10.80 -8.10 3.80
N ARG A 100 11.13 -9.25 3.21
CA ARG A 100 12.49 -9.76 3.23
C ARG A 100 13.37 -8.99 2.26
N ARG A 101 12.83 -8.74 1.08
CA ARG A 101 13.53 -7.99 0.04
C ARG A 101 13.96 -6.62 0.55
N LEU A 102 13.10 -5.99 1.35
CA LEU A 102 13.39 -4.68 1.93
C LEU A 102 14.55 -4.76 2.92
N ALA A 103 14.53 -5.79 3.75
CA ALA A 103 15.53 -5.96 4.80
C ALA A 103 16.94 -6.03 4.24
N ARG A 104 17.08 -6.59 3.04
CA ARG A 104 18.38 -6.75 2.41
C ARG A 104 19.05 -5.38 2.19
N GLU A 105 18.28 -4.43 1.67
CA GLU A 105 18.78 -3.08 1.42
C GLU A 105 18.93 -2.31 2.72
N ASP A 106 18.02 -2.54 3.66
CA ASP A 106 18.01 -1.81 4.94
C ASP A 106 19.18 -2.22 5.83
N ALA A 107 19.35 -3.52 5.96
CA ALA A 107 20.43 -4.07 6.78
C ALA A 107 21.80 -3.60 6.30
N LEU A 108 21.98 -3.59 4.98
CA LEU A 108 23.22 -3.10 4.39
C LEU A 108 23.22 -1.58 4.32
N GLU A 109 22.03 -0.99 4.41
CA GLU A 109 21.83 0.45 4.30
C GLU A 109 22.23 0.92 2.91
N HIS A 110 22.00 0.05 1.93
CA HIS A 110 22.35 0.30 0.54
C HIS A 110 23.85 0.63 0.42
N HIS A 111 24.63 0.13 1.38
CA HIS A 111 26.07 0.45 1.43
C HIS A 111 26.87 -0.44 0.48
N HIS A 112 26.37 -0.56 -0.74
CA HIS A 112 27.07 -1.30 -1.78
C HIS A 112 28.01 -0.36 -2.55
N HIS A 113 27.84 0.94 -2.30
CA HIS A 113 28.61 1.95 -3.03
C HIS A 113 29.88 2.32 -2.26
N HIS A 114 31.02 2.10 -2.90
CA HIS A 114 32.30 2.45 -2.32
C HIS A 114 32.96 3.59 -3.09
N HIS A 115 32.65 3.66 -4.39
CA HIS A 115 33.32 4.57 -5.31
C HIS A 115 34.77 4.12 -5.50
N MET A 1 -9.88 11.74 -22.49
CA MET A 1 -9.57 11.47 -21.07
C MET A 1 -8.56 10.34 -20.96
N GLN A 2 -7.30 10.69 -20.75
CA GLN A 2 -6.26 9.69 -20.61
C GLN A 2 -6.03 9.34 -19.15
N ALA A 3 -5.66 8.09 -18.92
CA ALA A 3 -5.39 7.57 -17.57
C ALA A 3 -6.64 7.58 -16.70
N ILE A 4 -6.59 6.78 -15.66
CA ILE A 4 -7.73 6.55 -14.79
C ILE A 4 -8.07 7.76 -13.91
N THR A 5 -7.05 8.50 -13.48
CA THR A 5 -7.24 9.57 -12.49
C THR A 5 -8.16 10.68 -13.00
N GLU A 6 -7.85 11.23 -14.18
CA GLU A 6 -8.61 12.36 -14.72
C GLU A 6 -10.07 12.00 -14.96
N ARG A 7 -10.32 10.80 -15.47
CA ARG A 7 -11.67 10.40 -15.81
C ARG A 7 -12.49 10.11 -14.55
N LEU A 8 -11.84 9.60 -13.50
CA LEU A 8 -12.53 9.40 -12.23
C LEU A 8 -12.90 10.73 -11.60
N GLU A 9 -12.02 11.72 -11.73
CA GLU A 9 -12.27 13.05 -11.19
C GLU A 9 -13.53 13.68 -11.79
N ALA A 10 -13.83 13.33 -13.03
CA ALA A 10 -15.05 13.80 -13.68
C ALA A 10 -16.29 13.37 -12.89
N MET A 11 -16.20 12.23 -12.22
CA MET A 11 -17.27 11.74 -11.38
C MET A 11 -17.31 12.54 -10.08
N LEU A 12 -16.14 12.99 -9.63
CA LEU A 12 -16.03 13.81 -8.44
C LEU A 12 -16.68 15.18 -8.66
N ALA A 13 -16.68 15.61 -9.92
CA ALA A 13 -17.33 16.86 -10.30
C ALA A 13 -18.85 16.76 -10.10
N GLN A 14 -19.35 15.53 -10.03
CA GLN A 14 -20.75 15.29 -9.75
C GLN A 14 -20.96 15.02 -8.27
N GLY A 15 -19.87 14.91 -7.53
CA GLY A 15 -19.93 14.63 -6.11
C GLY A 15 -20.43 13.22 -5.83
N THR A 16 -19.93 12.25 -6.59
CA THR A 16 -20.34 10.87 -6.40
C THR A 16 -19.22 9.90 -6.78
N ASP A 17 -18.51 9.42 -5.77
CA ASP A 17 -17.49 8.41 -5.96
C ASP A 17 -17.74 7.25 -5.01
N ASN A 18 -16.94 6.20 -5.14
CA ASN A 18 -17.07 5.03 -4.28
C ASN A 18 -15.70 4.57 -3.77
N MET A 19 -15.71 3.54 -2.94
CA MET A 19 -14.49 3.03 -2.31
C MET A 19 -13.52 2.52 -3.37
N LEU A 20 -14.07 1.80 -4.36
CA LEU A 20 -13.29 1.27 -5.46
C LEU A 20 -12.52 2.38 -6.16
N LEU A 21 -13.19 3.52 -6.38
CA LEU A 21 -12.59 4.66 -7.04
C LEU A 21 -11.44 5.22 -6.21
N ARG A 22 -11.66 5.34 -4.91
CA ARG A 22 -10.65 5.85 -3.99
C ARG A 22 -9.39 5.00 -4.04
N PHE A 23 -9.58 3.68 -4.04
CA PHE A 23 -8.47 2.75 -4.10
C PHE A 23 -7.75 2.85 -5.44
N THR A 24 -8.53 2.92 -6.51
CA THR A 24 -7.97 2.99 -7.85
C THR A 24 -7.16 4.27 -8.04
N LEU A 25 -7.64 5.37 -7.46
CA LEU A 25 -6.91 6.63 -7.52
C LEU A 25 -5.54 6.49 -6.87
N GLY A 26 -5.51 5.95 -5.66
CA GLY A 26 -4.25 5.74 -4.97
C GLY A 26 -3.38 4.75 -5.70
N LYS A 27 -4.01 3.71 -6.22
CA LYS A 27 -3.32 2.69 -7.01
C LYS A 27 -2.58 3.33 -8.18
N THR A 28 -3.24 4.28 -8.83
CA THR A 28 -2.69 4.94 -10.01
C THR A 28 -1.47 5.78 -9.63
N TYR A 29 -1.54 6.48 -8.52
CA TYR A 29 -0.44 7.32 -8.06
C TYR A 29 0.77 6.45 -7.71
N ALA A 30 0.51 5.32 -7.05
CA ALA A 30 1.59 4.44 -6.62
C ALA A 30 2.28 3.81 -7.82
N GLU A 31 1.49 3.49 -8.84
CA GLU A 31 2.02 2.94 -10.08
C GLU A 31 2.76 4.01 -10.89
N HIS A 32 2.43 5.26 -10.64
CA HIS A 32 3.15 6.38 -11.26
C HIS A 32 4.37 6.74 -10.43
N GLU A 33 4.60 5.97 -9.37
CA GLU A 33 5.71 6.17 -8.45
C GLU A 33 5.54 7.48 -7.66
N GLN A 34 4.31 7.94 -7.59
CA GLN A 34 3.97 9.12 -6.79
C GLN A 34 3.25 8.66 -5.53
N PHE A 35 4.04 8.08 -4.63
CA PHE A 35 3.52 7.47 -3.41
C PHE A 35 2.88 8.49 -2.49
N ASP A 36 3.44 9.69 -2.45
CA ASP A 36 2.98 10.75 -1.55
C ASP A 36 1.49 11.03 -1.76
N ALA A 37 1.11 11.15 -3.02
CA ALA A 37 -0.26 11.45 -3.39
C ALA A 37 -1.17 10.25 -3.16
N ALA A 38 -0.59 9.07 -3.22
CA ALA A 38 -1.33 7.83 -3.01
C ALA A 38 -1.83 7.71 -1.58
N LEU A 39 -1.02 8.17 -0.62
CA LEU A 39 -1.30 7.98 0.81
C LEU A 39 -2.73 8.40 1.23
N PRO A 40 -3.17 9.65 0.95
CA PRO A 40 -4.50 10.10 1.36
C PRO A 40 -5.62 9.30 0.68
N HIS A 41 -5.39 8.95 -0.57
CA HIS A 41 -6.39 8.25 -1.35
C HIS A 41 -6.56 6.81 -0.88
N LEU A 42 -5.44 6.16 -0.58
CA LEU A 42 -5.46 4.78 -0.11
C LEU A 42 -6.06 4.70 1.29
N ARG A 43 -5.75 5.69 2.13
CA ARG A 43 -6.30 5.76 3.47
C ARG A 43 -7.81 5.91 3.43
N ALA A 44 -8.29 6.72 2.49
CA ALA A 44 -9.72 6.97 2.32
C ALA A 44 -10.45 5.70 1.95
N ALA A 45 -9.82 4.88 1.12
CA ALA A 45 -10.43 3.62 0.66
C ALA A 45 -10.52 2.62 1.80
N LEU A 46 -9.43 2.46 2.53
CA LEU A 46 -9.38 1.52 3.65
C LEU A 46 -10.32 1.93 4.77
N ASP A 47 -10.62 3.22 4.83
CA ASP A 47 -11.52 3.76 5.86
C ASP A 47 -12.90 3.11 5.75
N PHE A 48 -13.33 2.84 4.52
CA PHE A 48 -14.61 2.19 4.29
C PHE A 48 -14.53 0.69 4.58
N ASP A 49 -13.46 0.05 4.10
CA ASP A 49 -13.36 -1.41 4.16
C ASP A 49 -11.91 -1.85 4.40
N PRO A 50 -11.51 -1.96 5.67
CA PRO A 50 -10.13 -2.29 6.05
C PRO A 50 -9.72 -3.72 5.71
N THR A 51 -10.67 -4.54 5.28
CA THR A 51 -10.38 -5.94 4.99
C THR A 51 -9.99 -6.14 3.52
N TYR A 52 -9.59 -5.05 2.87
CA TYR A 52 -9.15 -5.11 1.48
C TYR A 52 -7.74 -5.68 1.42
N SER A 53 -7.66 -7.01 1.35
CA SER A 53 -6.39 -7.74 1.37
C SER A 53 -5.37 -7.19 0.38
N VAL A 54 -5.82 -6.82 -0.80
CA VAL A 54 -4.95 -6.29 -1.85
C VAL A 54 -4.23 -5.02 -1.37
N ALA A 55 -4.96 -4.20 -0.62
CA ALA A 55 -4.45 -2.91 -0.19
C ALA A 55 -3.37 -3.06 0.88
N TRP A 56 -3.46 -4.11 1.70
CA TRP A 56 -2.51 -4.31 2.78
C TRP A 56 -1.08 -4.37 2.24
N LYS A 57 -0.91 -5.17 1.19
CA LYS A 57 0.39 -5.35 0.56
C LYS A 57 0.86 -4.06 -0.12
N TRP A 58 -0.07 -3.33 -0.73
CA TRP A 58 0.29 -2.12 -1.46
C TRP A 58 0.59 -0.95 -0.52
N LEU A 59 -0.21 -0.79 0.53
CA LEU A 59 -0.01 0.28 1.50
C LEU A 59 1.38 0.24 2.10
N GLY A 60 1.80 -0.93 2.52
CA GLY A 60 3.13 -1.11 3.07
C GLY A 60 4.22 -0.75 2.06
N LYS A 61 4.01 -1.14 0.81
CA LYS A 61 4.98 -0.88 -0.24
C LYS A 61 5.01 0.61 -0.58
N THR A 62 3.88 1.28 -0.35
CA THR A 62 3.76 2.70 -0.57
C THR A 62 4.60 3.47 0.45
N LEU A 63 4.68 2.94 1.66
CA LEU A 63 5.53 3.51 2.70
C LEU A 63 7.00 3.31 2.32
N GLN A 64 7.29 2.15 1.75
CA GLN A 64 8.63 1.82 1.24
C GLN A 64 9.09 2.86 0.23
N GLY A 65 8.17 3.24 -0.66
CA GLY A 65 8.50 4.19 -1.72
C GLY A 65 8.82 5.58 -1.20
N GLN A 66 8.54 5.83 0.07
CA GLN A 66 8.83 7.11 0.68
C GLN A 66 10.22 7.13 1.31
N GLY A 67 10.85 5.97 1.34
CA GLY A 67 12.18 5.87 1.90
C GLY A 67 12.17 5.26 3.29
N ASP A 68 11.01 5.24 3.92
CA ASP A 68 10.90 4.70 5.27
C ASP A 68 10.64 3.19 5.22
N ARG A 69 11.70 2.44 5.02
CA ARG A 69 11.60 0.99 4.95
C ARG A 69 11.22 0.39 6.30
N ALA A 70 11.61 1.06 7.38
CA ALA A 70 11.29 0.60 8.73
C ALA A 70 9.79 0.69 8.99
N GLY A 71 9.21 1.82 8.63
CA GLY A 71 7.77 1.99 8.77
C GLY A 71 7.02 1.09 7.83
N ALA A 72 7.63 0.81 6.69
CA ALA A 72 7.04 -0.09 5.70
C ALA A 72 6.93 -1.51 6.25
N ARG A 73 8.03 -2.03 6.79
CA ARG A 73 8.03 -3.40 7.30
C ARG A 73 7.13 -3.52 8.54
N GLN A 74 7.06 -2.46 9.34
CA GLN A 74 6.15 -2.44 10.48
C GLN A 74 4.70 -2.57 10.00
N ALA A 75 4.38 -1.90 8.89
CA ALA A 75 3.04 -1.98 8.31
C ALA A 75 2.77 -3.39 7.81
N TRP A 76 3.78 -4.01 7.23
CA TRP A 76 3.66 -5.38 6.74
C TRP A 76 3.47 -6.36 7.90
N GLU A 77 4.14 -6.08 9.01
CA GLU A 77 3.97 -6.86 10.22
C GLU A 77 2.52 -6.83 10.70
N SER A 78 1.92 -5.64 10.67
CA SER A 78 0.54 -5.48 11.08
C SER A 78 -0.42 -6.07 10.05
N GLY A 79 -0.09 -5.88 8.77
CA GLY A 79 -0.91 -6.45 7.70
C GLY A 79 -0.85 -7.96 7.68
N LEU A 80 0.27 -8.51 8.15
CA LEU A 80 0.46 -9.94 8.24
C LEU A 80 -0.59 -10.56 9.14
N ALA A 81 -0.71 -10.01 10.34
CA ALA A 81 -1.70 -10.46 11.30
C ALA A 81 -3.12 -10.25 10.77
N ALA A 82 -3.31 -9.22 9.97
CA ALA A 82 -4.60 -8.98 9.33
C ALA A 82 -4.93 -10.12 8.38
N ALA A 83 -3.97 -10.48 7.54
CA ALA A 83 -4.13 -11.58 6.60
C ALA A 83 -4.35 -12.89 7.35
N GLN A 84 -3.56 -13.11 8.40
CA GLN A 84 -3.70 -14.28 9.25
C GLN A 84 -5.10 -14.36 9.87
N SER A 85 -5.54 -13.23 10.42
CA SER A 85 -6.86 -13.17 11.06
C SER A 85 -7.98 -13.39 10.06
N ARG A 86 -7.84 -12.84 8.86
CA ARG A 86 -8.90 -12.90 7.86
C ARG A 86 -8.84 -14.22 7.08
N GLY A 87 -7.73 -14.93 7.22
CA GLY A 87 -7.59 -16.23 6.61
C GLY A 87 -7.07 -16.17 5.19
N ASP A 88 -6.18 -15.25 4.93
CA ASP A 88 -5.56 -15.12 3.62
C ASP A 88 -4.08 -15.45 3.71
N GLN A 89 -3.76 -16.71 3.51
CA GLN A 89 -2.39 -17.19 3.57
C GLN A 89 -1.53 -16.58 2.47
N GLN A 90 -2.11 -16.42 1.30
CA GLN A 90 -1.37 -15.85 0.16
C GLN A 90 -0.80 -14.49 0.50
N VAL A 91 -1.61 -13.62 1.09
CA VAL A 91 -1.16 -12.28 1.42
C VAL A 91 0.00 -12.35 2.41
N VAL A 92 -0.09 -13.28 3.34
CA VAL A 92 0.98 -13.52 4.30
C VAL A 92 2.26 -13.88 3.56
N LYS A 93 2.17 -14.84 2.64
CA LYS A 93 3.33 -15.32 1.90
C LYS A 93 3.88 -14.23 0.99
N GLU A 94 3.00 -13.43 0.40
CA GLU A 94 3.41 -12.31 -0.43
C GLU A 94 4.22 -11.32 0.39
N LEU A 95 3.67 -10.95 1.53
CA LEU A 95 4.32 -9.98 2.42
C LEU A 95 5.62 -10.54 2.99
N GLN A 96 5.65 -11.86 3.21
CA GLN A 96 6.86 -12.53 3.69
C GLN A 96 8.04 -12.26 2.76
N VAL A 97 7.76 -12.21 1.46
CA VAL A 97 8.79 -11.93 0.46
C VAL A 97 9.35 -10.53 0.68
N PHE A 98 8.46 -9.56 0.88
CA PHE A 98 8.87 -8.18 1.13
C PHE A 98 9.64 -8.08 2.44
N LEU A 99 9.25 -8.88 3.42
CA LEU A 99 9.93 -8.88 4.71
C LEU A 99 11.39 -9.30 4.56
N ARG A 100 11.66 -10.26 3.67
CA ARG A 100 13.02 -10.74 3.47
C ARG A 100 13.86 -9.67 2.80
N ARG A 101 13.29 -9.13 1.73
CA ARG A 101 13.92 -8.06 0.97
C ARG A 101 14.21 -6.87 1.87
N LEU A 102 13.23 -6.50 2.68
CA LEU A 102 13.35 -5.36 3.59
C LEU A 102 14.36 -5.66 4.68
N ALA A 103 14.36 -6.90 5.17
CA ALA A 103 15.24 -7.30 6.26
C ALA A 103 16.70 -7.11 5.90
N ARG A 104 17.06 -7.42 4.66
CA ARG A 104 18.46 -7.26 4.22
C ARG A 104 18.86 -5.79 4.23
N GLU A 105 17.90 -4.91 3.96
CA GLU A 105 18.14 -3.48 3.99
C GLU A 105 18.37 -3.00 5.42
N ASP A 106 17.49 -3.44 6.32
CA ASP A 106 17.55 -3.04 7.72
C ASP A 106 18.74 -3.67 8.42
N ALA A 107 19.05 -4.90 8.01
CA ALA A 107 20.15 -5.69 8.57
C ALA A 107 21.48 -4.95 8.49
N LEU A 108 21.62 -4.07 7.52
CA LEU A 108 22.85 -3.31 7.33
C LEU A 108 23.18 -2.45 8.55
N GLU A 109 22.19 -2.14 9.38
CA GLU A 109 22.41 -1.40 10.61
C GLU A 109 22.67 -2.34 11.78
N HIS A 110 22.63 -3.63 11.48
CA HIS A 110 22.81 -4.68 12.47
C HIS A 110 21.93 -4.41 13.69
N HIS A 111 20.65 -4.21 13.43
CA HIS A 111 19.70 -3.85 14.49
C HIS A 111 19.68 -4.89 15.61
N HIS A 112 19.97 -6.15 15.29
CA HIS A 112 19.97 -7.20 16.28
C HIS A 112 21.31 -7.25 17.01
N HIS A 113 21.76 -6.10 17.44
CA HIS A 113 22.98 -5.98 18.24
C HIS A 113 22.65 -6.16 19.71
N HIS A 114 21.36 -6.18 20.01
CA HIS A 114 20.89 -6.28 21.38
C HIS A 114 20.35 -7.71 21.63
N HIS A 115 21.21 -8.53 22.24
CA HIS A 115 20.89 -9.93 22.54
C HIS A 115 20.84 -10.77 21.26
N MET A 1 2.69 8.11 -21.15
CA MET A 1 2.06 7.92 -19.83
C MET A 1 0.96 8.96 -19.61
N GLN A 2 -0.28 8.51 -19.66
CA GLN A 2 -1.42 9.36 -19.39
C GLN A 2 -1.82 9.21 -17.92
N ALA A 3 -2.56 10.17 -17.42
CA ALA A 3 -3.04 10.10 -16.05
C ALA A 3 -4.54 9.86 -16.03
N ILE A 4 -4.91 8.60 -16.03
CA ILE A 4 -6.31 8.20 -15.93
C ILE A 4 -6.87 8.61 -14.59
N THR A 5 -5.98 8.80 -13.64
CA THR A 5 -6.36 9.25 -12.31
C THR A 5 -7.05 10.61 -12.36
N GLU A 6 -6.57 11.50 -13.23
CA GLU A 6 -7.10 12.85 -13.30
C GLU A 6 -8.58 12.86 -13.67
N ARG A 7 -8.98 12.01 -14.62
CA ARG A 7 -10.39 11.92 -15.01
C ARG A 7 -11.19 11.20 -13.93
N LEU A 8 -10.56 10.25 -13.25
CA LEU A 8 -11.21 9.54 -12.16
C LEU A 8 -11.50 10.49 -11.00
N GLU A 9 -10.49 11.27 -10.62
CA GLU A 9 -10.62 12.26 -9.54
C GLU A 9 -11.81 13.19 -9.80
N ALA A 10 -12.01 13.51 -11.07
CA ALA A 10 -13.09 14.40 -11.48
C ALA A 10 -14.45 13.79 -11.16
N MET A 11 -14.65 12.54 -11.56
CA MET A 11 -15.93 11.87 -11.35
C MET A 11 -16.27 11.73 -9.87
N LEU A 12 -15.24 11.60 -9.04
CA LEU A 12 -15.43 11.52 -7.60
C LEU A 12 -16.03 12.82 -7.07
N ALA A 13 -15.66 13.94 -7.69
CA ALA A 13 -16.12 15.25 -7.26
C ALA A 13 -17.61 15.44 -7.51
N GLN A 14 -18.16 14.67 -8.45
CA GLN A 14 -19.60 14.73 -8.73
C GLN A 14 -20.38 13.95 -7.66
N GLY A 15 -19.66 13.35 -6.73
CA GLY A 15 -20.30 12.63 -5.65
C GLY A 15 -20.37 11.13 -5.92
N THR A 16 -19.66 10.69 -6.95
CA THR A 16 -19.64 9.28 -7.33
C THR A 16 -18.43 8.58 -6.70
N ASP A 17 -18.13 8.95 -5.46
CA ASP A 17 -17.03 8.35 -4.73
C ASP A 17 -17.55 7.46 -3.62
N ASN A 18 -17.30 6.17 -3.75
CA ASN A 18 -17.75 5.20 -2.76
C ASN A 18 -16.57 4.54 -2.06
N MET A 19 -15.82 3.74 -2.80
CA MET A 19 -14.66 3.03 -2.26
C MET A 19 -13.89 2.37 -3.39
N LEU A 20 -14.61 1.73 -4.29
CA LEU A 20 -14.01 0.94 -5.37
C LEU A 20 -13.12 1.82 -6.26
N LEU A 21 -13.62 2.99 -6.63
CA LEU A 21 -12.86 3.90 -7.48
C LEU A 21 -11.73 4.55 -6.69
N ARG A 22 -11.90 4.59 -5.38
CA ARG A 22 -11.00 5.35 -4.53
C ARG A 22 -9.67 4.63 -4.31
N PHE A 23 -9.71 3.33 -4.02
CA PHE A 23 -8.48 2.57 -3.85
C PHE A 23 -7.78 2.40 -5.19
N THR A 24 -8.57 2.33 -6.27
CA THR A 24 -8.03 2.23 -7.62
C THR A 24 -7.12 3.41 -7.93
N LEU A 25 -7.48 4.58 -7.41
CA LEU A 25 -6.63 5.76 -7.54
C LEU A 25 -5.28 5.52 -6.87
N GLY A 26 -5.33 5.05 -5.63
CA GLY A 26 -4.12 4.80 -4.87
C GLY A 26 -3.20 3.81 -5.56
N LYS A 27 -3.78 2.75 -6.10
CA LYS A 27 -3.04 1.73 -6.83
C LYS A 27 -2.27 2.37 -7.97
N THR A 28 -2.96 3.18 -8.76
CA THR A 28 -2.39 3.79 -9.94
C THR A 28 -1.32 4.83 -9.58
N TYR A 29 -1.60 5.62 -8.54
CA TYR A 29 -0.64 6.64 -8.09
C TYR A 29 0.65 5.99 -7.62
N ALA A 30 0.53 4.89 -6.88
CA ALA A 30 1.69 4.21 -6.34
C ALA A 30 2.56 3.64 -7.46
N GLU A 31 1.90 3.00 -8.42
CA GLU A 31 2.59 2.42 -9.56
C GLU A 31 3.17 3.50 -10.47
N HIS A 32 2.61 4.70 -10.36
CA HIS A 32 3.03 5.82 -11.20
C HIS A 32 4.13 6.64 -10.51
N GLU A 33 4.65 6.10 -9.40
CA GLU A 33 5.72 6.75 -8.63
C GLU A 33 5.21 8.02 -7.95
N GLN A 34 3.91 8.05 -7.72
CA GLN A 34 3.27 9.15 -6.99
C GLN A 34 2.82 8.64 -5.63
N PHE A 35 3.72 7.92 -4.98
CA PHE A 35 3.45 7.20 -3.73
C PHE A 35 2.77 8.09 -2.68
N ASP A 36 3.25 9.31 -2.54
CA ASP A 36 2.74 10.22 -1.51
C ASP A 36 1.27 10.56 -1.78
N ALA A 37 0.94 10.72 -3.06
CA ALA A 37 -0.42 11.03 -3.48
C ALA A 37 -1.33 9.81 -3.34
N ALA A 38 -0.74 8.63 -3.44
CA ALA A 38 -1.49 7.39 -3.32
C ALA A 38 -2.00 7.17 -1.90
N LEU A 39 -1.18 7.56 -0.93
CA LEU A 39 -1.45 7.29 0.48
C LEU A 39 -2.86 7.74 0.93
N PRO A 40 -3.24 9.02 0.73
CA PRO A 40 -4.56 9.53 1.14
C PRO A 40 -5.71 8.74 0.53
N HIS A 41 -5.60 8.42 -0.75
CA HIS A 41 -6.67 7.70 -1.45
C HIS A 41 -6.78 6.27 -0.94
N LEU A 42 -5.65 5.62 -0.73
CA LEU A 42 -5.63 4.26 -0.21
C LEU A 42 -6.15 4.22 1.22
N ARG A 43 -5.74 5.19 2.03
CA ARG A 43 -6.17 5.27 3.42
C ARG A 43 -7.66 5.52 3.50
N ALA A 44 -8.16 6.42 2.64
CA ALA A 44 -9.57 6.75 2.60
C ALA A 44 -10.40 5.54 2.19
N ALA A 45 -9.83 4.69 1.34
CA ALA A 45 -10.50 3.47 0.92
C ALA A 45 -10.72 2.55 2.11
N LEU A 46 -9.67 2.35 2.91
CA LEU A 46 -9.74 1.53 4.12
C LEU A 46 -10.56 2.23 5.20
N ASP A 47 -10.61 3.55 5.13
CA ASP A 47 -11.42 4.34 6.05
C ASP A 47 -12.90 3.96 5.91
N PHE A 48 -13.32 3.72 4.68
CA PHE A 48 -14.68 3.31 4.42
C PHE A 48 -14.87 1.82 4.68
N ASP A 49 -13.92 1.01 4.22
CA ASP A 49 -13.99 -0.43 4.40
C ASP A 49 -12.60 -1.02 4.60
N PRO A 50 -12.15 -1.09 5.86
CA PRO A 50 -10.77 -1.49 6.20
C PRO A 50 -10.47 -2.96 5.87
N THR A 51 -11.47 -3.69 5.42
CA THR A 51 -11.30 -5.10 5.13
C THR A 51 -11.09 -5.32 3.64
N TYR A 52 -10.10 -4.65 3.08
CA TYR A 52 -9.72 -4.87 1.70
C TYR A 52 -8.25 -5.30 1.63
N SER A 53 -8.04 -6.60 1.69
CA SER A 53 -6.72 -7.22 1.79
C SER A 53 -5.74 -6.71 0.71
N VAL A 54 -6.26 -6.40 -0.47
CA VAL A 54 -5.41 -5.93 -1.56
C VAL A 54 -4.74 -4.60 -1.19
N ALA A 55 -5.48 -3.74 -0.52
CA ALA A 55 -4.98 -2.41 -0.19
C ALA A 55 -3.92 -2.44 0.90
N TRP A 56 -3.99 -3.45 1.76
CA TRP A 56 -3.06 -3.56 2.88
C TRP A 56 -1.63 -3.66 2.37
N LYS A 57 -1.40 -4.58 1.42
CA LYS A 57 -0.10 -4.76 0.82
C LYS A 57 0.32 -3.55 -0.02
N TRP A 58 -0.64 -2.88 -0.66
CA TRP A 58 -0.37 -1.67 -1.43
C TRP A 58 0.27 -0.61 -0.55
N LEU A 59 -0.28 -0.40 0.64
CA LEU A 59 0.22 0.61 1.56
C LEU A 59 1.70 0.39 1.87
N GLY A 60 2.05 -0.84 2.22
CA GLY A 60 3.42 -1.15 2.57
C GLY A 60 4.41 -0.86 1.44
N LYS A 61 4.08 -1.32 0.23
CA LYS A 61 4.99 -1.15 -0.90
C LYS A 61 5.07 0.33 -1.31
N THR A 62 4.02 1.08 -0.98
CA THR A 62 3.97 2.49 -1.32
C THR A 62 4.87 3.31 -0.40
N LEU A 63 4.93 2.93 0.88
CA LEU A 63 5.72 3.66 1.86
C LEU A 63 7.22 3.57 1.56
N GLN A 64 7.64 2.45 0.97
CA GLN A 64 9.05 2.25 0.66
C GLN A 64 9.50 3.31 -0.35
N GLY A 65 8.71 3.50 -1.39
CA GLY A 65 9.02 4.50 -2.40
C GLY A 65 8.66 5.90 -1.95
N GLN A 66 7.83 5.99 -0.93
CA GLN A 66 7.44 7.26 -0.35
C GLN A 66 8.63 7.86 0.41
N GLY A 67 9.51 6.99 0.88
CA GLY A 67 10.71 7.43 1.56
C GLY A 67 10.92 6.75 2.89
N ASP A 68 9.85 6.21 3.44
CA ASP A 68 9.90 5.60 4.76
C ASP A 68 10.08 4.09 4.65
N ARG A 69 11.32 3.67 4.49
CA ARG A 69 11.66 2.26 4.32
C ARG A 69 11.34 1.46 5.58
N ALA A 70 11.64 2.02 6.74
CA ALA A 70 11.32 1.38 8.02
C ALA A 70 9.82 1.35 8.23
N GLY A 71 9.15 2.41 7.80
CA GLY A 71 7.70 2.47 7.90
C GLY A 71 7.03 1.45 7.02
N ALA A 72 7.61 1.20 5.85
CA ALA A 72 7.11 0.18 4.94
C ALA A 72 7.11 -1.18 5.63
N ARG A 73 8.22 -1.53 6.26
CA ARG A 73 8.34 -2.77 7.00
C ARG A 73 7.28 -2.85 8.08
N GLN A 74 7.16 -1.78 8.86
CA GLN A 74 6.18 -1.72 9.95
C GLN A 74 4.75 -1.88 9.42
N ALA A 75 4.48 -1.27 8.26
CA ALA A 75 3.17 -1.34 7.64
C ALA A 75 2.82 -2.78 7.27
N TRP A 76 3.80 -3.52 6.78
CA TRP A 76 3.60 -4.90 6.43
C TRP A 76 3.33 -5.74 7.67
N GLU A 77 3.98 -5.40 8.77
CA GLU A 77 3.73 -6.07 10.04
C GLU A 77 2.27 -5.88 10.45
N SER A 78 1.78 -4.67 10.28
CA SER A 78 0.40 -4.35 10.61
C SER A 78 -0.57 -5.06 9.66
N GLY A 79 -0.26 -5.00 8.37
CA GLY A 79 -1.11 -5.64 7.37
C GLY A 79 -1.08 -7.14 7.48
N LEU A 80 0.02 -7.68 7.96
CA LEU A 80 0.16 -9.13 8.09
C LEU A 80 -0.88 -9.67 9.05
N ALA A 81 -0.93 -9.11 10.25
CA ALA A 81 -1.90 -9.51 11.26
C ALA A 81 -3.33 -9.32 10.75
N ALA A 82 -3.53 -8.30 9.94
CA ALA A 82 -4.82 -8.06 9.33
C ALA A 82 -5.17 -9.20 8.38
N ALA A 83 -4.18 -9.61 7.60
CA ALA A 83 -4.35 -10.71 6.66
C ALA A 83 -4.49 -12.03 7.42
N GLN A 84 -3.73 -12.18 8.48
CA GLN A 84 -3.80 -13.36 9.33
C GLN A 84 -5.20 -13.48 9.94
N SER A 85 -5.71 -12.37 10.46
CA SER A 85 -7.04 -12.34 11.04
C SER A 85 -8.11 -12.68 9.99
N ARG A 86 -7.91 -12.18 8.77
CA ARG A 86 -8.81 -12.42 7.66
C ARG A 86 -8.64 -13.81 7.08
N GLY A 87 -7.54 -14.47 7.40
CA GLY A 87 -7.27 -15.78 6.86
C GLY A 87 -6.79 -15.73 5.42
N ASP A 88 -6.27 -14.56 5.03
CA ASP A 88 -5.77 -14.36 3.68
C ASP A 88 -4.33 -14.83 3.58
N GLN A 89 -4.17 -16.14 3.44
CA GLN A 89 -2.85 -16.75 3.35
C GLN A 89 -2.04 -16.18 2.20
N GLN A 90 -2.73 -15.92 1.09
CA GLN A 90 -2.10 -15.34 -0.09
C GLN A 90 -1.41 -14.03 0.24
N VAL A 91 -2.13 -13.16 0.95
CA VAL A 91 -1.62 -11.84 1.28
C VAL A 91 -0.46 -11.94 2.26
N VAL A 92 -0.57 -12.89 3.19
CA VAL A 92 0.49 -13.15 4.15
C VAL A 92 1.78 -13.52 3.43
N LYS A 93 1.67 -14.44 2.47
CA LYS A 93 2.82 -14.87 1.69
C LYS A 93 3.41 -13.73 0.89
N GLU A 94 2.55 -12.91 0.29
CA GLU A 94 3.00 -11.75 -0.47
C GLU A 94 3.82 -10.80 0.42
N LEU A 95 3.28 -10.50 1.60
CA LEU A 95 3.95 -9.58 2.52
C LEU A 95 5.26 -10.17 3.06
N GLN A 96 5.25 -11.48 3.30
CA GLN A 96 6.44 -12.17 3.77
C GLN A 96 7.61 -11.97 2.80
N VAL A 97 7.33 -12.01 1.51
CA VAL A 97 8.36 -11.82 0.50
C VAL A 97 9.01 -10.44 0.64
N PHE A 98 8.17 -9.41 0.78
CA PHE A 98 8.66 -8.04 0.93
C PHE A 98 9.42 -7.87 2.23
N LEU A 99 8.90 -8.46 3.31
CA LEU A 99 9.51 -8.35 4.63
C LEU A 99 10.94 -8.91 4.62
N ARG A 100 11.18 -9.95 3.84
CA ARG A 100 12.50 -10.56 3.74
C ARG A 100 13.45 -9.61 3.05
N ARG A 101 12.98 -9.08 1.93
CA ARG A 101 13.76 -8.19 1.11
C ARG A 101 14.03 -6.86 1.82
N LEU A 102 13.04 -6.39 2.57
CA LEU A 102 13.18 -5.14 3.33
C LEU A 102 14.25 -5.32 4.41
N ALA A 103 14.25 -6.48 5.05
CA ALA A 103 15.23 -6.80 6.08
C ALA A 103 16.65 -6.71 5.53
N ARG A 104 16.80 -7.02 4.24
CA ARG A 104 18.11 -6.99 3.60
C ARG A 104 18.62 -5.55 3.49
N GLU A 105 17.70 -4.60 3.41
CA GLU A 105 18.06 -3.19 3.38
C GLU A 105 18.46 -2.73 4.78
N ASP A 106 17.73 -3.20 5.77
CA ASP A 106 18.03 -2.89 7.17
C ASP A 106 19.42 -3.38 7.53
N ALA A 107 19.72 -4.58 7.09
CA ALA A 107 21.00 -5.21 7.33
C ALA A 107 22.17 -4.38 6.80
N LEU A 108 21.94 -3.67 5.70
CA LEU A 108 22.98 -2.86 5.08
C LEU A 108 23.45 -1.75 6.02
N GLU A 109 22.53 -1.21 6.81
CA GLU A 109 22.83 -0.10 7.70
C GLU A 109 22.92 -0.57 9.14
N HIS A 110 21.77 -0.98 9.61
CA HIS A 110 21.54 -1.28 11.01
C HIS A 110 22.27 -2.54 11.48
N HIS A 111 22.58 -3.42 10.53
CA HIS A 111 23.25 -4.67 10.87
C HIS A 111 24.71 -4.62 10.45
N HIS A 112 25.13 -3.48 9.93
CA HIS A 112 26.50 -3.30 9.47
C HIS A 112 27.38 -2.84 10.64
N HIS A 113 26.74 -2.63 11.78
CA HIS A 113 27.44 -2.28 13.01
C HIS A 113 28.35 -3.43 13.47
N HIS A 114 29.64 -3.16 13.55
CA HIS A 114 30.60 -4.14 14.04
C HIS A 114 30.47 -4.30 15.54
N HIS A 115 30.63 -5.53 16.03
CA HIS A 115 30.47 -5.85 17.44
C HIS A 115 29.04 -5.59 17.87
N MET A 1 -4.99 7.39 -25.94
CA MET A 1 -4.68 7.34 -24.50
C MET A 1 -5.47 8.41 -23.75
N GLN A 2 -6.54 7.98 -23.10
CA GLN A 2 -7.35 8.88 -22.29
C GLN A 2 -6.80 8.95 -20.88
N ALA A 3 -6.97 10.08 -20.24
CA ALA A 3 -6.57 10.24 -18.86
C ALA A 3 -7.64 9.65 -17.97
N ILE A 4 -7.28 8.57 -17.29
CA ILE A 4 -8.20 7.83 -16.42
C ILE A 4 -8.81 8.76 -15.36
N THR A 5 -8.01 9.71 -14.91
CA THR A 5 -8.45 10.66 -13.90
C THR A 5 -9.70 11.42 -14.33
N GLU A 6 -9.73 11.85 -15.60
CA GLU A 6 -10.80 12.69 -16.10
C GLU A 6 -12.17 12.07 -15.91
N ARG A 7 -12.32 10.83 -16.35
CA ARG A 7 -13.62 10.16 -16.28
C ARG A 7 -13.96 9.77 -14.85
N LEU A 8 -12.94 9.42 -14.07
CA LEU A 8 -13.16 9.11 -12.66
C LEU A 8 -13.61 10.35 -11.89
N GLU A 9 -12.94 11.48 -12.13
CA GLU A 9 -13.31 12.73 -11.49
C GLU A 9 -14.70 13.17 -11.94
N ALA A 10 -15.04 12.86 -13.18
CA ALA A 10 -16.33 13.24 -13.74
C ALA A 10 -17.48 12.49 -13.06
N MET A 11 -17.34 11.17 -12.95
CA MET A 11 -18.39 10.35 -12.34
C MET A 11 -18.45 10.58 -10.84
N LEU A 12 -17.32 10.98 -10.27
CA LEU A 12 -17.24 11.31 -8.85
C LEU A 12 -18.21 12.45 -8.50
N ALA A 13 -18.32 13.40 -9.43
CA ALA A 13 -19.08 14.63 -9.21
C ALA A 13 -20.55 14.36 -8.88
N GLN A 14 -21.14 13.32 -9.45
CA GLN A 14 -22.54 13.02 -9.23
C GLN A 14 -22.75 12.14 -8.00
N GLY A 15 -21.72 12.01 -7.17
CA GLY A 15 -21.86 11.28 -5.94
C GLY A 15 -21.45 9.83 -6.07
N THR A 16 -20.28 9.59 -6.62
CA THR A 16 -19.72 8.25 -6.67
C THR A 16 -18.47 8.21 -5.80
N ASP A 17 -18.68 8.17 -4.49
CA ASP A 17 -17.59 8.30 -3.54
C ASP A 17 -17.38 7.00 -2.79
N ASN A 18 -16.33 6.27 -3.16
CA ASN A 18 -16.00 5.02 -2.48
C ASN A 18 -14.50 4.79 -2.48
N MET A 19 -14.06 3.75 -1.79
CA MET A 19 -12.64 3.44 -1.65
C MET A 19 -12.10 2.79 -2.92
N LEU A 20 -12.99 2.23 -3.72
CA LEU A 20 -12.61 1.50 -4.92
C LEU A 20 -11.94 2.42 -5.92
N LEU A 21 -12.63 3.49 -6.31
CA LEU A 21 -12.09 4.41 -7.31
C LEU A 21 -10.98 5.29 -6.71
N ARG A 22 -10.96 5.42 -5.40
CA ARG A 22 -9.88 6.14 -4.74
C ARG A 22 -8.60 5.31 -4.82
N PHE A 23 -8.73 4.00 -4.68
CA PHE A 23 -7.60 3.09 -4.73
C PHE A 23 -7.00 3.03 -6.12
N THR A 24 -7.86 2.89 -7.13
CA THR A 24 -7.38 2.76 -8.51
C THR A 24 -6.58 3.99 -8.93
N LEU A 25 -6.98 5.16 -8.44
CA LEU A 25 -6.24 6.38 -8.71
C LEU A 25 -4.92 6.37 -7.95
N GLY A 26 -4.98 6.01 -6.67
CA GLY A 26 -3.80 5.97 -5.83
C GLY A 26 -2.76 4.97 -6.33
N LYS A 27 -3.24 3.80 -6.74
CA LYS A 27 -2.37 2.76 -7.30
C LYS A 27 -1.63 3.29 -8.52
N THR A 28 -2.30 4.08 -9.33
CA THR A 28 -1.70 4.64 -10.52
C THR A 28 -0.59 5.62 -10.15
N TYR A 29 -0.77 6.34 -9.04
CA TYR A 29 0.26 7.23 -8.54
C TYR A 29 1.44 6.41 -8.04
N ALA A 30 1.13 5.33 -7.34
CA ALA A 30 2.16 4.46 -6.77
C ALA A 30 3.02 3.84 -7.87
N GLU A 31 2.38 3.48 -8.98
CA GLU A 31 3.09 2.91 -10.13
C GLU A 31 4.03 3.94 -10.76
N HIS A 32 3.74 5.22 -10.55
CA HIS A 32 4.58 6.29 -11.07
C HIS A 32 5.47 6.86 -9.97
N GLU A 33 5.56 6.13 -8.86
CA GLU A 33 6.41 6.48 -7.73
C GLU A 33 5.94 7.78 -7.04
N GLN A 34 4.67 8.12 -7.23
CA GLN A 34 4.08 9.29 -6.57
C GLN A 34 3.54 8.89 -5.19
N PHE A 35 4.36 8.15 -4.46
CA PHE A 35 3.96 7.53 -3.19
C PHE A 35 3.54 8.57 -2.17
N ASP A 36 4.14 9.75 -2.21
CA ASP A 36 3.82 10.81 -1.24
C ASP A 36 2.35 11.17 -1.32
N ALA A 37 1.84 11.29 -2.54
CA ALA A 37 0.44 11.60 -2.77
C ALA A 37 -0.46 10.40 -2.49
N ALA A 38 0.04 9.22 -2.83
CA ALA A 38 -0.73 7.99 -2.69
C ALA A 38 -0.91 7.59 -1.24
N LEU A 39 0.14 7.78 -0.43
CA LEU A 39 0.16 7.29 0.95
C LEU A 39 -1.08 7.69 1.76
N PRO A 40 -1.44 8.98 1.83
CA PRO A 40 -2.62 9.41 2.60
C PRO A 40 -3.92 9.01 1.92
N HIS A 41 -3.90 8.95 0.59
CA HIS A 41 -5.09 8.63 -0.19
C HIS A 41 -5.46 7.16 -0.01
N LEU A 42 -4.45 6.31 -0.02
CA LEU A 42 -4.64 4.87 0.19
C LEU A 42 -5.01 4.57 1.63
N ARG A 43 -4.34 5.24 2.57
CA ARG A 43 -4.61 5.05 3.99
C ARG A 43 -6.07 5.34 4.31
N ALA A 44 -6.59 6.43 3.73
CA ALA A 44 -7.98 6.82 3.94
C ALA A 44 -8.93 5.75 3.41
N ALA A 45 -8.56 5.13 2.30
CA ALA A 45 -9.37 4.08 1.69
C ALA A 45 -9.52 2.88 2.62
N LEU A 46 -8.43 2.54 3.32
CA LEU A 46 -8.45 1.43 4.27
C LEU A 46 -9.30 1.77 5.49
N ASP A 47 -9.41 3.06 5.77
CA ASP A 47 -10.28 3.53 6.86
C ASP A 47 -11.73 3.39 6.45
N PHE A 48 -12.01 3.64 5.17
CA PHE A 48 -13.37 3.52 4.64
C PHE A 48 -13.81 2.06 4.56
N ASP A 49 -12.92 1.21 4.07
CA ASP A 49 -13.25 -0.20 3.88
C ASP A 49 -12.01 -1.08 4.05
N PRO A 50 -11.74 -1.51 5.30
CA PRO A 50 -10.54 -2.29 5.64
C PRO A 50 -10.48 -3.66 4.96
N THR A 51 -11.54 -4.02 4.26
CA THR A 51 -11.62 -5.32 3.58
C THR A 51 -10.93 -5.29 2.22
N TYR A 52 -10.27 -4.18 1.91
CA TYR A 52 -9.54 -4.06 0.65
C TYR A 52 -8.16 -4.70 0.78
N SER A 53 -8.11 -6.02 0.65
CA SER A 53 -6.88 -6.80 0.82
C SER A 53 -5.74 -6.29 -0.06
N VAL A 54 -6.08 -5.88 -1.28
CA VAL A 54 -5.08 -5.40 -2.22
C VAL A 54 -4.40 -4.14 -1.68
N ALA A 55 -5.18 -3.32 -0.98
CA ALA A 55 -4.69 -2.05 -0.47
C ALA A 55 -3.67 -2.26 0.64
N TRP A 56 -3.80 -3.36 1.39
CA TRP A 56 -2.84 -3.67 2.46
C TRP A 56 -1.45 -3.85 1.85
N LYS A 57 -1.42 -4.61 0.76
CA LYS A 57 -0.19 -4.97 0.09
C LYS A 57 0.48 -3.74 -0.52
N TRP A 58 -0.31 -2.87 -1.15
CA TRP A 58 0.22 -1.65 -1.77
C TRP A 58 0.56 -0.60 -0.72
N LEU A 59 -0.14 -0.62 0.41
CA LEU A 59 0.08 0.35 1.48
C LEU A 59 1.53 0.29 1.97
N GLY A 60 1.97 -0.92 2.30
CA GLY A 60 3.33 -1.11 2.76
C GLY A 60 4.36 -0.65 1.73
N LYS A 61 4.08 -0.92 0.46
CA LYS A 61 4.95 -0.49 -0.64
C LYS A 61 5.07 1.02 -0.67
N THR A 62 3.97 1.69 -0.35
CA THR A 62 3.91 3.13 -0.40
C THR A 62 4.76 3.74 0.74
N LEU A 63 4.70 3.12 1.91
CA LEU A 63 5.51 3.55 3.04
C LEU A 63 7.00 3.44 2.72
N GLN A 64 7.39 2.36 2.05
CA GLN A 64 8.79 2.19 1.65
C GLN A 64 9.18 3.25 0.63
N GLY A 65 8.24 3.59 -0.24
CA GLY A 65 8.46 4.64 -1.22
C GLY A 65 8.74 5.98 -0.57
N GLN A 66 8.26 6.15 0.66
CA GLN A 66 8.50 7.37 1.41
C GLN A 66 9.94 7.40 1.91
N GLY A 67 10.46 6.22 2.25
CA GLY A 67 11.83 6.11 2.69
C GLY A 67 11.96 5.37 4.00
N ASP A 68 10.92 5.39 4.81
CA ASP A 68 10.97 4.78 6.13
C ASP A 68 10.55 3.33 6.05
N ARG A 69 11.55 2.46 5.97
CA ARG A 69 11.32 1.02 5.88
C ARG A 69 10.68 0.49 7.15
N ALA A 70 10.86 1.19 8.26
CA ALA A 70 10.27 0.80 9.53
C ALA A 70 8.76 0.91 9.46
N GLY A 71 8.26 1.96 8.84
CA GLY A 71 6.84 2.11 8.63
C GLY A 71 6.32 1.13 7.60
N ALA A 72 7.16 0.84 6.62
CA ALA A 72 6.82 -0.12 5.57
C ALA A 72 6.57 -1.49 6.17
N ARG A 73 7.51 -1.97 6.99
CA ARG A 73 7.36 -3.26 7.64
C ARG A 73 6.20 -3.24 8.61
N GLN A 74 6.03 -2.12 9.31
CA GLN A 74 4.94 -1.97 10.28
C GLN A 74 3.60 -2.18 9.56
N ALA A 75 3.47 -1.59 8.39
CA ALA A 75 2.26 -1.73 7.59
C ALA A 75 2.06 -3.17 7.14
N TRP A 76 3.12 -3.80 6.67
CA TRP A 76 3.05 -5.19 6.21
C TRP A 76 2.75 -6.14 7.36
N GLU A 77 3.37 -5.90 8.51
CA GLU A 77 3.12 -6.71 9.70
C GLU A 77 1.67 -6.57 10.16
N SER A 78 1.13 -5.37 10.03
CA SER A 78 -0.27 -5.11 10.37
C SER A 78 -1.19 -5.78 9.35
N GLY A 79 -0.88 -5.60 8.07
CA GLY A 79 -1.67 -6.22 7.01
C GLY A 79 -1.58 -7.73 7.04
N LEU A 80 -0.45 -8.24 7.52
CA LEU A 80 -0.26 -9.67 7.67
C LEU A 80 -1.29 -10.24 8.64
N ALA A 81 -1.39 -9.59 9.80
CA ALA A 81 -2.36 -9.99 10.80
C ALA A 81 -3.78 -9.76 10.31
N ALA A 82 -3.96 -8.75 9.48
CA ALA A 82 -5.24 -8.48 8.86
C ALA A 82 -5.62 -9.62 7.92
N ALA A 83 -4.65 -10.06 7.12
CA ALA A 83 -4.85 -11.18 6.22
C ALA A 83 -5.08 -12.47 6.99
N GLN A 84 -4.32 -12.65 8.07
CA GLN A 84 -4.49 -13.79 8.95
C GLN A 84 -5.87 -13.77 9.59
N SER A 85 -6.29 -12.62 10.05
CA SER A 85 -7.61 -12.46 10.65
C SER A 85 -8.71 -12.78 9.64
N ARG A 86 -8.46 -12.49 8.36
CA ARG A 86 -9.42 -12.78 7.31
C ARG A 86 -9.28 -14.23 6.81
N GLY A 87 -8.17 -14.86 7.16
CA GLY A 87 -7.93 -16.23 6.74
C GLY A 87 -7.40 -16.33 5.31
N ASP A 88 -6.66 -15.31 4.89
CA ASP A 88 -6.10 -15.27 3.55
C ASP A 88 -4.60 -15.57 3.57
N GLN A 89 -4.29 -16.85 3.57
CA GLN A 89 -2.90 -17.32 3.58
C GLN A 89 -2.14 -16.82 2.35
N GLN A 90 -2.82 -16.71 1.21
CA GLN A 90 -2.19 -16.23 -0.02
C GLN A 90 -1.57 -14.86 0.19
N VAL A 91 -2.33 -13.97 0.79
CA VAL A 91 -1.89 -12.59 0.99
C VAL A 91 -0.74 -12.54 2.00
N VAL A 92 -0.85 -13.39 3.02
CA VAL A 92 0.20 -13.50 4.02
C VAL A 92 1.53 -13.88 3.37
N LYS A 93 1.48 -14.86 2.48
CA LYS A 93 2.67 -15.32 1.78
C LYS A 93 3.21 -14.24 0.85
N GLU A 94 2.32 -13.54 0.16
CA GLU A 94 2.72 -12.49 -0.77
C GLU A 94 3.40 -11.34 -0.04
N LEU A 95 2.76 -10.87 1.03
CA LEU A 95 3.29 -9.76 1.81
C LEU A 95 4.58 -10.15 2.53
N GLN A 96 4.69 -11.41 2.92
CA GLN A 96 5.89 -11.89 3.59
C GLN A 96 7.12 -11.70 2.71
N VAL A 97 6.93 -11.85 1.39
CA VAL A 97 8.04 -11.74 0.45
C VAL A 97 8.71 -10.38 0.54
N PHE A 98 7.90 -9.34 0.71
CA PHE A 98 8.42 -7.98 0.88
C PHE A 98 9.22 -7.89 2.17
N LEU A 99 8.67 -8.50 3.22
CA LEU A 99 9.31 -8.51 4.53
C LEU A 99 10.65 -9.24 4.49
N ARG A 100 10.76 -10.25 3.63
CA ARG A 100 11.99 -11.03 3.53
C ARG A 100 13.13 -10.16 3.05
N ARG A 101 12.87 -9.39 2.01
CA ARG A 101 13.88 -8.49 1.48
C ARG A 101 14.07 -7.30 2.42
N LEU A 102 12.97 -6.84 3.00
CA LEU A 102 13.00 -5.72 3.94
C LEU A 102 13.94 -6.03 5.10
N ALA A 103 13.81 -7.24 5.63
CA ALA A 103 14.65 -7.68 6.74
C ALA A 103 16.11 -7.73 6.32
N ARG A 104 16.37 -8.04 5.06
CA ARG A 104 17.74 -8.07 4.54
C ARG A 104 18.32 -6.66 4.51
N GLU A 105 17.54 -5.72 3.98
CA GLU A 105 17.94 -4.32 3.91
C GLU A 105 18.11 -3.74 5.31
N ASP A 106 17.23 -4.11 6.23
CA ASP A 106 17.29 -3.62 7.60
C ASP A 106 18.49 -4.19 8.31
N ALA A 107 18.67 -5.50 8.17
CA ALA A 107 19.76 -6.21 8.81
C ALA A 107 21.12 -5.63 8.43
N LEU A 108 21.28 -5.24 7.18
CA LEU A 108 22.54 -4.68 6.72
C LEU A 108 22.92 -3.42 7.49
N GLU A 109 21.92 -2.61 7.82
CA GLU A 109 22.16 -1.34 8.50
C GLU A 109 21.89 -1.43 9.99
N HIS A 110 21.55 -2.62 10.46
CA HIS A 110 21.31 -2.87 11.88
C HIS A 110 22.28 -3.94 12.40
N HIS A 111 23.12 -4.43 11.49
CA HIS A 111 23.97 -5.56 11.77
C HIS A 111 25.08 -5.63 10.72
N HIS A 112 26.16 -4.92 10.97
CA HIS A 112 27.34 -5.06 10.12
C HIS A 112 28.28 -6.07 10.78
N HIS A 113 27.97 -6.35 12.05
CA HIS A 113 28.53 -7.47 12.80
C HIS A 113 27.49 -7.89 13.82
N HIS A 114 27.72 -8.96 14.54
CA HIS A 114 26.81 -9.32 15.61
C HIS A 114 27.39 -8.92 16.94
N HIS A 115 26.94 -7.78 17.43
CA HIS A 115 27.40 -7.25 18.70
C HIS A 115 26.20 -6.90 19.57
N MET A 1 -2.25 7.37 -24.34
CA MET A 1 -1.63 8.44 -23.51
C MET A 1 -2.70 9.35 -22.93
N GLN A 2 -2.96 9.22 -21.65
CA GLN A 2 -3.94 10.04 -20.97
C GLN A 2 -3.80 9.93 -19.46
N ALA A 3 -4.20 10.97 -18.77
CA ALA A 3 -4.14 10.98 -17.31
C ALA A 3 -5.44 10.42 -16.74
N ILE A 4 -5.41 9.14 -16.39
CA ILE A 4 -6.58 8.46 -15.85
C ILE A 4 -7.11 9.17 -14.61
N THR A 5 -6.21 9.75 -13.84
CA THR A 5 -6.56 10.47 -12.62
C THR A 5 -7.54 11.60 -12.88
N GLU A 6 -7.40 12.28 -14.03
CA GLU A 6 -8.25 13.42 -14.33
C GLU A 6 -9.70 13.02 -14.54
N ARG A 7 -9.94 11.96 -15.30
CA ARG A 7 -11.31 11.49 -15.52
C ARG A 7 -11.89 10.94 -14.22
N LEU A 8 -11.02 10.38 -13.39
CA LEU A 8 -11.41 9.89 -12.08
C LEU A 8 -11.86 11.05 -11.18
N GLU A 9 -11.13 12.16 -11.25
CA GLU A 9 -11.51 13.36 -10.50
C GLU A 9 -12.86 13.87 -10.99
N ALA A 10 -13.07 13.82 -12.31
CA ALA A 10 -14.29 14.33 -12.92
C ALA A 10 -15.51 13.49 -12.53
N MET A 11 -15.35 12.17 -12.52
CA MET A 11 -16.47 11.26 -12.25
C MET A 11 -17.03 11.46 -10.84
N LEU A 12 -16.20 11.97 -9.93
CA LEU A 12 -16.67 12.31 -8.58
C LEU A 12 -17.77 13.37 -8.66
N ALA A 13 -17.54 14.39 -9.49
CA ALA A 13 -18.50 15.47 -9.65
C ALA A 13 -19.68 15.05 -10.52
N GLN A 14 -19.57 13.84 -11.09
CA GLN A 14 -20.64 13.28 -11.89
C GLN A 14 -21.55 12.42 -11.02
N GLY A 15 -21.28 12.40 -9.73
CA GLY A 15 -22.08 11.60 -8.81
C GLY A 15 -21.65 10.15 -8.80
N THR A 16 -20.39 9.92 -8.47
CA THR A 16 -19.85 8.58 -8.40
C THR A 16 -18.70 8.51 -7.40
N ASP A 17 -18.97 7.96 -6.23
CA ASP A 17 -17.94 7.72 -5.22
C ASP A 17 -18.11 6.35 -4.61
N ASN A 18 -17.12 5.49 -4.82
CA ASN A 18 -17.16 4.13 -4.29
C ASN A 18 -15.85 3.78 -3.61
N MET A 19 -15.85 2.71 -2.83
CA MET A 19 -14.64 2.26 -2.14
C MET A 19 -13.60 1.84 -3.16
N LEU A 20 -14.03 1.04 -4.13
CA LEU A 20 -13.16 0.58 -5.20
C LEU A 20 -12.62 1.75 -6.02
N LEU A 21 -13.41 2.82 -6.11
CA LEU A 21 -13.01 4.03 -6.82
C LEU A 21 -11.84 4.70 -6.11
N ARG A 22 -11.97 4.86 -4.80
CA ARG A 22 -10.92 5.47 -3.99
C ARG A 22 -9.65 4.63 -4.04
N PHE A 23 -9.84 3.31 -4.08
CA PHE A 23 -8.73 2.38 -4.22
C PHE A 23 -8.08 2.52 -5.59
N THR A 24 -8.91 2.70 -6.61
CA THR A 24 -8.43 2.92 -7.98
C THR A 24 -7.57 4.18 -8.05
N LEU A 25 -7.96 5.20 -7.30
CA LEU A 25 -7.19 6.42 -7.21
C LEU A 25 -5.80 6.13 -6.64
N GLY A 26 -5.76 5.42 -5.52
CA GLY A 26 -4.50 5.07 -4.90
C GLY A 26 -3.62 4.25 -5.83
N LYS A 27 -4.23 3.28 -6.51
CA LYS A 27 -3.53 2.44 -7.47
C LYS A 27 -2.86 3.30 -8.55
N THR A 28 -3.64 4.20 -9.13
CA THR A 28 -3.17 5.02 -10.22
C THR A 28 -2.04 5.95 -9.78
N TYR A 29 -2.18 6.54 -8.59
CA TYR A 29 -1.14 7.42 -8.06
C TYR A 29 0.12 6.62 -7.78
N ALA A 30 -0.02 5.41 -7.26
CA ALA A 30 1.12 4.57 -6.93
C ALA A 30 1.88 4.16 -8.18
N GLU A 31 1.13 3.83 -9.24
CA GLU A 31 1.72 3.48 -10.52
C GLU A 31 2.45 4.68 -11.13
N HIS A 32 2.02 5.87 -10.76
CA HIS A 32 2.64 7.10 -11.25
C HIS A 32 3.73 7.59 -10.32
N GLU A 33 4.10 6.74 -9.35
CA GLU A 33 5.18 7.05 -8.40
C GLU A 33 4.78 8.18 -7.46
N GLN A 34 3.49 8.45 -7.41
CA GLN A 34 2.92 9.46 -6.51
C GLN A 34 2.53 8.81 -5.20
N PHE A 35 3.45 7.99 -4.67
CA PHE A 35 3.18 7.16 -3.50
C PHE A 35 2.59 7.95 -2.34
N ASP A 36 3.15 9.13 -2.05
CA ASP A 36 2.66 9.96 -0.95
C ASP A 36 1.20 10.34 -1.17
N ALA A 37 0.90 10.75 -2.38
CA ALA A 37 -0.45 11.17 -2.76
C ALA A 37 -1.41 9.98 -2.80
N ALA A 38 -0.87 8.80 -3.06
CA ALA A 38 -1.67 7.58 -3.07
C ALA A 38 -2.20 7.25 -1.68
N LEU A 39 -1.35 7.49 -0.67
CA LEU A 39 -1.63 7.09 0.71
C LEU A 39 -3.01 7.58 1.22
N PRO A 40 -3.32 8.90 1.14
CA PRO A 40 -4.60 9.43 1.64
C PRO A 40 -5.80 8.84 0.89
N HIS A 41 -5.61 8.54 -0.39
CA HIS A 41 -6.67 7.96 -1.20
C HIS A 41 -6.94 6.53 -0.79
N LEU A 42 -5.87 5.80 -0.49
CA LEU A 42 -6.00 4.41 -0.04
C LEU A 42 -6.56 4.36 1.37
N ARG A 43 -6.08 5.26 2.23
CA ARG A 43 -6.55 5.35 3.60
C ARG A 43 -8.02 5.74 3.65
N ALA A 44 -8.45 6.57 2.69
CA ALA A 44 -9.84 6.97 2.59
C ALA A 44 -10.73 5.75 2.28
N ALA A 45 -10.24 4.88 1.40
CA ALA A 45 -10.96 3.66 1.06
C ALA A 45 -10.98 2.71 2.26
N LEU A 46 -9.82 2.53 2.89
CA LEU A 46 -9.67 1.64 4.03
C LEU A 46 -10.45 2.15 5.24
N ASP A 47 -10.67 3.47 5.30
CA ASP A 47 -11.43 4.07 6.38
C ASP A 47 -12.83 3.48 6.43
N PHE A 48 -13.46 3.38 5.26
CA PHE A 48 -14.81 2.87 5.17
C PHE A 48 -14.83 1.34 5.18
N ASP A 49 -13.92 0.73 4.42
CA ASP A 49 -13.87 -0.72 4.33
C ASP A 49 -12.42 -1.20 4.33
N PRO A 50 -11.87 -1.43 5.53
CA PRO A 50 -10.47 -1.84 5.71
C PRO A 50 -10.20 -3.28 5.26
N THR A 51 -11.25 -3.97 4.84
CA THR A 51 -11.18 -5.41 4.57
C THR A 51 -10.60 -5.71 3.19
N TYR A 52 -9.96 -4.73 2.56
CA TYR A 52 -9.40 -4.95 1.24
C TYR A 52 -7.94 -5.39 1.34
N SER A 53 -7.74 -6.70 1.26
CA SER A 53 -6.44 -7.33 1.44
C SER A 53 -5.37 -6.78 0.50
N VAL A 54 -5.76 -6.49 -0.75
CA VAL A 54 -4.83 -5.95 -1.74
C VAL A 54 -4.21 -4.64 -1.26
N ALA A 55 -5.02 -3.84 -0.57
CA ALA A 55 -4.55 -2.55 -0.07
C ALA A 55 -3.50 -2.72 1.01
N TRP A 56 -3.56 -3.82 1.74
CA TRP A 56 -2.59 -4.11 2.79
C TRP A 56 -1.24 -4.42 2.16
N LYS A 57 -1.27 -5.24 1.12
CA LYS A 57 -0.07 -5.63 0.39
C LYS A 57 0.56 -4.43 -0.31
N TRP A 58 -0.27 -3.56 -0.86
CA TRP A 58 0.20 -2.37 -1.55
C TRP A 58 0.69 -1.30 -0.58
N LEU A 59 0.14 -1.29 0.64
CA LEU A 59 0.49 -0.29 1.64
C LEU A 59 2.00 -0.31 1.91
N GLY A 60 2.53 -1.49 2.17
CA GLY A 60 3.95 -1.63 2.42
C GLY A 60 4.77 -1.25 1.20
N LYS A 61 4.30 -1.67 0.02
CA LYS A 61 4.97 -1.37 -1.23
C LYS A 61 5.04 0.14 -1.49
N THR A 62 3.97 0.82 -1.13
CA THR A 62 3.88 2.27 -1.33
C THR A 62 4.93 2.99 -0.49
N LEU A 63 5.07 2.61 0.77
CA LEU A 63 6.03 3.24 1.67
C LEU A 63 7.46 2.92 1.25
N GLN A 64 7.68 1.72 0.72
CA GLN A 64 8.98 1.34 0.20
C GLN A 64 9.31 2.16 -1.04
N GLY A 65 8.31 2.37 -1.88
CA GLY A 65 8.49 3.20 -3.07
C GLY A 65 8.79 4.65 -2.71
N GLN A 66 8.13 5.13 -1.67
CA GLN A 66 8.37 6.49 -1.18
C GLN A 66 9.76 6.60 -0.58
N GLY A 67 10.30 5.46 -0.15
CA GLY A 67 11.68 5.42 0.30
C GLY A 67 11.82 5.44 1.81
N ASP A 68 10.80 4.99 2.52
CA ASP A 68 10.87 4.95 3.96
C ASP A 68 10.89 3.51 4.46
N ARG A 69 12.07 3.06 4.80
CA ARG A 69 12.30 1.69 5.26
C ARG A 69 11.55 1.40 6.56
N ALA A 70 11.64 2.32 7.51
CA ALA A 70 11.01 2.12 8.83
C ALA A 70 9.50 2.00 8.71
N GLY A 71 8.90 2.86 7.91
CA GLY A 71 7.47 2.81 7.69
C GLY A 71 7.06 1.55 6.97
N ALA A 72 7.88 1.14 6.00
CA ALA A 72 7.61 -0.05 5.21
C ALA A 72 7.58 -1.30 6.08
N ARG A 73 8.60 -1.45 6.93
CA ARG A 73 8.70 -2.65 7.78
C ARG A 73 7.56 -2.72 8.77
N GLN A 74 7.22 -1.60 9.40
CA GLN A 74 6.14 -1.58 10.38
C GLN A 74 4.79 -1.80 9.69
N ALA A 75 4.67 -1.29 8.46
CA ALA A 75 3.44 -1.44 7.69
C ALA A 75 3.17 -2.91 7.37
N TRP A 76 4.20 -3.62 6.94
CA TRP A 76 4.04 -5.03 6.57
C TRP A 76 3.73 -5.89 7.78
N GLU A 77 4.39 -5.63 8.91
CA GLU A 77 4.10 -6.36 10.13
C GLU A 77 2.66 -6.14 10.55
N SER A 78 2.19 -4.91 10.41
CA SER A 78 0.82 -4.57 10.78
C SER A 78 -0.16 -5.18 9.79
N GLY A 79 0.18 -5.11 8.50
CA GLY A 79 -0.66 -5.67 7.47
C GLY A 79 -0.75 -7.17 7.56
N LEU A 80 0.32 -7.80 7.99
CA LEU A 80 0.35 -9.25 8.18
C LEU A 80 -0.68 -9.65 9.23
N ALA A 81 -0.66 -8.94 10.35
CA ALA A 81 -1.62 -9.17 11.43
C ALA A 81 -3.04 -8.86 10.97
N ALA A 82 -3.18 -7.90 10.06
CA ALA A 82 -4.47 -7.58 9.48
C ALA A 82 -4.95 -8.74 8.63
N ALA A 83 -4.04 -9.30 7.83
CA ALA A 83 -4.34 -10.47 7.02
C ALA A 83 -4.65 -11.68 7.88
N GLN A 84 -3.88 -11.84 8.95
CA GLN A 84 -4.11 -12.91 9.92
C GLN A 84 -5.48 -12.76 10.59
N SER A 85 -5.81 -11.53 10.96
CA SER A 85 -7.11 -11.24 11.55
C SER A 85 -8.24 -11.60 10.58
N ARG A 86 -8.04 -11.30 9.31
CA ARG A 86 -8.98 -11.62 8.27
C ARG A 86 -8.94 -13.12 7.92
N GLY A 87 -7.89 -13.79 8.38
CA GLY A 87 -7.70 -15.18 8.07
C GLY A 87 -7.35 -15.40 6.60
N ASP A 88 -6.89 -14.33 5.97
CA ASP A 88 -6.60 -14.37 4.54
C ASP A 88 -5.19 -14.88 4.32
N GLN A 89 -5.05 -16.18 4.41
CA GLN A 89 -3.77 -16.84 4.30
C GLN A 89 -3.12 -16.62 2.94
N GLN A 90 -3.94 -16.54 1.91
CA GLN A 90 -3.45 -16.29 0.56
C GLN A 90 -2.65 -15.00 0.51
N VAL A 91 -3.19 -13.95 1.11
CA VAL A 91 -2.51 -12.66 1.18
C VAL A 91 -1.31 -12.71 2.12
N VAL A 92 -1.46 -13.45 3.22
CA VAL A 92 -0.38 -13.61 4.18
C VAL A 92 0.87 -14.17 3.49
N LYS A 93 0.68 -15.21 2.68
CA LYS A 93 1.78 -15.83 1.96
C LYS A 93 2.43 -14.84 1.00
N GLU A 94 1.62 -13.98 0.39
CA GLU A 94 2.14 -12.95 -0.49
C GLU A 94 2.95 -11.92 0.28
N LEU A 95 2.41 -11.49 1.41
CA LEU A 95 3.07 -10.51 2.26
C LEU A 95 4.37 -11.06 2.84
N GLN A 96 4.38 -12.35 3.17
CA GLN A 96 5.56 -13.01 3.71
C GLN A 96 6.75 -12.86 2.77
N VAL A 97 6.47 -12.86 1.47
CA VAL A 97 7.52 -12.73 0.46
C VAL A 97 8.24 -11.39 0.62
N PHE A 98 7.47 -10.34 0.88
CA PHE A 98 8.03 -9.00 1.05
C PHE A 98 8.87 -8.91 2.31
N LEU A 99 8.48 -9.67 3.34
CA LEU A 99 9.24 -9.72 4.58
C LEU A 99 10.62 -10.33 4.35
N ARG A 100 10.69 -11.32 3.47
CA ARG A 100 11.97 -11.95 3.12
C ARG A 100 12.81 -10.97 2.35
N ARG A 101 12.15 -10.32 1.40
CA ARG A 101 12.77 -9.33 0.54
C ARG A 101 13.40 -8.23 1.37
N LEU A 102 12.65 -7.74 2.35
CA LEU A 102 13.13 -6.68 3.23
C LEU A 102 14.24 -7.18 4.15
N ALA A 103 14.05 -8.39 4.69
CA ALA A 103 14.98 -8.95 5.67
C ALA A 103 16.39 -9.13 5.09
N ARG A 104 16.46 -9.42 3.79
CA ARG A 104 17.75 -9.62 3.13
C ARG A 104 18.59 -8.34 3.18
N GLU A 105 17.91 -7.20 3.20
CA GLU A 105 18.57 -5.91 3.37
C GLU A 105 18.97 -5.69 4.82
N ASP A 106 18.02 -5.94 5.72
CA ASP A 106 18.19 -5.65 7.14
C ASP A 106 19.28 -6.48 7.78
N ALA A 107 19.26 -7.77 7.49
CA ALA A 107 20.22 -8.71 8.05
C ALA A 107 21.66 -8.33 7.73
N LEU A 108 21.87 -7.64 6.62
CA LEU A 108 23.21 -7.32 6.14
C LEU A 108 23.94 -6.34 7.06
N GLU A 109 23.19 -5.52 7.80
CA GLU A 109 23.80 -4.47 8.60
C GLU A 109 24.55 -5.06 9.78
N HIS A 110 23.79 -5.44 10.79
CA HIS A 110 24.34 -6.07 11.99
C HIS A 110 23.25 -6.81 12.76
N HIS A 111 22.11 -7.01 12.12
CA HIS A 111 20.97 -7.62 12.79
C HIS A 111 21.22 -9.09 13.10
N HIS A 112 21.95 -9.75 12.20
CA HIS A 112 22.32 -11.17 12.38
C HIS A 112 21.06 -12.07 12.38
N HIS A 113 19.91 -11.48 12.12
CA HIS A 113 18.66 -12.21 12.19
C HIS A 113 18.44 -13.05 10.93
N HIS A 114 18.80 -14.32 11.01
CA HIS A 114 18.51 -15.27 9.95
C HIS A 114 17.11 -15.80 10.14
N HIS A 115 16.88 -16.40 11.30
CA HIS A 115 15.58 -16.89 11.69
C HIS A 115 15.57 -17.10 13.20
N MET A 1 -0.92 9.61 -24.21
CA MET A 1 -1.83 9.03 -23.18
C MET A 1 -2.61 10.13 -22.48
N GLN A 2 -3.92 10.13 -22.64
CA GLN A 2 -4.77 11.09 -21.95
C GLN A 2 -4.80 10.80 -20.45
N ALA A 3 -5.25 11.77 -19.68
CA ALA A 3 -5.22 11.66 -18.23
C ALA A 3 -6.48 11.01 -17.69
N ILE A 4 -6.40 9.70 -17.47
CA ILE A 4 -7.51 8.95 -16.91
C ILE A 4 -7.74 9.33 -15.45
N THR A 5 -6.67 9.69 -14.76
CA THR A 5 -6.74 10.04 -13.36
C THR A 5 -7.55 11.32 -13.13
N GLU A 6 -7.37 12.30 -14.02
CA GLU A 6 -8.01 13.59 -13.86
C GLU A 6 -9.51 13.51 -14.11
N ARG A 7 -9.93 12.68 -15.07
CA ARG A 7 -11.36 12.50 -15.32
C ARG A 7 -12.01 11.75 -14.17
N LEU A 8 -11.25 10.87 -13.51
CA LEU A 8 -11.75 10.18 -12.33
C LEU A 8 -12.04 11.18 -11.22
N GLU A 9 -11.15 12.16 -11.05
CA GLU A 9 -11.37 13.24 -10.09
C GLU A 9 -12.62 14.03 -10.44
N ALA A 10 -12.81 14.27 -11.73
CA ALA A 10 -13.96 15.03 -12.20
C ALA A 10 -15.27 14.30 -11.91
N MET A 11 -15.34 13.02 -12.27
CA MET A 11 -16.55 12.24 -12.09
C MET A 11 -16.85 12.02 -10.60
N LEU A 12 -15.80 11.96 -9.79
CA LEU A 12 -15.94 11.83 -8.35
C LEU A 12 -16.62 13.08 -7.81
N ALA A 13 -16.20 14.24 -8.30
CA ALA A 13 -16.72 15.52 -7.84
C ALA A 13 -18.12 15.79 -8.40
N GLN A 14 -18.57 14.93 -9.31
CA GLN A 14 -19.90 15.08 -9.90
C GLN A 14 -20.96 14.46 -9.00
N GLY A 15 -20.53 13.85 -7.91
CA GLY A 15 -21.47 13.30 -6.95
C GLY A 15 -21.63 11.80 -7.07
N THR A 16 -20.56 11.12 -7.42
CA THR A 16 -20.56 9.67 -7.42
C THR A 16 -19.39 9.14 -6.62
N ASP A 17 -19.59 8.98 -5.32
CA ASP A 17 -18.57 8.44 -4.46
C ASP A 17 -18.57 6.92 -4.58
N ASN A 18 -17.41 6.32 -4.48
CA ASN A 18 -17.29 4.89 -4.64
C ASN A 18 -16.16 4.35 -3.77
N MET A 19 -15.97 3.04 -3.81
CA MET A 19 -14.94 2.41 -3.00
C MET A 19 -13.75 2.05 -3.89
N LEU A 20 -13.98 1.20 -4.88
CA LEU A 20 -12.91 0.75 -5.77
C LEU A 20 -12.40 1.91 -6.63
N LEU A 21 -13.32 2.79 -7.02
CA LEU A 21 -12.96 3.93 -7.86
C LEU A 21 -11.89 4.79 -7.19
N ARG A 22 -12.09 5.10 -5.91
CA ARG A 22 -11.15 5.96 -5.20
C ARG A 22 -9.85 5.21 -4.93
N PHE A 23 -9.94 3.89 -4.77
CA PHE A 23 -8.78 3.06 -4.52
C PHE A 23 -7.89 2.97 -5.76
N THR A 24 -8.50 2.66 -6.90
CA THR A 24 -7.76 2.55 -8.15
C THR A 24 -7.19 3.91 -8.57
N LEU A 25 -7.93 4.98 -8.26
CA LEU A 25 -7.48 6.33 -8.56
C LEU A 25 -6.12 6.58 -7.92
N GLY A 26 -6.03 6.26 -6.62
CA GLY A 26 -4.78 6.43 -5.90
C GLY A 26 -3.74 5.40 -6.32
N LYS A 27 -4.19 4.18 -6.55
CA LYS A 27 -3.32 3.08 -6.94
C LYS A 27 -2.57 3.41 -8.24
N THR A 28 -3.25 4.10 -9.16
CA THR A 28 -2.65 4.49 -10.42
C THR A 28 -1.44 5.42 -10.17
N TYR A 29 -1.54 6.27 -9.16
CA TYR A 29 -0.43 7.12 -8.80
C TYR A 29 0.73 6.30 -8.28
N ALA A 30 0.43 5.32 -7.45
CA ALA A 30 1.45 4.46 -6.86
C ALA A 30 2.22 3.71 -7.94
N GLU A 31 1.50 3.20 -8.92
CA GLU A 31 2.09 2.48 -10.02
C GLU A 31 3.01 3.39 -10.86
N HIS A 32 2.62 4.66 -10.97
CA HIS A 32 3.40 5.63 -11.74
C HIS A 32 4.42 6.33 -10.85
N GLU A 33 4.73 5.73 -9.70
CA GLU A 33 5.80 6.19 -8.81
C GLU A 33 5.42 7.49 -8.08
N GLN A 34 4.14 7.80 -8.10
CA GLN A 34 3.63 8.97 -7.39
C GLN A 34 2.94 8.52 -6.11
N PHE A 35 3.62 7.63 -5.39
CA PHE A 35 3.10 6.98 -4.18
C PHE A 35 2.53 7.99 -3.18
N ASP A 36 3.14 9.17 -3.13
CA ASP A 36 2.74 10.22 -2.19
C ASP A 36 1.24 10.52 -2.31
N ALA A 37 0.77 10.53 -3.54
CA ALA A 37 -0.63 10.82 -3.84
C ALA A 37 -1.53 9.63 -3.48
N ALA A 38 -0.94 8.44 -3.50
CA ALA A 38 -1.68 7.21 -3.24
C ALA A 38 -2.09 7.11 -1.77
N LEU A 39 -1.23 7.58 -0.87
CA LEU A 39 -1.43 7.41 0.57
C LEU A 39 -2.84 7.80 1.04
N PRO A 40 -3.32 9.03 0.75
CA PRO A 40 -4.64 9.46 1.20
C PRO A 40 -5.78 8.63 0.60
N HIS A 41 -5.63 8.22 -0.65
CA HIS A 41 -6.66 7.45 -1.33
C HIS A 41 -6.77 6.03 -0.80
N LEU A 42 -5.62 5.40 -0.57
CA LEU A 42 -5.61 4.03 -0.05
C LEU A 42 -6.20 3.98 1.36
N ARG A 43 -5.87 4.98 2.17
CA ARG A 43 -6.41 5.06 3.52
C ARG A 43 -7.91 5.37 3.48
N ALA A 44 -8.34 6.11 2.46
CA ALA A 44 -9.75 6.42 2.28
C ALA A 44 -10.54 5.17 1.89
N ALA A 45 -9.90 4.26 1.17
CA ALA A 45 -10.51 2.98 0.83
C ALA A 45 -10.67 2.12 2.08
N LEU A 46 -9.69 2.24 2.98
CA LEU A 46 -9.69 1.52 4.24
C LEU A 46 -10.86 1.98 5.12
N ASP A 47 -11.33 3.20 4.87
CA ASP A 47 -12.50 3.72 5.58
C ASP A 47 -13.72 2.83 5.35
N PHE A 48 -13.91 2.44 4.10
CA PHE A 48 -15.05 1.62 3.73
C PHE A 48 -14.81 0.14 4.03
N ASP A 49 -13.59 -0.32 3.78
CA ASP A 49 -13.26 -1.72 4.04
C ASP A 49 -11.82 -1.85 4.55
N PRO A 50 -11.63 -1.73 5.87
CA PRO A 50 -10.30 -1.86 6.48
C PRO A 50 -9.80 -3.30 6.42
N THR A 51 -10.68 -4.19 6.02
CA THR A 51 -10.38 -5.61 5.92
C THR A 51 -10.03 -6.00 4.49
N TYR A 52 -9.72 -5.00 3.66
CA TYR A 52 -9.36 -5.25 2.28
C TYR A 52 -7.92 -5.74 2.21
N SER A 53 -7.77 -7.07 2.30
CA SER A 53 -6.47 -7.74 2.35
C SER A 53 -5.53 -7.27 1.23
N VAL A 54 -6.09 -7.01 0.06
CA VAL A 54 -5.31 -6.56 -1.08
C VAL A 54 -4.64 -5.21 -0.79
N ALA A 55 -5.34 -4.35 -0.07
CA ALA A 55 -4.84 -3.02 0.24
C ALA A 55 -3.68 -3.08 1.22
N TRP A 56 -3.75 -4.02 2.15
CA TRP A 56 -2.68 -4.20 3.14
C TRP A 56 -1.35 -4.43 2.44
N LYS A 57 -1.39 -5.30 1.43
CA LYS A 57 -0.22 -5.66 0.66
C LYS A 57 0.31 -4.47 -0.14
N TRP A 58 -0.59 -3.63 -0.64
CA TRP A 58 -0.19 -2.46 -1.41
C TRP A 58 0.35 -1.35 -0.49
N LEU A 59 -0.15 -1.29 0.74
CA LEU A 59 0.28 -0.28 1.70
C LEU A 59 1.79 -0.33 1.91
N GLY A 60 2.29 -1.53 2.17
CA GLY A 60 3.72 -1.72 2.37
C GLY A 60 4.54 -1.28 1.18
N LYS A 61 4.08 -1.65 -0.02
CA LYS A 61 4.77 -1.28 -1.25
C LYS A 61 4.71 0.23 -1.47
N THR A 62 3.65 0.86 -1.00
CA THR A 62 3.49 2.29 -1.15
C THR A 62 4.49 3.04 -0.28
N LEU A 63 4.66 2.59 0.96
CA LEU A 63 5.60 3.22 1.88
C LEU A 63 7.04 2.98 1.43
N GLN A 64 7.28 1.82 0.80
CA GLN A 64 8.57 1.52 0.23
C GLN A 64 8.85 2.42 -0.98
N GLY A 65 7.78 2.81 -1.67
CA GLY A 65 7.93 3.74 -2.77
C GLY A 65 8.13 5.16 -2.29
N GLN A 66 7.63 5.44 -1.09
CA GLN A 66 7.82 6.73 -0.46
C GLN A 66 9.28 6.87 -0.05
N GLY A 67 9.79 5.86 0.62
CA GLY A 67 11.20 5.85 0.97
C GLY A 67 11.43 5.74 2.47
N ASP A 68 10.46 5.21 3.20
CA ASP A 68 10.63 5.03 4.63
C ASP A 68 10.67 3.56 5.00
N ARG A 69 11.86 3.09 5.30
CA ARG A 69 12.10 1.70 5.67
C ARG A 69 11.36 1.31 6.95
N ALA A 70 11.42 2.19 7.96
CA ALA A 70 10.83 1.89 9.27
C ALA A 70 9.30 1.79 9.18
N GLY A 71 8.68 2.72 8.48
CA GLY A 71 7.24 2.68 8.31
C GLY A 71 6.80 1.49 7.50
N ALA A 72 7.58 1.17 6.47
CA ALA A 72 7.26 0.04 5.59
C ALA A 72 7.26 -1.27 6.36
N ARG A 73 8.30 -1.50 7.17
CA ARG A 73 8.39 -2.74 7.93
C ARG A 73 7.26 -2.85 8.94
N GLN A 74 6.98 -1.74 9.62
CA GLN A 74 5.93 -1.73 10.63
C GLN A 74 4.56 -1.93 9.99
N ALA A 75 4.36 -1.33 8.82
CA ALA A 75 3.11 -1.48 8.08
C ALA A 75 2.90 -2.93 7.67
N TRP A 76 3.96 -3.58 7.19
CA TRP A 76 3.89 -4.97 6.80
C TRP A 76 3.58 -5.86 8.00
N GLU A 77 4.18 -5.56 9.14
CA GLU A 77 3.88 -6.28 10.37
C GLU A 77 2.42 -6.12 10.75
N SER A 78 1.90 -4.91 10.55
CA SER A 78 0.50 -4.63 10.86
C SER A 78 -0.42 -5.38 9.89
N GLY A 79 -0.09 -5.33 8.61
CA GLY A 79 -0.87 -6.04 7.60
C GLY A 79 -0.74 -7.54 7.75
N LEU A 80 0.44 -8.00 8.15
CA LEU A 80 0.69 -9.42 8.37
C LEU A 80 -0.24 -9.94 9.45
N ALA A 81 -0.24 -9.27 10.58
CA ALA A 81 -1.11 -9.63 11.70
C ALA A 81 -2.58 -9.49 11.32
N ALA A 82 -2.86 -8.54 10.45
CA ALA A 82 -4.22 -8.37 9.95
C ALA A 82 -4.63 -9.58 9.13
N ALA A 83 -3.74 -10.03 8.26
CA ALA A 83 -3.99 -11.21 7.44
C ALA A 83 -3.99 -12.46 8.29
N GLN A 84 -3.12 -12.50 9.30
CA GLN A 84 -3.09 -13.59 10.26
C GLN A 84 -4.43 -13.70 10.98
N SER A 85 -4.94 -12.55 11.42
CA SER A 85 -6.23 -12.50 12.09
C SER A 85 -7.37 -12.84 11.12
N ARG A 86 -7.27 -12.36 9.89
CA ARG A 86 -8.29 -12.55 8.90
C ARG A 86 -8.26 -13.97 8.33
N GLY A 87 -7.18 -14.69 8.57
CA GLY A 87 -7.05 -16.05 8.08
C GLY A 87 -6.63 -16.11 6.63
N ASP A 88 -6.11 -15.01 6.13
CA ASP A 88 -5.72 -14.91 4.73
C ASP A 88 -4.24 -15.26 4.58
N GLN A 89 -3.95 -16.56 4.56
CA GLN A 89 -2.59 -17.06 4.48
C GLN A 89 -1.86 -16.53 3.24
N GLN A 90 -2.56 -16.48 2.12
CA GLN A 90 -2.00 -16.00 0.87
C GLN A 90 -1.43 -14.58 1.03
N VAL A 91 -2.16 -13.73 1.72
CA VAL A 91 -1.75 -12.35 1.93
C VAL A 91 -0.53 -12.30 2.84
N VAL A 92 -0.52 -13.18 3.84
CA VAL A 92 0.61 -13.30 4.76
C VAL A 92 1.89 -13.63 4.00
N LYS A 93 1.80 -14.64 3.13
CA LYS A 93 2.94 -15.09 2.37
C LYS A 93 3.42 -14.05 1.37
N GLU A 94 2.49 -13.33 0.76
CA GLU A 94 2.82 -12.24 -0.13
C GLU A 94 3.65 -11.17 0.58
N LEU A 95 3.17 -10.74 1.74
CA LEU A 95 3.86 -9.73 2.52
C LEU A 95 5.17 -10.28 3.09
N GLN A 96 5.17 -11.56 3.43
CA GLN A 96 6.36 -12.24 3.93
C GLN A 96 7.50 -12.13 2.93
N VAL A 97 7.20 -12.31 1.64
CA VAL A 97 8.21 -12.22 0.60
C VAL A 97 8.86 -10.83 0.57
N PHE A 98 8.05 -9.79 0.71
CA PHE A 98 8.54 -8.43 0.69
C PHE A 98 9.42 -8.14 1.91
N LEU A 99 9.06 -8.75 3.04
CA LEU A 99 9.80 -8.57 4.28
C LEU A 99 11.24 -9.07 4.16
N ARG A 100 11.42 -10.15 3.40
CA ARG A 100 12.74 -10.75 3.23
C ARG A 100 13.59 -9.85 2.37
N ARG A 101 13.01 -9.40 1.27
CA ARG A 101 13.68 -8.44 0.39
C ARG A 101 14.15 -7.22 1.18
N LEU A 102 13.27 -6.68 2.01
CA LEU A 102 13.61 -5.53 2.83
C LEU A 102 14.75 -5.89 3.78
N ALA A 103 14.67 -7.08 4.35
CA ALA A 103 15.70 -7.55 5.27
C ALA A 103 17.04 -7.74 4.58
N ARG A 104 17.01 -8.13 3.30
CA ARG A 104 18.24 -8.26 2.53
C ARG A 104 18.92 -6.91 2.37
N GLU A 105 18.12 -5.91 2.01
CA GLU A 105 18.63 -4.57 1.80
C GLU A 105 18.98 -3.89 3.12
N ASP A 106 18.22 -4.22 4.15
CA ASP A 106 18.51 -3.74 5.50
C ASP A 106 19.84 -4.28 5.98
N ALA A 107 20.03 -5.58 5.78
CA ALA A 107 21.24 -6.28 6.20
C ALA A 107 22.51 -5.64 5.66
N LEU A 108 22.41 -4.98 4.51
CA LEU A 108 23.55 -4.32 3.90
C LEU A 108 24.18 -3.33 4.88
N GLU A 109 23.34 -2.64 5.65
CA GLU A 109 23.81 -1.67 6.62
C GLU A 109 23.75 -2.25 8.03
N HIS A 110 22.77 -3.09 8.23
CA HIS A 110 22.43 -3.59 9.55
C HIS A 110 23.27 -4.82 9.92
N HIS A 111 24.21 -5.16 9.04
CA HIS A 111 25.12 -6.28 9.28
C HIS A 111 25.88 -6.08 10.59
N HIS A 112 26.57 -4.96 10.71
CA HIS A 112 27.32 -4.65 11.91
C HIS A 112 27.07 -3.21 12.31
N HIS A 113 25.85 -2.94 12.75
CA HIS A 113 25.46 -1.62 13.23
C HIS A 113 24.50 -1.76 14.39
N HIS A 114 24.87 -1.15 15.50
CA HIS A 114 24.01 -1.13 16.67
C HIS A 114 23.15 0.13 16.64
N HIS A 115 23.65 1.14 15.95
CA HIS A 115 22.92 2.37 15.77
C HIS A 115 22.77 2.67 14.28
N MET A 1 2.49 6.88 -20.68
CA MET A 1 1.05 6.53 -20.69
C MET A 1 0.25 7.70 -20.13
N GLN A 2 -0.76 8.15 -20.88
CA GLN A 2 -1.53 9.33 -20.51
C GLN A 2 -2.28 9.10 -19.20
N ALA A 3 -2.49 10.18 -18.47
CA ALA A 3 -3.04 10.11 -17.12
C ALA A 3 -4.50 9.71 -17.10
N ILE A 4 -4.75 8.45 -16.75
CA ILE A 4 -6.10 7.94 -16.60
C ILE A 4 -6.75 8.52 -15.34
N THR A 5 -5.91 8.91 -14.39
CA THR A 5 -6.37 9.46 -13.12
C THR A 5 -7.27 10.67 -13.33
N GLU A 6 -6.98 11.45 -14.37
CA GLU A 6 -7.71 12.68 -14.63
C GLU A 6 -9.18 12.38 -14.97
N ARG A 7 -9.40 11.40 -15.84
CA ARG A 7 -10.76 11.03 -16.24
C ARG A 7 -11.47 10.29 -15.11
N LEU A 8 -10.71 9.53 -14.33
CA LEU A 8 -11.26 8.83 -13.18
C LEU A 8 -11.71 9.83 -12.11
N GLU A 9 -10.91 10.86 -11.91
CA GLU A 9 -11.22 11.92 -10.97
C GLU A 9 -12.44 12.71 -11.44
N ALA A 10 -12.58 12.83 -12.76
CA ALA A 10 -13.72 13.52 -13.35
C ALA A 10 -15.02 12.77 -13.05
N MET A 11 -14.93 11.46 -12.90
CA MET A 11 -16.08 10.62 -12.63
C MET A 11 -16.72 10.96 -11.29
N LEU A 12 -15.91 11.43 -10.35
CA LEU A 12 -16.40 11.83 -9.04
C LEU A 12 -17.44 12.94 -9.17
N ALA A 13 -17.17 13.86 -10.10
CA ALA A 13 -18.04 15.01 -10.31
C ALA A 13 -19.34 14.58 -11.00
N GLN A 14 -19.35 13.36 -11.53
CA GLN A 14 -20.53 12.84 -12.21
C GLN A 14 -21.49 12.19 -11.21
N GLY A 15 -21.07 12.11 -9.95
CA GLY A 15 -21.93 11.62 -8.90
C GLY A 15 -21.55 10.23 -8.42
N THR A 16 -20.92 9.45 -9.29
CA THR A 16 -20.57 8.08 -8.95
C THR A 16 -19.22 8.02 -8.23
N ASP A 17 -19.27 8.33 -6.94
CA ASP A 17 -18.11 8.18 -6.07
C ASP A 17 -18.57 7.71 -4.70
N ASN A 18 -18.19 6.49 -4.33
CA ASN A 18 -18.58 5.93 -3.04
C ASN A 18 -17.39 5.26 -2.36
N MET A 19 -17.03 4.06 -2.82
CA MET A 19 -15.90 3.34 -2.22
C MET A 19 -15.14 2.53 -3.27
N LEU A 20 -15.85 1.64 -3.95
CA LEU A 20 -15.21 0.70 -4.86
C LEU A 20 -14.85 1.39 -6.17
N LEU A 21 -13.84 2.24 -6.09
CA LEU A 21 -13.28 2.92 -7.26
C LEU A 21 -12.06 3.74 -6.87
N ARG A 22 -12.07 4.28 -5.65
CA ARG A 22 -11.00 5.16 -5.20
C ARG A 22 -9.71 4.39 -4.91
N PHE A 23 -9.82 3.07 -4.77
CA PHE A 23 -8.65 2.24 -4.54
C PHE A 23 -7.78 2.18 -5.79
N THR A 24 -8.43 2.22 -6.95
CA THR A 24 -7.74 2.22 -8.23
C THR A 24 -6.95 3.52 -8.41
N LEU A 25 -7.50 4.60 -7.87
CA LEU A 25 -6.81 5.88 -7.86
C LEU A 25 -5.50 5.74 -7.07
N GLY A 26 -5.59 5.08 -5.92
CA GLY A 26 -4.42 4.85 -5.09
C GLY A 26 -3.34 4.09 -5.82
N LYS A 27 -3.75 3.06 -6.56
CA LYS A 27 -2.82 2.31 -7.39
C LYS A 27 -2.12 3.24 -8.38
N THR A 28 -2.92 4.05 -9.05
CA THR A 28 -2.43 4.92 -10.09
C THR A 28 -1.45 5.95 -9.54
N TYR A 29 -1.70 6.42 -8.32
CA TYR A 29 -0.77 7.33 -7.66
C TYR A 29 0.57 6.64 -7.45
N ALA A 30 0.53 5.42 -6.94
CA ALA A 30 1.74 4.69 -6.61
C ALA A 30 2.55 4.34 -7.85
N GLU A 31 1.85 3.92 -8.89
CA GLU A 31 2.49 3.58 -10.16
C GLU A 31 3.11 4.82 -10.81
N HIS A 32 2.51 5.97 -10.55
CA HIS A 32 3.01 7.23 -11.07
C HIS A 32 4.03 7.86 -10.13
N GLU A 33 4.37 7.13 -9.05
CA GLU A 33 5.33 7.58 -8.05
C GLU A 33 4.82 8.82 -7.31
N GLN A 34 3.50 8.95 -7.27
CA GLN A 34 2.84 10.07 -6.59
C GLN A 34 2.37 9.64 -5.21
N PHE A 35 3.27 8.95 -4.49
CA PHE A 35 2.95 8.33 -3.21
C PHE A 35 2.30 9.32 -2.23
N ASP A 36 2.80 10.55 -2.21
CA ASP A 36 2.30 11.58 -1.29
C ASP A 36 0.79 11.76 -1.46
N ALA A 37 0.35 11.74 -2.69
CA ALA A 37 -1.05 11.95 -3.03
C ALA A 37 -1.89 10.73 -2.68
N ALA A 38 -1.25 9.57 -2.68
CA ALA A 38 -1.94 8.32 -2.37
C ALA A 38 -2.35 8.25 -0.91
N LEU A 39 -1.48 8.75 -0.03
CA LEU A 39 -1.68 8.63 1.43
C LEU A 39 -3.07 9.09 1.89
N PRO A 40 -3.51 10.33 1.57
CA PRO A 40 -4.83 10.82 2.01
C PRO A 40 -5.97 9.99 1.45
N HIS A 41 -5.85 9.56 0.21
CA HIS A 41 -6.91 8.79 -0.44
C HIS A 41 -7.01 7.38 0.15
N LEU A 42 -5.85 6.77 0.42
CA LEU A 42 -5.82 5.43 0.98
C LEU A 42 -6.29 5.43 2.43
N ARG A 43 -5.90 6.46 3.17
CA ARG A 43 -6.31 6.59 4.57
C ARG A 43 -7.83 6.74 4.66
N ALA A 44 -8.41 7.45 3.70
CA ALA A 44 -9.85 7.65 3.66
C ALA A 44 -10.58 6.36 3.30
N ALA A 45 -10.05 5.64 2.31
CA ALA A 45 -10.64 4.38 1.90
C ALA A 45 -10.67 3.37 3.05
N LEU A 46 -9.54 3.25 3.74
CA LEU A 46 -9.43 2.37 4.89
C LEU A 46 -10.28 2.86 6.05
N ASP A 47 -10.57 4.14 6.07
CA ASP A 47 -11.38 4.72 7.14
C ASP A 47 -12.82 4.25 7.02
N PHE A 48 -13.28 4.08 5.79
CA PHE A 48 -14.64 3.59 5.53
C PHE A 48 -14.70 2.07 5.66
N ASP A 49 -13.72 1.39 5.08
CA ASP A 49 -13.70 -0.08 5.11
C ASP A 49 -12.26 -0.58 5.25
N PRO A 50 -11.79 -0.71 6.51
CA PRO A 50 -10.40 -1.02 6.83
C PRO A 50 -10.01 -2.47 6.52
N THR A 51 -10.98 -3.28 6.15
CA THR A 51 -10.73 -4.69 5.93
C THR A 51 -10.49 -5.00 4.44
N TYR A 52 -10.25 -3.95 3.66
CA TYR A 52 -9.93 -4.13 2.25
C TYR A 52 -8.50 -4.64 2.10
N SER A 53 -8.35 -5.96 2.07
CA SER A 53 -7.08 -6.66 2.06
C SER A 53 -6.10 -6.12 1.01
N VAL A 54 -6.62 -5.73 -0.15
CA VAL A 54 -5.79 -5.24 -1.24
C VAL A 54 -5.03 -3.98 -0.80
N ALA A 55 -5.70 -3.11 -0.05
CA ALA A 55 -5.13 -1.84 0.36
C ALA A 55 -4.00 -2.04 1.37
N TRP A 56 -4.08 -3.12 2.14
CA TRP A 56 -3.05 -3.42 3.15
C TRP A 56 -1.67 -3.53 2.51
N LYS A 57 -1.62 -4.26 1.39
CA LYS A 57 -0.39 -4.49 0.66
C LYS A 57 0.18 -3.18 0.11
N TRP A 58 -0.69 -2.37 -0.50
CA TRP A 58 -0.27 -1.13 -1.12
C TRP A 58 0.20 -0.12 -0.09
N LEU A 59 -0.54 -0.03 1.03
CA LEU A 59 -0.20 0.90 2.10
C LEU A 59 1.21 0.63 2.59
N GLY A 60 1.50 -0.63 2.88
CA GLY A 60 2.82 -1.00 3.38
C GLY A 60 3.91 -0.79 2.36
N LYS A 61 3.60 -1.07 1.09
CA LYS A 61 4.57 -0.97 0.03
C LYS A 61 4.93 0.50 -0.26
N THR A 62 4.01 1.39 0.09
CA THR A 62 4.21 2.82 -0.12
C THR A 62 5.46 3.31 0.61
N LEU A 63 5.69 2.79 1.81
CA LEU A 63 6.87 3.14 2.60
C LEU A 63 8.15 2.78 1.84
N GLN A 64 8.15 1.60 1.21
CA GLN A 64 9.29 1.15 0.43
C GLN A 64 9.55 2.09 -0.73
N GLY A 65 8.47 2.48 -1.40
CA GLY A 65 8.57 3.42 -2.52
C GLY A 65 8.99 4.80 -2.07
N GLN A 66 8.67 5.15 -0.83
CA GLN A 66 9.05 6.43 -0.26
C GLN A 66 10.52 6.40 0.15
N GLY A 67 10.97 5.27 0.66
CA GLY A 67 12.35 5.15 1.09
C GLY A 67 12.48 4.65 2.51
N ASP A 68 11.34 4.43 3.17
CA ASP A 68 11.34 3.97 4.55
C ASP A 68 11.20 2.46 4.61
N ARG A 69 12.33 1.78 4.59
CA ARG A 69 12.36 0.33 4.67
C ARG A 69 11.85 -0.17 6.03
N ALA A 70 12.13 0.62 7.07
CA ALA A 70 11.71 0.27 8.42
C ALA A 70 10.20 0.36 8.54
N GLY A 71 9.63 1.45 8.04
CA GLY A 71 8.20 1.62 8.04
C GLY A 71 7.50 0.56 7.23
N ALA A 72 8.11 0.17 6.12
CA ALA A 72 7.56 -0.88 5.27
C ALA A 72 7.50 -2.20 6.01
N ARG A 73 8.60 -2.55 6.67
CA ARG A 73 8.67 -3.80 7.44
C ARG A 73 7.59 -3.84 8.50
N GLN A 74 7.50 -2.77 9.30
CA GLN A 74 6.54 -2.70 10.40
C GLN A 74 5.10 -2.71 9.87
N ALA A 75 4.89 -2.05 8.74
CA ALA A 75 3.56 -2.01 8.13
C ALA A 75 3.15 -3.39 7.62
N TRP A 76 4.07 -4.07 6.97
CA TRP A 76 3.78 -5.39 6.41
C TRP A 76 3.54 -6.42 7.51
N GLU A 77 4.28 -6.32 8.61
CA GLU A 77 4.06 -7.20 9.76
C GLU A 77 2.66 -6.99 10.31
N SER A 78 2.20 -5.74 10.32
CA SER A 78 0.87 -5.42 10.80
C SER A 78 -0.19 -5.89 9.80
N GLY A 79 0.10 -5.71 8.53
CA GLY A 79 -0.82 -6.12 7.48
C GLY A 79 -0.90 -7.64 7.35
N LEU A 80 0.20 -8.31 7.63
CA LEU A 80 0.26 -9.76 7.56
C LEU A 80 -0.74 -10.39 8.52
N ALA A 81 -0.68 -9.94 9.76
CA ALA A 81 -1.62 -10.41 10.79
C ALA A 81 -3.05 -10.07 10.42
N ALA A 82 -3.24 -8.94 9.75
CA ALA A 82 -4.57 -8.56 9.28
C ALA A 82 -5.05 -9.56 8.23
N ALA A 83 -4.18 -9.87 7.28
CA ALA A 83 -4.51 -10.82 6.23
C ALA A 83 -4.73 -12.21 6.81
N GLN A 84 -3.88 -12.58 7.76
CA GLN A 84 -4.02 -13.85 8.48
C GLN A 84 -5.37 -13.92 9.20
N SER A 85 -5.69 -12.85 9.92
CA SER A 85 -6.96 -12.79 10.67
C SER A 85 -8.17 -12.89 9.76
N ARG A 86 -8.09 -12.24 8.59
CA ARG A 86 -9.21 -12.23 7.65
C ARG A 86 -9.20 -13.43 6.72
N GLY A 87 -8.10 -14.17 6.71
CA GLY A 87 -8.04 -15.39 5.92
C GLY A 87 -7.68 -15.14 4.47
N ASP A 88 -7.06 -14.01 4.21
CA ASP A 88 -6.58 -13.69 2.87
C ASP A 88 -5.20 -14.28 2.68
N GLN A 89 -5.18 -15.59 2.50
CA GLN A 89 -3.96 -16.36 2.41
C GLN A 89 -3.10 -15.92 1.23
N GLN A 90 -3.76 -15.61 0.13
CA GLN A 90 -3.06 -15.12 -1.05
C GLN A 90 -2.23 -13.88 -0.71
N VAL A 91 -2.85 -12.94 -0.02
CA VAL A 91 -2.20 -11.67 0.30
C VAL A 91 -1.01 -11.90 1.23
N VAL A 92 -1.16 -12.83 2.16
CA VAL A 92 -0.08 -13.19 3.07
C VAL A 92 1.14 -13.65 2.28
N LYS A 93 0.94 -14.61 1.39
CA LYS A 93 2.03 -15.18 0.62
C LYS A 93 2.62 -14.16 -0.36
N GLU A 94 1.79 -13.24 -0.84
CA GLU A 94 2.27 -12.18 -1.72
C GLU A 94 3.20 -11.23 -0.96
N LEU A 95 2.76 -10.81 0.22
CA LEU A 95 3.54 -9.88 1.04
C LEU A 95 4.83 -10.53 1.53
N GLN A 96 4.77 -11.81 1.86
CA GLN A 96 5.96 -12.54 2.32
C GLN A 96 7.08 -12.49 1.31
N VAL A 97 6.73 -12.43 0.02
CA VAL A 97 7.73 -12.32 -1.03
C VAL A 97 8.51 -11.02 -0.88
N PHE A 98 7.80 -9.94 -0.61
CA PHE A 98 8.42 -8.63 -0.45
C PHE A 98 9.29 -8.59 0.80
N LEU A 99 8.85 -9.23 1.87
CA LEU A 99 9.58 -9.26 3.13
C LEU A 99 10.99 -9.81 2.96
N ARG A 100 11.14 -10.78 2.06
CA ARG A 100 12.45 -11.40 1.83
C ARG A 100 13.40 -10.39 1.21
N ARG A 101 12.93 -9.70 0.21
CA ARG A 101 13.74 -8.74 -0.52
C ARG A 101 13.99 -7.49 0.33
N LEU A 102 13.00 -7.12 1.13
CA LEU A 102 13.10 -5.99 2.05
C LEU A 102 14.14 -6.29 3.12
N ALA A 103 14.19 -7.55 3.55
CA ALA A 103 15.10 -7.98 4.60
C ALA A 103 16.55 -7.65 4.29
N ARG A 104 16.91 -7.63 3.01
CA ARG A 104 18.29 -7.37 2.59
C ARG A 104 18.76 -6.03 3.15
N GLU A 105 17.91 -5.01 3.04
CA GLU A 105 18.25 -3.68 3.50
C GLU A 105 18.45 -3.65 5.01
N ASP A 106 17.57 -4.36 5.71
CA ASP A 106 17.60 -4.41 7.16
C ASP A 106 18.76 -5.24 7.67
N ALA A 107 18.95 -6.40 7.07
CA ALA A 107 19.99 -7.32 7.47
C ALA A 107 21.38 -6.71 7.30
N LEU A 108 21.64 -6.13 6.13
CA LEU A 108 22.94 -5.54 5.85
C LEU A 108 23.06 -4.14 6.47
N GLU A 109 21.92 -3.48 6.64
CA GLU A 109 21.87 -2.10 7.10
C GLU A 109 22.73 -1.20 6.23
N HIS A 110 22.50 -1.25 4.90
CA HIS A 110 23.27 -0.44 3.96
C HIS A 110 24.75 -0.85 4.00
N HIS A 111 25.00 -2.06 4.51
CA HIS A 111 26.35 -2.60 4.66
C HIS A 111 27.13 -1.82 5.73
N HIS A 112 26.40 -1.20 6.64
CA HIS A 112 27.03 -0.40 7.68
C HIS A 112 26.49 -0.80 9.05
N HIS A 113 26.92 -1.95 9.52
CA HIS A 113 26.60 -2.41 10.87
C HIS A 113 27.35 -1.57 11.91
N HIS A 114 26.89 -1.62 13.14
CA HIS A 114 27.54 -0.86 14.21
C HIS A 114 27.99 -1.79 15.33
N HIS A 115 29.24 -2.22 15.24
CA HIS A 115 29.84 -3.06 16.29
C HIS A 115 31.28 -2.64 16.53
N MET A 1 -5.52 15.47 -21.14
CA MET A 1 -5.60 14.69 -19.89
C MET A 1 -4.50 13.63 -19.88
N GLN A 2 -4.02 13.28 -18.69
CA GLN A 2 -2.98 12.27 -18.58
C GLN A 2 -3.28 11.34 -17.42
N ALA A 3 -2.94 10.08 -17.61
CA ALA A 3 -3.19 9.03 -16.63
C ALA A 3 -4.68 8.78 -16.42
N ILE A 4 -4.99 7.59 -15.96
CA ILE A 4 -6.36 7.22 -15.63
C ILE A 4 -6.80 7.95 -14.36
N THR A 5 -5.81 8.44 -13.62
CA THR A 5 -6.03 9.13 -12.35
C THR A 5 -6.98 10.33 -12.52
N GLU A 6 -6.74 11.15 -13.53
CA GLU A 6 -7.51 12.37 -13.73
C GLU A 6 -8.95 12.07 -14.11
N ARG A 7 -9.15 11.10 -14.98
CA ARG A 7 -10.49 10.80 -15.46
C ARG A 7 -11.34 10.13 -14.39
N LEU A 8 -10.70 9.36 -13.51
CA LEU A 8 -11.41 8.71 -12.42
C LEU A 8 -12.02 9.73 -11.47
N GLU A 9 -11.19 10.68 -11.01
CA GLU A 9 -11.66 11.75 -10.12
C GLU A 9 -12.78 12.56 -10.76
N ALA A 10 -12.71 12.72 -12.08
CA ALA A 10 -13.72 13.47 -12.81
C ALA A 10 -15.06 12.74 -12.82
N MET A 11 -15.01 11.41 -12.76
CA MET A 11 -16.20 10.57 -12.84
C MET A 11 -17.14 10.82 -11.67
N LEU A 12 -16.58 11.23 -10.53
CA LEU A 12 -17.37 11.51 -9.34
C LEU A 12 -18.33 12.67 -9.59
N ALA A 13 -17.92 13.59 -10.45
CA ALA A 13 -18.70 14.79 -10.74
C ALA A 13 -19.97 14.45 -11.52
N GLN A 14 -20.02 13.26 -12.08
CA GLN A 14 -21.21 12.81 -12.80
C GLN A 14 -22.30 12.35 -11.84
N GLY A 15 -22.05 12.50 -10.54
CA GLY A 15 -23.08 12.23 -9.55
C GLY A 15 -22.90 10.89 -8.86
N THR A 16 -21.68 10.47 -8.67
CA THR A 16 -21.40 9.22 -7.96
C THR A 16 -20.02 9.24 -7.32
N ASP A 17 -19.96 9.57 -6.05
CA ASP A 17 -18.73 9.48 -5.29
C ASP A 17 -18.66 8.13 -4.60
N ASN A 18 -17.97 7.20 -5.24
CA ASN A 18 -17.89 5.84 -4.74
C ASN A 18 -16.49 5.57 -4.21
N MET A 19 -16.42 4.75 -3.20
CA MET A 19 -15.17 4.52 -2.49
C MET A 19 -14.31 3.53 -3.27
N LEU A 20 -14.95 2.60 -3.96
CA LEU A 20 -14.24 1.60 -4.75
C LEU A 20 -13.52 2.26 -5.91
N LEU A 21 -14.12 3.32 -6.43
CA LEU A 21 -13.51 4.09 -7.51
C LEU A 21 -12.22 4.72 -7.02
N ARG A 22 -12.26 5.31 -5.83
CA ARG A 22 -11.08 5.95 -5.26
C ARG A 22 -10.10 4.92 -4.72
N PHE A 23 -10.56 3.69 -4.49
CA PHE A 23 -9.64 2.59 -4.20
C PHE A 23 -8.76 2.32 -5.40
N THR A 24 -9.37 2.35 -6.59
CA THR A 24 -8.62 2.18 -7.83
C THR A 24 -7.61 3.31 -7.99
N LEU A 25 -8.03 4.51 -7.60
CA LEU A 25 -7.15 5.68 -7.64
C LEU A 25 -5.91 5.48 -6.77
N GLY A 26 -6.12 4.99 -5.54
CA GLY A 26 -5.01 4.75 -4.63
C GLY A 26 -4.00 3.79 -5.22
N LYS A 27 -4.52 2.74 -5.83
CA LYS A 27 -3.69 1.74 -6.51
C LYS A 27 -2.94 2.38 -7.68
N THR A 28 -3.62 3.25 -8.41
CA THR A 28 -3.04 3.91 -9.56
C THR A 28 -1.96 4.92 -9.14
N TYR A 29 -2.17 5.59 -8.00
CA TYR A 29 -1.20 6.54 -7.46
C TYR A 29 0.16 5.88 -7.27
N ALA A 30 0.15 4.69 -6.67
CA ALA A 30 1.38 3.99 -6.35
C ALA A 30 2.12 3.54 -7.60
N GLU A 31 1.37 3.19 -8.63
CA GLU A 31 1.97 2.72 -9.87
C GLU A 31 2.70 3.84 -10.59
N HIS A 32 2.17 5.06 -10.46
CA HIS A 32 2.74 6.21 -11.12
C HIS A 32 3.73 6.92 -10.21
N GLU A 33 4.08 6.25 -9.11
CA GLU A 33 5.07 6.75 -8.15
C GLU A 33 4.58 8.04 -7.49
N GLN A 34 3.26 8.19 -7.38
CA GLN A 34 2.68 9.36 -6.75
C GLN A 34 2.33 9.03 -5.30
N PHE A 35 3.29 8.39 -4.63
CA PHE A 35 3.11 7.88 -3.27
C PHE A 35 2.79 8.99 -2.28
N ASP A 36 3.32 10.17 -2.51
CA ASP A 36 3.12 11.30 -1.60
C ASP A 36 1.64 11.63 -1.50
N ALA A 37 0.99 11.67 -2.65
CA ALA A 37 -0.44 11.96 -2.74
C ALA A 37 -1.25 10.75 -2.28
N ALA A 38 -0.68 9.58 -2.48
CA ALA A 38 -1.33 8.32 -2.13
C ALA A 38 -1.50 8.16 -0.62
N LEU A 39 -0.50 8.61 0.14
CA LEU A 39 -0.47 8.39 1.59
C LEU A 39 -1.78 8.78 2.30
N PRO A 40 -2.30 10.01 2.13
CA PRO A 40 -3.56 10.41 2.75
C PRO A 40 -4.76 9.73 2.10
N HIS A 41 -4.63 9.48 0.80
CA HIS A 41 -5.69 8.88 0.02
C HIS A 41 -5.93 7.43 0.46
N LEU A 42 -4.85 6.73 0.80
CA LEU A 42 -4.94 5.36 1.29
C LEU A 42 -5.54 5.31 2.69
N ARG A 43 -5.10 6.21 3.56
CA ARG A 43 -5.60 6.26 4.93
C ARG A 43 -7.11 6.52 4.94
N ALA A 44 -7.57 7.37 4.03
CA ALA A 44 -8.98 7.68 3.90
C ALA A 44 -9.75 6.47 3.39
N ALA A 45 -9.13 5.71 2.50
CA ALA A 45 -9.77 4.54 1.91
C ALA A 45 -9.98 3.45 2.97
N LEU A 46 -8.95 3.23 3.78
CA LEU A 46 -9.00 2.24 4.86
C LEU A 46 -10.04 2.63 5.91
N ASP A 47 -10.31 3.92 6.01
CA ASP A 47 -11.29 4.43 6.97
C ASP A 47 -12.68 3.96 6.59
N PHE A 48 -12.96 3.93 5.29
CA PHE A 48 -14.25 3.51 4.78
C PHE A 48 -14.37 1.99 4.72
N ASP A 49 -13.33 1.33 4.26
CA ASP A 49 -13.34 -0.13 4.16
C ASP A 49 -11.96 -0.71 4.42
N PRO A 50 -11.64 -0.97 5.69
CA PRO A 50 -10.34 -1.52 6.09
C PRO A 50 -10.21 -3.00 5.71
N THR A 51 -11.29 -3.57 5.19
CA THR A 51 -11.31 -4.98 4.83
C THR A 51 -10.94 -5.21 3.37
N TYR A 52 -10.43 -4.18 2.71
CA TYR A 52 -9.97 -4.33 1.34
C TYR A 52 -8.56 -4.91 1.33
N SER A 53 -8.50 -6.23 1.20
CA SER A 53 -7.25 -6.99 1.26
C SER A 53 -6.17 -6.45 0.33
N VAL A 54 -6.57 -6.06 -0.88
CA VAL A 54 -5.61 -5.53 -1.86
C VAL A 54 -4.95 -4.26 -1.36
N ALA A 55 -5.70 -3.45 -0.63
CA ALA A 55 -5.19 -2.19 -0.12
C ALA A 55 -4.08 -2.40 0.89
N TRP A 56 -4.13 -3.53 1.60
CA TRP A 56 -3.11 -3.84 2.61
C TRP A 56 -1.75 -4.00 1.93
N LYS A 57 -1.74 -4.74 0.84
CA LYS A 57 -0.53 -5.05 0.10
C LYS A 57 0.08 -3.77 -0.50
N TRP A 58 -0.77 -2.88 -0.99
CA TRP A 58 -0.30 -1.62 -1.57
C TRP A 58 0.12 -0.62 -0.51
N LEU A 59 -0.49 -0.70 0.67
CA LEU A 59 -0.20 0.24 1.76
C LEU A 59 1.29 0.21 2.10
N GLY A 60 1.83 -0.99 2.25
CA GLY A 60 3.25 -1.13 2.53
C GLY A 60 4.11 -0.60 1.41
N LYS A 61 3.67 -0.84 0.17
CA LYS A 61 4.42 -0.39 -1.00
C LYS A 61 4.40 1.15 -1.09
N THR A 62 3.31 1.74 -0.65
CA THR A 62 3.15 3.19 -0.70
C THR A 62 4.19 3.86 0.21
N LEU A 63 4.38 3.30 1.41
CA LEU A 63 5.36 3.80 2.34
C LEU A 63 6.78 3.53 1.82
N GLN A 64 6.96 2.36 1.23
CA GLN A 64 8.25 1.96 0.68
C GLN A 64 8.72 2.93 -0.41
N GLY A 65 7.82 3.22 -1.34
CA GLY A 65 8.17 4.07 -2.46
C GLY A 65 8.33 5.53 -2.07
N GLN A 66 7.77 5.90 -0.93
CA GLN A 66 7.83 7.28 -0.47
C GLN A 66 9.25 7.61 0.02
N GLY A 67 9.95 6.62 0.54
CA GLY A 67 11.34 6.82 0.90
C GLY A 67 11.72 6.19 2.24
N ASP A 68 10.74 5.73 3.01
CA ASP A 68 11.03 5.15 4.31
C ASP A 68 10.72 3.67 4.35
N ARG A 69 11.78 2.88 4.34
CA ARG A 69 11.70 1.43 4.40
C ARG A 69 11.11 0.96 5.73
N ALA A 70 11.31 1.75 6.79
CA ALA A 70 10.93 1.35 8.14
C ALA A 70 9.42 1.25 8.29
N GLY A 71 8.72 2.29 7.86
CA GLY A 71 7.27 2.28 7.89
C GLY A 71 6.70 1.18 7.01
N ALA A 72 7.33 0.97 5.86
CA ALA A 72 6.92 -0.07 4.93
C ALA A 72 7.04 -1.45 5.58
N ARG A 73 8.18 -1.71 6.21
CA ARG A 73 8.41 -2.97 6.90
C ARG A 73 7.32 -3.20 7.95
N GLN A 74 7.11 -2.19 8.78
CA GLN A 74 6.12 -2.27 9.84
C GLN A 74 4.72 -2.52 9.26
N ALA A 75 4.42 -1.84 8.17
CA ALA A 75 3.13 -1.99 7.50
C ALA A 75 2.93 -3.41 6.99
N TRP A 76 3.95 -3.96 6.34
CA TRP A 76 3.87 -5.30 5.77
C TRP A 76 3.74 -6.35 6.87
N GLU A 77 4.58 -6.25 7.90
CA GLU A 77 4.54 -7.20 9.00
C GLU A 77 3.20 -7.14 9.74
N SER A 78 2.63 -5.96 9.83
CA SER A 78 1.32 -5.80 10.45
C SER A 78 0.21 -6.32 9.53
N GLY A 79 0.30 -5.95 8.26
CA GLY A 79 -0.71 -6.37 7.29
C GLY A 79 -0.72 -7.87 7.07
N LEU A 80 0.40 -8.51 7.36
CA LEU A 80 0.52 -9.96 7.27
C LEU A 80 -0.52 -10.62 8.16
N ALA A 81 -0.64 -10.10 9.37
CA ALA A 81 -1.61 -10.61 10.33
C ALA A 81 -3.04 -10.35 9.87
N ALA A 82 -3.24 -9.25 9.15
CA ALA A 82 -4.54 -8.94 8.58
C ALA A 82 -4.90 -10.00 7.52
N ALA A 83 -3.93 -10.34 6.69
CA ALA A 83 -4.10 -11.37 5.68
C ALA A 83 -4.31 -12.73 6.34
N GLN A 84 -3.52 -13.02 7.37
CA GLN A 84 -3.69 -14.23 8.16
C GLN A 84 -5.08 -14.32 8.76
N SER A 85 -5.54 -13.20 9.32
CA SER A 85 -6.86 -13.13 9.93
C SER A 85 -7.97 -13.47 8.93
N ARG A 86 -7.73 -13.20 7.66
CA ARG A 86 -8.71 -13.47 6.62
C ARG A 86 -8.45 -14.83 5.96
N GLY A 87 -7.27 -15.38 6.21
CA GLY A 87 -6.93 -16.70 5.68
C GLY A 87 -6.34 -16.65 4.28
N ASP A 88 -5.85 -15.48 3.89
CA ASP A 88 -5.30 -15.31 2.54
C ASP A 88 -3.83 -15.62 2.51
N GLN A 89 -3.52 -16.92 2.47
CA GLN A 89 -2.15 -17.39 2.42
C GLN A 89 -1.41 -16.83 1.21
N GLN A 90 -2.10 -16.70 0.08
CA GLN A 90 -1.54 -16.11 -1.12
C GLN A 90 -1.02 -14.71 -0.83
N VAL A 91 -1.85 -13.90 -0.16
CA VAL A 91 -1.48 -12.52 0.14
C VAL A 91 -0.31 -12.49 1.12
N VAL A 92 -0.33 -13.42 2.07
CA VAL A 92 0.76 -13.56 3.03
C VAL A 92 2.08 -13.82 2.30
N LYS A 93 2.04 -14.72 1.32
CA LYS A 93 3.22 -15.05 0.55
C LYS A 93 3.68 -13.86 -0.30
N GLU A 94 2.74 -13.16 -0.92
CA GLU A 94 3.05 -12.00 -1.73
C GLU A 94 3.75 -10.93 -0.90
N LEU A 95 3.16 -10.61 0.25
CA LEU A 95 3.72 -9.60 1.14
C LEU A 95 5.04 -10.05 1.75
N GLN A 96 5.17 -11.35 1.98
CA GLN A 96 6.38 -11.92 2.54
C GLN A 96 7.58 -11.65 1.64
N VAL A 97 7.36 -11.74 0.33
CA VAL A 97 8.44 -11.54 -0.64
C VAL A 97 9.05 -10.16 -0.50
N PHE A 98 8.22 -9.15 -0.23
CA PHE A 98 8.70 -7.80 -0.04
C PHE A 98 9.62 -7.72 1.17
N LEU A 99 9.20 -8.35 2.26
CA LEU A 99 9.94 -8.31 3.52
C LEU A 99 11.33 -8.93 3.38
N ARG A 100 11.45 -9.95 2.55
CA ARG A 100 12.71 -10.67 2.40
C ARG A 100 13.74 -9.78 1.72
N ARG A 101 13.30 -9.11 0.67
CA ARG A 101 14.16 -8.18 -0.04
C ARG A 101 14.42 -6.92 0.80
N LEU A 102 13.38 -6.44 1.47
CA LEU A 102 13.49 -5.24 2.28
C LEU A 102 14.46 -5.45 3.43
N ALA A 103 14.39 -6.61 4.08
CA ALA A 103 15.23 -6.94 5.22
C ALA A 103 16.71 -6.80 4.89
N ARG A 104 17.06 -7.05 3.64
CA ARG A 104 18.45 -6.97 3.19
C ARG A 104 19.00 -5.55 3.40
N GLU A 105 18.25 -4.55 2.98
CA GLU A 105 18.61 -3.16 3.20
C GLU A 105 18.34 -2.75 4.64
N ASP A 106 17.22 -3.24 5.18
CA ASP A 106 16.74 -2.87 6.52
C ASP A 106 17.73 -3.28 7.60
N ALA A 107 18.36 -4.42 7.41
CA ALA A 107 19.36 -4.91 8.35
C ALA A 107 20.50 -3.91 8.52
N LEU A 108 20.91 -3.30 7.41
CA LEU A 108 22.01 -2.34 7.41
C LEU A 108 21.54 -0.95 7.86
N GLU A 109 20.47 -0.47 7.23
CA GLU A 109 19.93 0.89 7.47
C GLU A 109 20.90 1.98 7.02
N HIS A 110 22.07 1.57 6.56
CA HIS A 110 23.15 2.51 6.28
C HIS A 110 23.38 2.68 4.79
N HIS A 111 22.98 1.69 4.03
CA HIS A 111 23.35 1.62 2.62
C HIS A 111 22.42 2.46 1.73
N HIS A 112 21.41 3.10 2.29
CA HIS A 112 20.40 3.74 1.45
C HIS A 112 20.60 5.25 1.28
N HIS A 113 21.60 5.84 1.95
CA HIS A 113 21.97 7.25 1.66
C HIS A 113 23.19 7.74 2.45
N HIS A 114 24.13 6.85 2.77
CA HIS A 114 25.35 7.28 3.45
C HIS A 114 26.43 6.20 3.39
N HIS A 115 27.68 6.63 3.41
CA HIS A 115 28.80 5.72 3.52
C HIS A 115 29.67 6.13 4.71
N MET A 1 -6.38 6.67 -24.86
CA MET A 1 -6.46 7.80 -23.91
C MET A 1 -5.71 7.45 -22.62
N GLN A 2 -4.87 8.37 -22.18
CA GLN A 2 -4.05 8.15 -21.00
C GLN A 2 -4.60 8.91 -19.81
N ALA A 3 -3.86 8.85 -18.70
CA ALA A 3 -4.24 9.52 -17.46
C ALA A 3 -5.60 9.03 -16.96
N ILE A 4 -5.64 7.74 -16.63
CA ILE A 4 -6.85 7.10 -16.15
C ILE A 4 -7.39 7.80 -14.90
N THR A 5 -6.49 8.22 -14.04
CA THR A 5 -6.86 8.90 -12.79
C THR A 5 -7.67 10.17 -13.08
N GLU A 6 -7.33 10.85 -14.16
CA GLU A 6 -7.96 12.12 -14.49
C GLU A 6 -9.43 11.94 -14.81
N ARG A 7 -9.73 10.98 -15.68
CA ARG A 7 -11.11 10.72 -16.06
C ARG A 7 -11.90 10.18 -14.87
N LEU A 8 -11.21 9.44 -14.00
CA LEU A 8 -11.84 8.93 -12.78
C LEU A 8 -12.19 10.08 -11.83
N GLU A 9 -11.26 11.01 -11.65
CA GLU A 9 -11.49 12.18 -10.80
C GLU A 9 -12.63 13.01 -11.38
N ALA A 10 -12.71 13.06 -12.71
CA ALA A 10 -13.76 13.79 -13.39
C ALA A 10 -15.14 13.18 -13.12
N MET A 11 -15.25 11.87 -13.30
CA MET A 11 -16.51 11.18 -13.09
C MET A 11 -16.87 11.17 -11.60
N LEU A 12 -15.86 11.19 -10.75
CA LEU A 12 -16.07 11.24 -9.31
C LEU A 12 -16.78 12.55 -8.96
N ALA A 13 -16.36 13.64 -9.61
CA ALA A 13 -16.95 14.95 -9.40
C ALA A 13 -18.31 15.07 -10.09
N GLN A 14 -18.64 14.09 -10.91
CA GLN A 14 -19.93 14.04 -11.59
C GLN A 14 -20.97 13.33 -10.73
N GLY A 15 -20.52 12.80 -9.60
CA GLY A 15 -21.41 12.07 -8.72
C GLY A 15 -21.09 10.60 -8.69
N THR A 16 -19.82 10.26 -8.49
CA THR A 16 -19.41 8.87 -8.38
C THR A 16 -18.56 8.68 -7.14
N ASP A 17 -19.23 8.36 -6.04
CA ASP A 17 -18.57 8.19 -4.76
C ASP A 17 -18.50 6.71 -4.40
N ASN A 18 -17.43 6.06 -4.82
CA ASN A 18 -17.26 4.63 -4.58
C ASN A 18 -16.02 4.36 -3.75
N MET A 19 -16.02 3.21 -3.10
CA MET A 19 -14.89 2.78 -2.29
C MET A 19 -13.73 2.35 -3.18
N LEU A 20 -14.04 1.49 -4.14
CA LEU A 20 -13.03 0.91 -5.03
C LEU A 20 -12.32 2.01 -5.82
N LEU A 21 -13.09 2.98 -6.31
CA LEU A 21 -12.55 4.05 -7.14
C LEU A 21 -11.47 4.84 -6.37
N ARG A 22 -11.69 5.02 -5.07
CA ARG A 22 -10.73 5.73 -4.22
C ARG A 22 -9.37 5.02 -4.24
N PHE A 23 -9.41 3.70 -4.22
CA PHE A 23 -8.20 2.89 -4.29
C PHE A 23 -7.56 2.98 -5.67
N THR A 24 -8.38 2.91 -6.71
CA THR A 24 -7.89 2.95 -8.08
C THR A 24 -7.06 4.21 -8.34
N LEU A 25 -7.53 5.35 -7.82
CA LEU A 25 -6.80 6.59 -7.93
C LEU A 25 -5.44 6.47 -7.25
N GLY A 26 -5.44 5.97 -6.01
CA GLY A 26 -4.22 5.83 -5.25
C GLY A 26 -3.24 4.87 -5.90
N LYS A 27 -3.75 3.76 -6.42
CA LYS A 27 -2.94 2.79 -7.13
C LYS A 27 -2.26 3.42 -8.33
N THR A 28 -2.99 4.28 -9.02
CA THR A 28 -2.48 4.98 -10.19
C THR A 28 -1.35 5.93 -9.79
N TYR A 29 -1.55 6.67 -8.71
CA TYR A 29 -0.53 7.56 -8.20
C TYR A 29 0.70 6.76 -7.75
N ALA A 30 0.43 5.66 -7.05
CA ALA A 30 1.49 4.84 -6.49
C ALA A 30 2.37 4.25 -7.59
N GLU A 31 1.74 3.75 -8.64
CA GLU A 31 2.44 3.24 -9.80
C GLU A 31 3.32 4.31 -10.42
N HIS A 32 2.84 5.55 -10.41
CA HIS A 32 3.54 6.65 -11.03
C HIS A 32 4.46 7.36 -10.05
N GLU A 33 4.83 6.65 -8.98
CA GLU A 33 5.84 7.10 -8.03
C GLU A 33 5.32 8.28 -7.19
N GLN A 34 4.00 8.41 -7.17
CA GLN A 34 3.34 9.45 -6.38
C GLN A 34 2.72 8.83 -5.12
N PHE A 35 3.52 8.00 -4.45
CA PHE A 35 3.07 7.28 -3.25
C PHE A 35 2.49 8.24 -2.22
N ASP A 36 3.09 9.42 -2.14
CA ASP A 36 2.64 10.47 -1.22
C ASP A 36 1.16 10.77 -1.38
N ALA A 37 0.73 10.95 -2.62
CA ALA A 37 -0.64 11.31 -2.92
C ALA A 37 -1.59 10.16 -2.61
N ALA A 38 -1.10 8.95 -2.73
CA ALA A 38 -1.89 7.75 -2.46
C ALA A 38 -2.17 7.57 -0.97
N LEU A 39 -1.18 7.92 -0.14
CA LEU A 39 -1.22 7.64 1.30
C LEU A 39 -2.52 8.08 1.99
N PRO A 40 -2.93 9.37 1.86
CA PRO A 40 -4.14 9.85 2.53
C PRO A 40 -5.41 9.25 1.95
N HIS A 41 -5.38 8.99 0.66
CA HIS A 41 -6.55 8.48 -0.05
C HIS A 41 -6.85 7.04 0.35
N LEU A 42 -5.79 6.24 0.45
CA LEU A 42 -5.93 4.85 0.85
C LEU A 42 -6.27 4.75 2.33
N ARG A 43 -5.64 5.60 3.15
CA ARG A 43 -5.89 5.60 4.58
C ARG A 43 -7.35 5.95 4.87
N ALA A 44 -7.88 6.92 4.13
CA ALA A 44 -9.27 7.34 4.29
C ALA A 44 -10.23 6.21 3.92
N ALA A 45 -9.92 5.51 2.85
CA ALA A 45 -10.74 4.40 2.38
C ALA A 45 -10.66 3.21 3.33
N LEU A 46 -9.45 2.87 3.73
CA LEU A 46 -9.22 1.76 4.67
C LEU A 46 -9.84 2.05 6.02
N ASP A 47 -9.98 3.33 6.32
CA ASP A 47 -10.62 3.77 7.55
C ASP A 47 -12.05 3.26 7.64
N PHE A 48 -12.77 3.40 6.53
CA PHE A 48 -14.17 2.98 6.47
C PHE A 48 -14.29 1.46 6.34
N ASP A 49 -13.47 0.86 5.48
CA ASP A 49 -13.54 -0.57 5.25
C ASP A 49 -12.17 -1.13 4.91
N PRO A 50 -11.42 -1.54 5.93
CA PRO A 50 -10.04 -2.04 5.77
C PRO A 50 -9.97 -3.41 5.12
N THR A 51 -11.13 -4.00 4.82
CA THR A 51 -11.21 -5.36 4.31
C THR A 51 -10.65 -5.48 2.88
N TYR A 52 -10.32 -4.34 2.26
CA TYR A 52 -9.76 -4.33 0.91
C TYR A 52 -8.35 -4.93 0.92
N SER A 53 -8.28 -6.23 0.64
CA SER A 53 -7.05 -7.00 0.74
C SER A 53 -5.95 -6.49 -0.19
N VAL A 54 -6.34 -6.00 -1.36
CA VAL A 54 -5.38 -5.50 -2.33
C VAL A 54 -4.63 -4.29 -1.77
N ALA A 55 -5.34 -3.48 -1.01
CA ALA A 55 -4.79 -2.24 -0.47
C ALA A 55 -3.68 -2.51 0.52
N TRP A 56 -3.73 -3.65 1.20
CA TRP A 56 -2.74 -4.00 2.21
C TRP A 56 -1.33 -4.02 1.60
N LYS A 57 -1.21 -4.69 0.46
CA LYS A 57 0.06 -4.81 -0.23
C LYS A 57 0.54 -3.45 -0.75
N TRP A 58 -0.40 -2.62 -1.20
CA TRP A 58 -0.07 -1.30 -1.72
C TRP A 58 0.26 -0.32 -0.59
N LEU A 59 -0.35 -0.52 0.57
CA LEU A 59 -0.15 0.36 1.71
C LEU A 59 1.31 0.33 2.16
N GLY A 60 1.88 -0.86 2.20
CA GLY A 60 3.29 -1.00 2.54
C GLY A 60 4.18 -0.34 1.51
N LYS A 61 3.81 -0.48 0.24
CA LYS A 61 4.57 0.11 -0.86
C LYS A 61 4.57 1.63 -0.78
N THR A 62 3.42 2.21 -0.46
CA THR A 62 3.27 3.65 -0.45
C THR A 62 4.02 4.29 0.73
N LEU A 63 3.94 3.66 1.89
CA LEU A 63 4.69 4.15 3.05
C LEU A 63 6.18 3.93 2.87
N GLN A 64 6.53 2.87 2.14
CA GLN A 64 7.91 2.58 1.82
C GLN A 64 8.51 3.68 0.95
N GLY A 65 7.79 4.02 -0.11
CA GLY A 65 8.25 5.04 -1.03
C GLY A 65 9.53 4.64 -1.74
N GLN A 66 9.81 3.33 -1.73
CA GLN A 66 11.00 2.76 -2.35
C GLN A 66 12.27 3.21 -1.61
N GLY A 67 12.11 3.69 -0.38
CA GLY A 67 13.27 4.16 0.38
C GLY A 67 13.15 3.96 1.88
N ASP A 68 11.97 4.21 2.43
CA ASP A 68 11.78 4.18 3.87
C ASP A 68 11.35 2.79 4.33
N ARG A 69 12.33 2.05 4.82
CA ARG A 69 12.10 0.70 5.34
C ARG A 69 11.21 0.71 6.59
N ALA A 70 11.28 1.79 7.36
CA ALA A 70 10.55 1.85 8.63
C ALA A 70 9.04 1.88 8.40
N GLY A 71 8.59 2.77 7.53
CA GLY A 71 7.18 2.85 7.21
C GLY A 71 6.71 1.59 6.54
N ALA A 72 7.57 1.01 5.73
CA ALA A 72 7.29 -0.25 5.05
C ALA A 72 7.04 -1.36 6.07
N ARG A 73 7.94 -1.50 7.03
CA ARG A 73 7.81 -2.53 8.06
C ARG A 73 6.49 -2.37 8.81
N GLN A 74 6.21 -1.15 9.26
CA GLN A 74 5.02 -0.87 10.03
C GLN A 74 3.77 -1.31 9.28
N ALA A 75 3.71 -0.96 8.01
CA ALA A 75 2.56 -1.29 7.17
C ALA A 75 2.45 -2.79 6.92
N TRP A 76 3.56 -3.42 6.56
CA TRP A 76 3.55 -4.82 6.17
C TRP A 76 3.21 -5.73 7.35
N GLU A 77 3.71 -5.41 8.53
CA GLU A 77 3.37 -6.18 9.72
C GLU A 77 1.88 -6.11 10.00
N SER A 78 1.30 -4.93 9.80
CA SER A 78 -0.12 -4.71 10.04
C SER A 78 -0.95 -5.43 8.99
N GLY A 79 -0.55 -5.31 7.73
CA GLY A 79 -1.25 -5.99 6.65
C GLY A 79 -1.15 -7.50 6.76
N LEU A 80 0.00 -7.97 7.23
CA LEU A 80 0.22 -9.40 7.41
C LEU A 80 -0.76 -9.96 8.42
N ALA A 81 -0.89 -9.26 9.54
CA ALA A 81 -1.83 -9.64 10.59
C ALA A 81 -3.26 -9.60 10.07
N ALA A 82 -3.55 -8.66 9.17
CA ALA A 82 -4.86 -8.59 8.54
C ALA A 82 -5.07 -9.84 7.67
N ALA A 83 -4.04 -10.23 6.95
CA ALA A 83 -4.06 -11.41 6.11
C ALA A 83 -4.13 -12.68 6.96
N GLN A 84 -3.43 -12.67 8.10
CA GLN A 84 -3.50 -13.74 9.07
C GLN A 84 -4.92 -13.89 9.60
N SER A 85 -5.51 -12.76 9.96
CA SER A 85 -6.89 -12.72 10.44
C SER A 85 -7.84 -13.28 9.37
N ARG A 86 -7.56 -12.97 8.11
CA ARG A 86 -8.34 -13.46 6.99
C ARG A 86 -8.01 -14.92 6.66
N GLY A 87 -6.90 -15.43 7.17
CA GLY A 87 -6.46 -16.75 6.82
C GLY A 87 -6.11 -16.86 5.35
N ASP A 88 -5.78 -15.71 4.75
CA ASP A 88 -5.49 -15.65 3.32
C ASP A 88 -4.01 -15.80 3.07
N GLN A 89 -3.60 -17.04 2.97
CA GLN A 89 -2.21 -17.42 2.78
C GLN A 89 -1.57 -16.72 1.57
N GLN A 90 -2.33 -16.60 0.48
CA GLN A 90 -1.82 -15.97 -0.74
C GLN A 90 -1.33 -14.55 -0.46
N VAL A 91 -2.11 -13.80 0.32
CA VAL A 91 -1.77 -12.42 0.62
C VAL A 91 -0.59 -12.37 1.58
N VAL A 92 -0.57 -13.31 2.52
CA VAL A 92 0.51 -13.43 3.48
C VAL A 92 1.84 -13.62 2.76
N LYS A 93 1.86 -14.53 1.79
CA LYS A 93 3.07 -14.84 1.05
C LYS A 93 3.57 -13.64 0.26
N GLU A 94 2.65 -12.93 -0.41
CA GLU A 94 3.02 -11.77 -1.19
C GLU A 94 3.69 -10.70 -0.34
N LEU A 95 3.07 -10.37 0.78
CA LEU A 95 3.62 -9.38 1.69
C LEU A 95 4.88 -9.91 2.37
N GLN A 96 4.91 -11.22 2.61
CA GLN A 96 6.07 -11.87 3.21
C GLN A 96 7.32 -11.68 2.34
N VAL A 97 7.13 -11.75 1.02
CA VAL A 97 8.24 -11.64 0.08
C VAL A 97 8.95 -10.30 0.25
N PHE A 98 8.16 -9.26 0.49
CA PHE A 98 8.71 -7.92 0.68
C PHE A 98 9.57 -7.85 1.93
N LEU A 99 9.10 -8.48 2.99
CA LEU A 99 9.83 -8.49 4.26
C LEU A 99 11.16 -9.23 4.12
N ARG A 100 11.17 -10.29 3.32
CA ARG A 100 12.36 -11.10 3.12
C ARG A 100 13.34 -10.37 2.22
N ARG A 101 12.81 -9.86 1.11
CA ARG A 101 13.60 -9.06 0.18
C ARG A 101 14.18 -7.83 0.87
N LEU A 102 13.37 -7.19 1.72
CA LEU A 102 13.81 -6.00 2.44
C LEU A 102 15.05 -6.29 3.28
N ALA A 103 15.09 -7.48 3.87
CA ALA A 103 16.21 -7.90 4.70
C ALA A 103 17.48 -8.05 3.87
N ARG A 104 17.33 -8.43 2.60
CA ARG A 104 18.47 -8.52 1.70
C ARG A 104 19.06 -7.13 1.47
N GLU A 105 18.17 -6.19 1.18
CA GLU A 105 18.55 -4.82 0.92
C GLU A 105 19.15 -4.19 2.16
N ASP A 106 18.50 -4.45 3.28
CA ASP A 106 18.92 -3.96 4.58
C ASP A 106 20.32 -4.47 4.93
N ALA A 107 20.54 -5.74 4.63
CA ALA A 107 21.83 -6.38 4.88
C ALA A 107 22.94 -5.72 4.07
N LEU A 108 22.60 -5.19 2.90
CA LEU A 108 23.57 -4.52 2.04
C LEU A 108 24.21 -3.34 2.78
N GLU A 109 23.38 -2.60 3.51
CA GLU A 109 23.85 -1.44 4.25
C GLU A 109 24.38 -1.83 5.63
N HIS A 110 24.53 -3.14 5.84
CA HIS A 110 25.05 -3.68 7.10
C HIS A 110 24.21 -3.22 8.29
N HIS A 111 22.90 -3.08 8.07
CA HIS A 111 22.01 -2.70 9.15
C HIS A 111 21.68 -3.91 10.01
N HIS A 112 21.04 -4.92 9.40
CA HIS A 112 20.87 -6.23 10.03
C HIS A 112 19.92 -6.18 11.21
N HIS A 113 18.65 -6.42 10.96
CA HIS A 113 17.65 -6.52 12.02
C HIS A 113 16.70 -7.69 11.79
N HIS A 114 16.40 -7.97 10.51
CA HIS A 114 15.48 -9.05 10.12
C HIS A 114 14.06 -8.76 10.62
N HIS A 115 13.83 -7.52 11.00
CA HIS A 115 12.53 -7.07 11.46
C HIS A 115 12.34 -5.63 11.03
N MET A 1 -5.20 16.01 -20.01
CA MET A 1 -5.68 14.80 -19.32
C MET A 1 -4.91 13.57 -19.75
N GLN A 2 -4.31 12.91 -18.78
CA GLN A 2 -3.69 11.61 -19.00
C GLN A 2 -3.91 10.77 -17.75
N ALA A 3 -3.95 9.45 -17.93
CA ALA A 3 -4.22 8.51 -16.84
C ALA A 3 -5.67 8.58 -16.40
N ILE A 4 -6.07 7.57 -15.68
CA ILE A 4 -7.44 7.41 -15.24
C ILE A 4 -7.80 8.43 -14.15
N THR A 5 -6.80 8.94 -13.45
CA THR A 5 -7.01 9.86 -12.34
C THR A 5 -7.82 11.10 -12.74
N GLU A 6 -7.39 11.77 -13.79
CA GLU A 6 -8.01 13.04 -14.19
C GLU A 6 -9.47 12.86 -14.60
N ARG A 7 -9.77 11.77 -15.29
CA ARG A 7 -11.14 11.51 -15.71
C ARG A 7 -12.00 11.08 -14.52
N LEU A 8 -11.38 10.39 -13.57
CA LEU A 8 -12.09 10.00 -12.34
C LEU A 8 -12.45 11.23 -11.52
N GLU A 9 -11.58 12.24 -11.52
CA GLU A 9 -11.85 13.50 -10.83
C GLU A 9 -13.21 14.06 -11.25
N ALA A 10 -13.50 13.97 -12.55
CA ALA A 10 -14.79 14.41 -13.08
C ALA A 10 -15.91 13.45 -12.66
N MET A 11 -15.62 12.17 -12.66
CA MET A 11 -16.60 11.15 -12.33
C MET A 11 -17.00 11.19 -10.86
N LEU A 12 -16.02 11.38 -9.98
CA LEU A 12 -16.29 11.51 -8.55
C LEU A 12 -17.12 12.75 -8.26
N ALA A 13 -16.96 13.77 -9.10
CA ALA A 13 -17.69 15.01 -8.94
C ALA A 13 -19.14 14.88 -9.41
N GLN A 14 -19.46 13.72 -10.00
CA GLN A 14 -20.82 13.47 -10.46
C GLN A 14 -21.65 12.80 -9.37
N GLY A 15 -20.99 12.43 -8.28
CA GLY A 15 -21.68 11.77 -7.19
C GLY A 15 -21.77 10.27 -7.38
N THR A 16 -20.75 9.70 -8.02
CA THR A 16 -20.71 8.26 -8.25
C THR A 16 -19.76 7.60 -7.26
N ASP A 17 -20.24 7.43 -6.05
CA ASP A 17 -19.43 6.88 -4.97
C ASP A 17 -19.27 5.37 -5.10
N ASN A 18 -18.03 4.91 -5.11
CA ASN A 18 -17.73 3.49 -5.10
C ASN A 18 -16.46 3.24 -4.30
N MET A 19 -16.34 2.05 -3.76
CA MET A 19 -15.15 1.66 -3.04
C MET A 19 -14.09 1.22 -4.04
N LEU A 20 -14.54 0.41 -5.00
CA LEU A 20 -13.65 -0.11 -6.04
C LEU A 20 -13.41 0.95 -7.12
N LEU A 21 -13.56 2.21 -6.75
CA LEU A 21 -13.27 3.31 -7.64
C LEU A 21 -12.10 4.12 -7.08
N ARG A 22 -11.99 4.13 -5.76
CA ARG A 22 -10.94 4.88 -5.08
C ARG A 22 -9.60 4.16 -5.15
N PHE A 23 -9.63 2.84 -5.22
CA PHE A 23 -8.39 2.08 -5.29
C PHE A 23 -7.68 2.34 -6.61
N THR A 24 -8.45 2.59 -7.65
CA THR A 24 -7.91 2.93 -8.96
C THR A 24 -7.10 4.21 -8.87
N LEU A 25 -7.62 5.18 -8.12
CA LEU A 25 -6.93 6.43 -7.88
C LEU A 25 -5.66 6.18 -7.07
N GLY A 26 -5.81 5.42 -5.99
CA GLY A 26 -4.71 5.15 -5.09
C GLY A 26 -3.52 4.49 -5.77
N LYS A 27 -3.81 3.46 -6.56
CA LYS A 27 -2.76 2.75 -7.29
C LYS A 27 -2.01 3.71 -8.22
N THR A 28 -2.75 4.60 -8.86
CA THR A 28 -2.17 5.52 -9.82
C THR A 28 -1.23 6.52 -9.13
N TYR A 29 -1.56 6.91 -7.90
CA TYR A 29 -0.70 7.83 -7.15
C TYR A 29 0.69 7.20 -6.97
N ALA A 30 0.70 5.94 -6.56
CA ALA A 30 1.94 5.21 -6.34
C ALA A 30 2.68 5.02 -7.65
N GLU A 31 1.93 4.65 -8.69
CA GLU A 31 2.49 4.46 -10.03
C GLU A 31 3.04 5.77 -10.59
N HIS A 32 2.55 6.89 -10.07
CA HIS A 32 2.90 8.20 -10.59
C HIS A 32 3.92 8.89 -9.70
N GLU A 33 4.54 8.11 -8.79
CA GLU A 33 5.61 8.60 -7.93
C GLU A 33 5.06 9.60 -6.90
N GLN A 34 3.76 9.55 -6.68
CA GLN A 34 3.09 10.48 -5.77
C GLN A 34 2.67 9.75 -4.50
N PHE A 35 3.60 8.97 -3.96
CA PHE A 35 3.35 8.14 -2.77
C PHE A 35 2.83 8.98 -1.60
N ASP A 36 3.32 10.21 -1.50
CA ASP A 36 2.91 11.15 -0.46
C ASP A 36 1.40 11.32 -0.44
N ALA A 37 0.84 11.56 -1.61
CA ALA A 37 -0.60 11.81 -1.77
C ALA A 37 -1.39 10.52 -1.64
N ALA A 38 -0.77 9.41 -1.99
CA ALA A 38 -1.43 8.12 -1.96
C ALA A 38 -1.83 7.73 -0.53
N LEU A 39 -0.96 8.05 0.42
CA LEU A 39 -1.13 7.59 1.80
C LEU A 39 -2.52 7.92 2.39
N PRO A 40 -2.95 9.20 2.38
CA PRO A 40 -4.27 9.57 2.91
C PRO A 40 -5.42 9.10 2.02
N HIS A 41 -5.18 9.06 0.71
CA HIS A 41 -6.22 8.68 -0.24
C HIS A 41 -6.52 7.18 -0.14
N LEU A 42 -5.47 6.39 0.10
CA LEU A 42 -5.64 4.96 0.33
C LEU A 42 -6.43 4.72 1.61
N ARG A 43 -6.16 5.52 2.64
CA ARG A 43 -6.90 5.42 3.89
C ARG A 43 -8.38 5.67 3.65
N ALA A 44 -8.69 6.62 2.80
CA ALA A 44 -10.08 7.01 2.55
C ALA A 44 -10.91 5.83 2.07
N ALA A 45 -10.31 4.96 1.26
CA ALA A 45 -11.00 3.75 0.82
C ALA A 45 -11.11 2.73 1.95
N LEU A 46 -9.99 2.49 2.63
CA LEU A 46 -9.91 1.43 3.65
C LEU A 46 -10.62 1.82 4.95
N ASP A 47 -10.71 3.12 5.21
CA ASP A 47 -11.35 3.59 6.44
C ASP A 47 -12.81 3.19 6.45
N PHE A 48 -13.44 3.24 5.29
CA PHE A 48 -14.83 2.80 5.15
C PHE A 48 -14.91 1.29 4.96
N ASP A 49 -14.05 0.74 4.12
CA ASP A 49 -14.11 -0.68 3.76
C ASP A 49 -12.71 -1.29 3.68
N PRO A 50 -12.19 -1.80 4.81
CA PRO A 50 -10.83 -2.33 4.89
C PRO A 50 -10.72 -3.76 4.37
N THR A 51 -11.84 -4.33 3.94
CA THR A 51 -11.92 -5.74 3.55
C THR A 51 -10.99 -6.07 2.37
N TYR A 52 -10.54 -5.07 1.63
CA TYR A 52 -9.75 -5.29 0.43
C TYR A 52 -8.29 -5.63 0.78
N SER A 53 -8.00 -6.93 0.82
CA SER A 53 -6.68 -7.44 1.19
C SER A 53 -5.56 -6.86 0.33
N VAL A 54 -5.83 -6.71 -0.96
CA VAL A 54 -4.84 -6.21 -1.91
C VAL A 54 -4.30 -4.84 -1.47
N ALA A 55 -5.18 -4.03 -0.90
CA ALA A 55 -4.84 -2.67 -0.51
C ALA A 55 -3.86 -2.65 0.65
N TRP A 56 -3.91 -3.67 1.50
CA TRP A 56 -2.99 -3.77 2.63
C TRP A 56 -1.56 -3.89 2.11
N LYS A 57 -1.41 -4.78 1.14
CA LYS A 57 -0.13 -5.02 0.48
C LYS A 57 0.32 -3.79 -0.30
N TRP A 58 -0.65 -3.07 -0.87
CA TRP A 58 -0.35 -1.81 -1.57
C TRP A 58 0.17 -0.76 -0.61
N LEU A 59 -0.51 -0.60 0.52
CA LEU A 59 -0.15 0.42 1.51
C LEU A 59 1.30 0.23 1.96
N GLY A 60 1.65 -1.01 2.29
CA GLY A 60 3.01 -1.30 2.72
C GLY A 60 4.04 -1.02 1.64
N LYS A 61 3.71 -1.37 0.40
CA LYS A 61 4.61 -1.17 -0.71
C LYS A 61 4.73 0.31 -1.05
N THR A 62 3.69 1.06 -0.73
CA THR A 62 3.69 2.50 -0.97
C THR A 62 4.64 3.21 0.00
N LEU A 63 4.59 2.79 1.26
CA LEU A 63 5.47 3.35 2.29
C LEU A 63 6.93 3.00 2.03
N GLN A 64 7.16 1.85 1.40
CA GLN A 64 8.51 1.43 1.04
C GLN A 64 9.18 2.48 0.17
N GLY A 65 8.47 2.91 -0.87
CA GLY A 65 9.01 3.94 -1.76
C GLY A 65 10.36 3.56 -2.36
N GLN A 66 10.71 2.27 -2.29
CA GLN A 66 11.98 1.76 -2.79
C GLN A 66 13.17 2.32 -1.98
N GLY A 67 12.87 2.91 -0.82
CA GLY A 67 13.92 3.55 -0.04
C GLY A 67 13.71 3.47 1.46
N ASP A 68 12.48 3.71 1.93
CA ASP A 68 12.24 3.79 3.36
C ASP A 68 11.84 2.44 3.91
N ARG A 69 12.83 1.74 4.44
CA ARG A 69 12.62 0.42 5.03
C ARG A 69 11.75 0.49 6.28
N ALA A 70 11.81 1.62 6.99
CA ALA A 70 11.13 1.77 8.27
C ALA A 70 9.61 1.76 8.10
N GLY A 71 9.13 2.60 7.20
CA GLY A 71 7.71 2.69 6.96
C GLY A 71 7.16 1.42 6.35
N ALA A 72 7.93 0.84 5.45
CA ALA A 72 7.53 -0.40 4.78
C ALA A 72 7.38 -1.52 5.78
N ARG A 73 8.41 -1.73 6.60
CA ARG A 73 8.40 -2.80 7.59
C ARG A 73 7.24 -2.62 8.55
N GLN A 74 7.12 -1.43 9.11
CA GLN A 74 6.08 -1.15 10.10
C GLN A 74 4.69 -1.42 9.53
N ALA A 75 4.50 -1.10 8.26
CA ALA A 75 3.23 -1.33 7.59
C ALA A 75 2.95 -2.82 7.43
N TRP A 76 3.96 -3.57 7.01
CA TRP A 76 3.80 -5.00 6.77
C TRP A 76 3.63 -5.77 8.07
N GLU A 77 4.39 -5.38 9.10
CA GLU A 77 4.28 -6.02 10.41
C GLU A 77 2.87 -5.86 10.95
N SER A 78 2.31 -4.66 10.78
CA SER A 78 0.97 -4.36 11.24
C SER A 78 -0.09 -5.01 10.34
N GLY A 79 0.12 -4.92 9.03
CA GLY A 79 -0.82 -5.45 8.07
C GLY A 79 -0.93 -6.97 8.10
N LEU A 80 0.12 -7.61 8.57
CA LEU A 80 0.13 -9.07 8.68
C LEU A 80 -1.00 -9.53 9.58
N ALA A 81 -1.17 -8.83 10.69
CA ALA A 81 -2.23 -9.14 11.65
C ALA A 81 -3.61 -9.02 11.01
N ALA A 82 -3.77 -8.07 10.10
CA ALA A 82 -5.02 -7.92 9.37
C ALA A 82 -5.30 -9.17 8.56
N ALA A 83 -4.26 -9.64 7.86
CA ALA A 83 -4.37 -10.85 7.05
C ALA A 83 -4.60 -12.07 7.94
N GLN A 84 -3.89 -12.13 9.05
CA GLN A 84 -4.04 -13.20 10.02
C GLN A 84 -5.48 -13.27 10.54
N SER A 85 -6.00 -12.11 10.95
CA SER A 85 -7.35 -12.04 11.49
C SER A 85 -8.39 -12.42 10.42
N ARG A 86 -8.14 -12.00 9.18
CA ARG A 86 -9.03 -12.30 8.06
C ARG A 86 -8.86 -13.75 7.60
N GLY A 87 -7.80 -14.40 8.05
CA GLY A 87 -7.52 -15.75 7.62
C GLY A 87 -7.00 -15.78 6.20
N ASP A 88 -6.46 -14.66 5.76
CA ASP A 88 -5.98 -14.51 4.39
C ASP A 88 -4.52 -14.93 4.33
N GLN A 89 -4.32 -16.24 4.23
CA GLN A 89 -3.01 -16.84 4.25
C GLN A 89 -2.16 -16.43 3.07
N GLN A 90 -2.80 -16.28 1.92
CA GLN A 90 -2.12 -15.88 0.70
C GLN A 90 -1.38 -14.56 0.91
N VAL A 91 -2.09 -13.60 1.48
CA VAL A 91 -1.54 -12.26 1.69
C VAL A 91 -0.36 -12.31 2.67
N VAL A 92 -0.48 -13.17 3.68
CA VAL A 92 0.58 -13.35 4.66
C VAL A 92 1.88 -13.75 3.98
N LYS A 93 1.80 -14.74 3.09
CA LYS A 93 2.98 -15.21 2.36
C LYS A 93 3.50 -14.15 1.39
N GLU A 94 2.58 -13.46 0.72
CA GLU A 94 2.95 -12.44 -0.25
C GLU A 94 3.71 -11.31 0.43
N LEU A 95 3.18 -10.83 1.54
CA LEU A 95 3.83 -9.77 2.30
C LEU A 95 5.13 -10.28 2.93
N GLN A 96 5.13 -11.54 3.32
CA GLN A 96 6.31 -12.17 3.91
C GLN A 96 7.51 -12.07 2.97
N VAL A 97 7.26 -12.14 1.66
CA VAL A 97 8.31 -12.05 0.67
C VAL A 97 9.05 -10.72 0.80
N PHE A 98 8.28 -9.66 1.03
CA PHE A 98 8.84 -8.32 1.22
C PHE A 98 9.65 -8.26 2.50
N LEU A 99 9.18 -8.95 3.54
CA LEU A 99 9.86 -8.96 4.84
C LEU A 99 11.26 -9.55 4.72
N ARG A 100 11.41 -10.55 3.87
CA ARG A 100 12.71 -11.21 3.69
C ARG A 100 13.70 -10.24 3.09
N ARG A 101 13.24 -9.51 2.08
CA ARG A 101 14.05 -8.49 1.43
C ARG A 101 14.38 -7.36 2.42
N LEU A 102 13.40 -6.98 3.21
CA LEU A 102 13.57 -5.91 4.19
C LEU A 102 14.55 -6.36 5.27
N ALA A 103 14.44 -7.62 5.66
CA ALA A 103 15.30 -8.20 6.69
C ALA A 103 16.77 -8.11 6.32
N ARG A 104 17.08 -8.18 5.03
CA ARG A 104 18.47 -8.13 4.57
C ARG A 104 19.08 -6.76 4.81
N GLU A 105 18.26 -5.71 4.78
CA GLU A 105 18.71 -4.39 5.15
C GLU A 105 18.85 -4.28 6.66
N ASP A 106 17.87 -4.85 7.37
CA ASP A 106 17.91 -4.95 8.82
C ASP A 106 19.19 -5.63 9.27
N ALA A 107 19.50 -6.70 8.58
CA ALA A 107 20.69 -7.51 8.85
C ALA A 107 21.97 -6.69 8.87
N LEU A 108 21.99 -5.59 8.12
CA LEU A 108 23.16 -4.72 8.09
C LEU A 108 23.34 -4.03 9.44
N GLU A 109 22.24 -3.67 10.08
CA GLU A 109 22.26 -2.97 11.35
C GLU A 109 22.10 -3.94 12.50
N HIS A 110 21.91 -5.20 12.15
CA HIS A 110 21.59 -6.24 13.11
C HIS A 110 22.64 -7.35 13.03
N HIS A 111 23.72 -7.07 12.29
CA HIS A 111 24.80 -8.04 12.12
C HIS A 111 25.54 -8.25 13.44
N HIS A 112 25.72 -7.17 14.18
CA HIS A 112 26.32 -7.26 15.51
C HIS A 112 25.19 -7.55 16.48
N HIS A 113 24.62 -8.73 16.28
CA HIS A 113 23.46 -9.22 17.01
C HIS A 113 23.53 -8.89 18.51
N HIS A 114 24.70 -9.08 19.12
CA HIS A 114 24.95 -8.74 20.52
C HIS A 114 24.28 -9.75 21.47
N HIS A 115 23.03 -10.07 21.21
CA HIS A 115 22.33 -11.09 21.96
C HIS A 115 21.60 -12.03 21.00
N MET A 1 -0.04 4.75 -22.67
CA MET A 1 -1.46 4.86 -22.28
C MET A 1 -1.66 6.05 -21.36
N GLN A 2 -2.86 6.61 -21.36
CA GLN A 2 -3.23 7.68 -20.44
C GLN A 2 -3.54 7.10 -19.07
N ALA A 3 -3.82 7.97 -18.12
CA ALA A 3 -4.10 7.54 -16.77
C ALA A 3 -5.61 7.54 -16.52
N ILE A 4 -6.11 6.42 -16.05
CA ILE A 4 -7.53 6.28 -15.73
C ILE A 4 -7.93 7.29 -14.65
N THR A 5 -6.97 7.65 -13.81
CA THR A 5 -7.20 8.63 -12.75
C THR A 5 -7.70 9.96 -13.32
N GLU A 6 -7.18 10.34 -14.48
CA GLU A 6 -7.52 11.60 -15.11
C GLU A 6 -9.02 11.72 -15.32
N ARG A 7 -9.62 10.68 -15.91
CA ARG A 7 -11.05 10.68 -16.19
C ARG A 7 -11.86 10.46 -14.91
N LEU A 8 -11.30 9.68 -13.98
CA LEU A 8 -11.99 9.38 -12.73
C LEU A 8 -12.13 10.62 -11.86
N GLU A 9 -11.10 11.47 -11.84
CA GLU A 9 -11.13 12.70 -11.05
C GLU A 9 -12.36 13.54 -11.38
N ALA A 10 -12.76 13.54 -12.65
CA ALA A 10 -13.96 14.26 -13.07
C ALA A 10 -15.22 13.63 -12.48
N MET A 11 -15.23 12.30 -12.42
CA MET A 11 -16.36 11.57 -11.85
C MET A 11 -16.43 11.80 -10.34
N LEU A 12 -15.28 11.83 -9.70
CA LEU A 12 -15.20 12.11 -8.26
C LEU A 12 -15.78 13.49 -7.95
N ALA A 13 -15.54 14.43 -8.85
CA ALA A 13 -15.99 15.81 -8.67
C ALA A 13 -17.50 15.94 -8.86
N GLN A 14 -18.16 14.87 -9.28
CA GLN A 14 -19.60 14.88 -9.46
C GLN A 14 -20.31 14.42 -8.19
N GLY A 15 -19.54 14.18 -7.13
CA GLY A 15 -20.11 13.71 -5.89
C GLY A 15 -20.29 12.21 -5.89
N THR A 16 -19.32 11.52 -6.49
CA THR A 16 -19.38 10.08 -6.61
C THR A 16 -18.04 9.48 -6.20
N ASP A 17 -17.94 9.10 -4.94
CA ASP A 17 -16.72 8.52 -4.40
C ASP A 17 -16.75 6.99 -4.47
N ASN A 18 -17.88 6.42 -4.07
CA ASN A 18 -18.06 4.96 -4.03
C ASN A 18 -17.02 4.33 -3.12
N MET A 19 -16.75 3.04 -3.29
CA MET A 19 -15.72 2.36 -2.52
C MET A 19 -14.55 1.97 -3.42
N LEU A 20 -14.85 1.16 -4.43
CA LEU A 20 -13.81 0.64 -5.32
C LEU A 20 -13.21 1.77 -6.15
N LEU A 21 -14.03 2.76 -6.46
CA LEU A 21 -13.61 3.89 -7.29
C LEU A 21 -12.46 4.65 -6.65
N ARG A 22 -12.68 5.19 -5.44
CA ARG A 22 -11.68 6.02 -4.76
C ARG A 22 -10.38 5.25 -4.50
N PHE A 23 -10.47 3.93 -4.36
CA PHE A 23 -9.27 3.11 -4.19
C PHE A 23 -8.46 3.06 -5.47
N THR A 24 -9.16 2.94 -6.60
CA THR A 24 -8.53 2.80 -7.90
C THR A 24 -7.60 3.97 -8.21
N LEU A 25 -7.98 5.17 -7.79
CA LEU A 25 -7.16 6.34 -8.03
C LEU A 25 -5.84 6.25 -7.26
N GLY A 26 -5.90 5.82 -6.00
CA GLY A 26 -4.73 5.83 -5.15
C GLY A 26 -3.62 4.94 -5.68
N LYS A 27 -3.96 3.72 -6.05
CA LYS A 27 -2.96 2.77 -6.54
C LYS A 27 -2.32 3.26 -7.83
N THR A 28 -3.11 3.90 -8.68
CA THR A 28 -2.63 4.39 -9.96
C THR A 28 -1.63 5.53 -9.77
N TYR A 29 -1.87 6.38 -8.77
CA TYR A 29 -0.97 7.48 -8.48
C TYR A 29 0.36 6.97 -7.94
N ALA A 30 0.31 5.90 -7.15
CA ALA A 30 1.52 5.29 -6.61
C ALA A 30 2.40 4.75 -7.73
N GLU A 31 1.77 4.05 -8.67
CA GLU A 31 2.49 3.48 -9.81
C GLU A 31 3.00 4.58 -10.75
N HIS A 32 2.38 5.75 -10.68
CA HIS A 32 2.79 6.86 -11.52
C HIS A 32 3.83 7.73 -10.81
N GLU A 33 4.47 7.17 -9.77
CA GLU A 33 5.55 7.83 -9.04
C GLU A 33 5.04 9.05 -8.27
N GLN A 34 3.76 9.05 -7.95
CA GLN A 34 3.16 10.10 -7.14
C GLN A 34 2.61 9.47 -5.86
N PHE A 35 3.41 8.57 -5.30
CA PHE A 35 3.04 7.79 -4.13
C PHE A 35 2.70 8.67 -2.93
N ASP A 36 3.36 9.81 -2.83
CA ASP A 36 3.10 10.75 -1.74
C ASP A 36 1.63 11.13 -1.70
N ALA A 37 1.09 11.48 -2.86
CA ALA A 37 -0.30 11.88 -2.98
C ALA A 37 -1.23 10.66 -2.86
N ALA A 38 -0.70 9.51 -3.25
CA ALA A 38 -1.46 8.26 -3.21
C ALA A 38 -1.79 7.86 -1.78
N LEU A 39 -0.84 8.08 -0.87
CA LEU A 39 -0.97 7.62 0.52
C LEU A 39 -2.29 8.05 1.18
N PRO A 40 -2.64 9.36 1.20
CA PRO A 40 -3.88 9.82 1.80
C PRO A 40 -5.11 9.29 1.08
N HIS A 41 -4.99 9.11 -0.23
CA HIS A 41 -6.11 8.65 -1.05
C HIS A 41 -6.40 7.17 -0.79
N LEU A 42 -5.33 6.40 -0.59
CA LEU A 42 -5.46 4.97 -0.31
C LEU A 42 -6.04 4.73 1.08
N ARG A 43 -5.48 5.42 2.08
CA ARG A 43 -5.95 5.28 3.44
C ARG A 43 -7.40 5.75 3.57
N ALA A 44 -7.78 6.72 2.75
CA ALA A 44 -9.15 7.24 2.74
C ALA A 44 -10.17 6.15 2.38
N ALA A 45 -9.75 5.21 1.53
CA ALA A 45 -10.61 4.10 1.17
C ALA A 45 -10.79 3.14 2.35
N LEU A 46 -9.67 2.82 2.99
CA LEU A 46 -9.65 1.89 4.13
C LEU A 46 -10.40 2.46 5.32
N ASP A 47 -10.51 3.77 5.39
CA ASP A 47 -11.20 4.44 6.50
C ASP A 47 -12.62 3.92 6.65
N PHE A 48 -13.28 3.74 5.52
CA PHE A 48 -14.66 3.27 5.52
C PHE A 48 -14.71 1.75 5.65
N ASP A 49 -13.79 1.05 5.01
CA ASP A 49 -13.77 -0.42 5.05
C ASP A 49 -12.33 -0.93 5.06
N PRO A 50 -11.75 -1.09 6.27
CA PRO A 50 -10.35 -1.49 6.44
C PRO A 50 -10.06 -2.93 6.01
N THR A 51 -11.10 -3.65 5.62
CA THR A 51 -10.98 -5.08 5.36
C THR A 51 -10.49 -5.37 3.93
N TYR A 52 -10.03 -4.35 3.22
CA TYR A 52 -9.57 -4.53 1.85
C TYR A 52 -8.12 -5.02 1.85
N SER A 53 -7.97 -6.33 1.77
CA SER A 53 -6.69 -7.01 1.88
C SER A 53 -5.66 -6.51 0.87
N VAL A 54 -6.12 -6.14 -0.32
CA VAL A 54 -5.22 -5.67 -1.37
C VAL A 54 -4.52 -4.39 -0.94
N ALA A 55 -5.24 -3.54 -0.20
CA ALA A 55 -4.71 -2.26 0.21
C ALA A 55 -3.63 -2.41 1.28
N TRP A 56 -3.72 -3.47 2.08
CA TRP A 56 -2.76 -3.71 3.13
C TRP A 56 -1.35 -3.85 2.56
N LYS A 57 -1.23 -4.67 1.52
CA LYS A 57 0.02 -4.89 0.84
C LYS A 57 0.48 -3.61 0.12
N TRP A 58 -0.49 -2.85 -0.40
CA TRP A 58 -0.21 -1.59 -1.09
C TRP A 58 0.37 -0.54 -0.14
N LEU A 59 -0.13 -0.50 1.09
CA LEU A 59 0.29 0.50 2.07
C LEU A 59 1.80 0.47 2.29
N GLY A 60 2.32 -0.72 2.58
CA GLY A 60 3.74 -0.87 2.79
C GLY A 60 4.54 -0.54 1.55
N LYS A 61 4.03 -0.94 0.40
CA LYS A 61 4.67 -0.68 -0.89
C LYS A 61 4.85 0.82 -1.11
N THR A 62 3.80 1.57 -0.81
CA THR A 62 3.81 3.00 -1.02
C THR A 62 4.74 3.69 -0.02
N LEU A 63 4.79 3.18 1.21
CA LEU A 63 5.66 3.72 2.24
C LEU A 63 7.13 3.47 1.91
N GLN A 64 7.40 2.32 1.30
CA GLN A 64 8.76 1.96 0.91
C GLN A 64 9.31 2.98 -0.07
N GLY A 65 8.51 3.29 -1.10
CA GLY A 65 8.91 4.25 -2.10
C GLY A 65 8.94 5.67 -1.55
N GLN A 66 8.10 5.93 -0.55
CA GLN A 66 8.05 7.23 0.09
C GLN A 66 9.37 7.49 0.82
N GLY A 67 9.93 6.45 1.42
CA GLY A 67 11.24 6.56 2.03
C GLY A 67 11.32 5.94 3.41
N ASP A 68 10.19 5.58 3.99
CA ASP A 68 10.17 5.10 5.35
C ASP A 68 10.34 3.59 5.39
N ARG A 69 11.58 3.18 5.65
CA ARG A 69 11.94 1.77 5.75
C ARG A 69 11.19 1.09 6.88
N ALA A 70 11.11 1.77 8.01
CA ALA A 70 10.44 1.24 9.18
C ALA A 70 8.94 1.12 8.96
N GLY A 71 8.34 2.20 8.47
CA GLY A 71 6.90 2.22 8.23
C GLY A 71 6.45 1.14 7.27
N ALA A 72 7.20 0.95 6.20
CA ALA A 72 6.90 -0.10 5.22
C ALA A 72 6.95 -1.47 5.89
N ARG A 73 7.96 -1.66 6.73
CA ARG A 73 8.15 -2.90 7.45
C ARG A 73 6.98 -3.15 8.39
N GLN A 74 6.64 -2.14 9.18
CA GLN A 74 5.55 -2.24 10.15
C GLN A 74 4.22 -2.45 9.44
N ALA A 75 4.01 -1.75 8.34
CA ALA A 75 2.77 -1.84 7.58
C ALA A 75 2.55 -3.26 7.07
N TRP A 76 3.59 -3.87 6.53
CA TRP A 76 3.49 -5.22 5.99
C TRP A 76 3.30 -6.24 7.10
N GLU A 77 3.94 -6.02 8.24
CA GLU A 77 3.79 -6.92 9.38
C GLU A 77 2.41 -6.76 10.01
N SER A 78 1.90 -5.55 10.02
CA SER A 78 0.55 -5.29 10.53
C SER A 78 -0.48 -5.88 9.57
N GLY A 79 -0.25 -5.69 8.28
CA GLY A 79 -1.12 -6.26 7.27
C GLY A 79 -1.05 -7.77 7.23
N LEU A 80 0.08 -8.32 7.68
CA LEU A 80 0.26 -9.76 7.72
C LEU A 80 -0.74 -10.39 8.67
N ALA A 81 -0.77 -9.88 9.89
CA ALA A 81 -1.70 -10.35 10.90
C ALA A 81 -3.14 -10.04 10.49
N ALA A 82 -3.33 -8.95 9.76
CA ALA A 82 -4.64 -8.61 9.23
C ALA A 82 -5.07 -9.68 8.21
N ALA A 83 -4.15 -10.04 7.33
CA ALA A 83 -4.40 -11.07 6.33
C ALA A 83 -4.62 -12.42 7.00
N GLN A 84 -3.82 -12.72 8.01
CA GLN A 84 -3.99 -13.93 8.81
C GLN A 84 -5.36 -13.97 9.45
N SER A 85 -5.75 -12.84 10.04
CA SER A 85 -7.06 -12.70 10.68
C SER A 85 -8.19 -12.89 9.65
N ARG A 86 -7.99 -12.36 8.44
CA ARG A 86 -8.97 -12.45 7.39
C ARG A 86 -8.92 -13.82 6.69
N GLY A 87 -7.84 -14.56 6.90
CA GLY A 87 -7.69 -15.84 6.25
C GLY A 87 -7.09 -15.72 4.85
N ASP A 88 -6.57 -14.54 4.54
CA ASP A 88 -5.98 -14.27 3.22
C ASP A 88 -4.54 -14.75 3.17
N GLN A 89 -4.38 -16.05 2.98
CA GLN A 89 -3.08 -16.67 2.94
C GLN A 89 -2.25 -16.15 1.77
N GLN A 90 -2.93 -15.88 0.65
CA GLN A 90 -2.27 -15.32 -0.52
C GLN A 90 -1.55 -14.03 -0.17
N VAL A 91 -2.25 -13.14 0.54
CA VAL A 91 -1.71 -11.84 0.90
C VAL A 91 -0.52 -11.98 1.84
N VAL A 92 -0.62 -12.93 2.77
CA VAL A 92 0.45 -13.21 3.71
C VAL A 92 1.74 -13.57 2.97
N LYS A 93 1.63 -14.51 2.04
CA LYS A 93 2.78 -14.98 1.29
C LYS A 93 3.33 -13.88 0.37
N GLU A 94 2.43 -13.07 -0.19
CA GLU A 94 2.82 -11.91 -0.98
C GLU A 94 3.68 -10.96 -0.15
N LEU A 95 3.19 -10.65 1.05
CA LEU A 95 3.88 -9.75 1.96
C LEU A 95 5.23 -10.30 2.40
N GLN A 96 5.31 -11.63 2.51
CA GLN A 96 6.56 -12.29 2.88
C GLN A 96 7.69 -11.94 1.92
N VAL A 97 7.35 -11.82 0.64
CA VAL A 97 8.34 -11.51 -0.39
C VAL A 97 8.97 -10.14 -0.16
N PHE A 98 8.14 -9.16 0.15
CA PHE A 98 8.59 -7.78 0.30
C PHE A 98 9.47 -7.60 1.53
N LEU A 99 9.13 -8.29 2.62
CA LEU A 99 9.89 -8.18 3.88
C LEU A 99 11.36 -8.55 3.70
N ARG A 100 11.61 -9.48 2.78
CA ARG A 100 12.96 -9.96 2.51
C ARG A 100 13.80 -8.84 1.93
N ARG A 101 13.21 -8.13 0.99
CA ARG A 101 13.85 -6.97 0.38
C ARG A 101 14.27 -5.97 1.45
N LEU A 102 13.37 -5.73 2.41
CA LEU A 102 13.62 -4.77 3.47
C LEU A 102 14.73 -5.21 4.41
N ALA A 103 14.86 -6.53 4.60
CA ALA A 103 15.92 -7.06 5.44
C ALA A 103 17.29 -6.67 4.89
N ARG A 104 17.39 -6.60 3.57
CA ARG A 104 18.63 -6.19 2.91
C ARG A 104 18.84 -4.68 3.09
N GLU A 105 17.75 -3.94 3.08
CA GLU A 105 17.79 -2.51 3.34
C GLU A 105 18.21 -2.23 4.77
N ASP A 106 17.67 -3.02 5.68
CA ASP A 106 17.93 -2.87 7.12
C ASP A 106 19.34 -3.31 7.47
N ALA A 107 19.80 -4.32 6.77
CA ALA A 107 21.15 -4.85 6.96
C ALA A 107 22.20 -3.80 6.61
N LEU A 108 22.10 -3.23 5.41
CA LEU A 108 23.08 -2.28 4.92
C LEU A 108 22.84 -0.90 5.52
N GLU A 109 21.60 -0.42 5.39
CA GLU A 109 21.21 0.93 5.83
C GLU A 109 21.95 2.04 5.07
N HIS A 110 22.75 1.66 4.08
CA HIS A 110 23.47 2.65 3.30
C HIS A 110 22.90 2.70 1.88
N HIS A 111 22.14 1.69 1.54
CA HIS A 111 21.48 1.62 0.24
C HIS A 111 20.22 2.48 0.28
N HIS A 112 19.72 2.70 1.48
CA HIS A 112 18.51 3.48 1.69
C HIS A 112 18.88 4.86 2.25
N HIS A 113 20.17 5.10 2.40
CA HIS A 113 20.66 6.36 2.95
C HIS A 113 21.85 6.87 2.15
N HIS A 114 21.55 7.62 1.09
CA HIS A 114 22.57 8.27 0.27
C HIS A 114 21.98 9.52 -0.37
N HIS A 115 20.66 9.49 -0.58
CA HIS A 115 19.96 10.64 -1.13
C HIS A 115 18.86 11.05 -0.16
N MET A 1 -0.04 9.14 -20.99
CA MET A 1 -1.46 9.22 -21.38
C MET A 1 -2.15 10.38 -20.65
N GLN A 2 -3.45 10.51 -20.84
CA GLN A 2 -4.21 11.56 -20.20
C GLN A 2 -4.33 11.28 -18.71
N ALA A 3 -4.65 12.32 -17.94
CA ALA A 3 -4.73 12.19 -16.49
C ALA A 3 -5.97 11.41 -16.08
N ILE A 4 -5.81 10.09 -16.04
CA ILE A 4 -6.89 9.18 -15.69
C ILE A 4 -7.32 9.36 -14.24
N THR A 5 -6.34 9.63 -13.38
CA THR A 5 -6.60 9.77 -11.95
C THR A 5 -7.59 10.89 -11.66
N GLU A 6 -7.41 12.01 -12.34
CA GLU A 6 -8.20 13.21 -12.09
C GLU A 6 -9.65 13.01 -12.53
N ARG A 7 -9.84 12.35 -13.66
CA ARG A 7 -11.18 12.12 -14.19
C ARG A 7 -11.92 11.04 -13.39
N LEU A 8 -11.17 10.07 -12.86
CA LEU A 8 -11.77 9.04 -12.03
C LEU A 8 -12.26 9.61 -10.71
N GLU A 9 -11.41 10.41 -10.07
CA GLU A 9 -11.75 11.07 -8.82
C GLU A 9 -12.94 12.03 -9.03
N ALA A 10 -13.00 12.63 -10.22
CA ALA A 10 -14.08 13.53 -10.59
C ALA A 10 -15.40 12.80 -10.73
N MET A 11 -15.34 11.51 -11.08
CA MET A 11 -16.52 10.70 -11.34
C MET A 11 -17.46 10.67 -10.14
N LEU A 12 -16.91 10.87 -8.95
CA LEU A 12 -17.72 10.91 -7.73
C LEU A 12 -18.78 12.00 -7.82
N ALA A 13 -18.44 13.10 -8.47
CA ALA A 13 -19.35 14.24 -8.62
C ALA A 13 -20.39 13.98 -9.70
N GLN A 14 -20.24 12.86 -10.41
CA GLN A 14 -21.17 12.50 -11.49
C GLN A 14 -22.36 11.73 -10.93
N GLY A 15 -22.39 11.57 -9.61
CA GLY A 15 -23.47 10.85 -8.97
C GLY A 15 -23.09 9.41 -8.67
N THR A 16 -21.84 9.21 -8.24
CA THR A 16 -21.35 7.90 -7.89
C THR A 16 -20.29 8.01 -6.80
N ASP A 17 -20.69 7.83 -5.56
CA ASP A 17 -19.78 7.99 -4.44
C ASP A 17 -19.58 6.67 -3.70
N ASN A 18 -18.42 6.06 -3.90
CA ASN A 18 -18.06 4.83 -3.21
C ASN A 18 -16.56 4.81 -2.99
N MET A 19 -16.09 3.93 -2.12
CA MET A 19 -14.66 3.73 -1.98
C MET A 19 -14.20 2.73 -3.04
N LEU A 20 -15.16 1.92 -3.49
CA LEU A 20 -14.90 0.88 -4.48
C LEU A 20 -14.77 1.51 -5.87
N LEU A 21 -13.70 2.27 -6.03
CA LEU A 21 -13.33 2.88 -7.29
C LEU A 21 -11.99 3.60 -7.14
N ARG A 22 -11.76 4.16 -5.95
CA ARG A 22 -10.52 4.87 -5.65
C ARG A 22 -9.34 3.92 -5.53
N PHE A 23 -9.61 2.62 -5.43
CA PHE A 23 -8.56 1.63 -5.28
C PHE A 23 -7.66 1.62 -6.51
N THR A 24 -8.25 1.75 -7.70
CA THR A 24 -7.48 1.74 -8.94
C THR A 24 -6.66 3.02 -9.05
N LEU A 25 -7.20 4.12 -8.54
CA LEU A 25 -6.46 5.38 -8.52
C LEU A 25 -5.22 5.25 -7.66
N GLY A 26 -5.42 4.75 -6.45
CA GLY A 26 -4.32 4.60 -5.50
C GLY A 26 -3.23 3.70 -6.02
N LYS A 27 -3.63 2.59 -6.62
CA LYS A 27 -2.69 1.64 -7.20
C LYS A 27 -1.92 2.31 -8.35
N THR A 28 -2.62 3.13 -9.14
CA THR A 28 -2.00 3.83 -10.24
C THR A 28 -1.01 4.90 -9.74
N TYR A 29 -1.37 5.56 -8.64
CA TYR A 29 -0.44 6.51 -8.01
C TYR A 29 0.83 5.78 -7.60
N ALA A 30 0.66 4.64 -6.95
CA ALA A 30 1.79 3.86 -6.46
C ALA A 30 2.66 3.37 -7.62
N GLU A 31 2.01 2.86 -8.66
CA GLU A 31 2.73 2.38 -9.84
C GLU A 31 3.44 3.52 -10.56
N HIS A 32 2.98 4.74 -10.34
CA HIS A 32 3.57 5.91 -10.98
C HIS A 32 4.66 6.50 -10.07
N GLU A 33 4.95 5.77 -8.99
CA GLU A 33 5.94 6.16 -7.98
C GLU A 33 5.46 7.36 -7.17
N GLN A 34 4.16 7.63 -7.26
CA GLN A 34 3.57 8.76 -6.57
C GLN A 34 3.00 8.29 -5.23
N PHE A 35 3.78 7.45 -4.55
CA PHE A 35 3.38 6.85 -3.27
C PHE A 35 2.96 7.93 -2.27
N ASP A 36 3.64 9.06 -2.33
CA ASP A 36 3.36 10.20 -1.46
C ASP A 36 1.88 10.58 -1.54
N ALA A 37 1.39 10.74 -2.77
CA ALA A 37 0.00 11.10 -3.01
C ALA A 37 -0.92 9.89 -2.83
N ALA A 38 -0.38 8.71 -3.06
CA ALA A 38 -1.15 7.47 -2.96
C ALA A 38 -1.57 7.20 -1.52
N LEU A 39 -0.67 7.48 -0.59
CA LEU A 39 -0.88 7.13 0.82
C LEU A 39 -2.21 7.66 1.37
N PRO A 40 -2.51 8.98 1.26
CA PRO A 40 -3.78 9.52 1.76
C PRO A 40 -4.97 9.10 0.91
N HIS A 41 -4.73 8.90 -0.39
CA HIS A 41 -5.80 8.56 -1.31
C HIS A 41 -6.29 7.14 -1.03
N LEU A 42 -5.35 6.24 -0.75
CA LEU A 42 -5.68 4.88 -0.37
C LEU A 42 -6.27 4.84 1.03
N ARG A 43 -5.64 5.56 1.95
CA ARG A 43 -6.07 5.57 3.35
C ARG A 43 -7.51 6.05 3.48
N ALA A 44 -7.88 7.05 2.67
CA ALA A 44 -9.24 7.58 2.69
C ALA A 44 -10.25 6.49 2.33
N ALA A 45 -9.93 5.70 1.31
CA ALA A 45 -10.82 4.63 0.87
C ALA A 45 -10.85 3.51 1.91
N LEU A 46 -9.69 3.17 2.44
CA LEU A 46 -9.56 2.14 3.45
C LEU A 46 -10.28 2.53 4.75
N ASP A 47 -10.44 3.82 4.97
CA ASP A 47 -11.12 4.30 6.16
C ASP A 47 -12.60 3.92 6.11
N PHE A 48 -13.16 3.90 4.91
CA PHE A 48 -14.56 3.53 4.73
C PHE A 48 -14.73 2.02 4.82
N ASP A 49 -13.84 1.30 4.15
CA ASP A 49 -13.93 -0.16 4.11
C ASP A 49 -12.52 -0.76 4.06
N PRO A 50 -11.92 -1.00 5.22
CA PRO A 50 -10.54 -1.46 5.35
C PRO A 50 -10.33 -2.90 4.87
N THR A 51 -11.41 -3.55 4.47
CA THR A 51 -11.37 -4.97 4.12
C THR A 51 -10.66 -5.22 2.79
N TYR A 52 -10.20 -4.16 2.14
CA TYR A 52 -9.54 -4.30 0.85
C TYR A 52 -8.09 -4.77 1.04
N SER A 53 -7.93 -6.08 1.07
CA SER A 53 -6.64 -6.73 1.32
C SER A 53 -5.54 -6.29 0.36
N VAL A 54 -5.90 -6.07 -0.89
CA VAL A 54 -4.94 -5.67 -1.91
C VAL A 54 -4.21 -4.40 -1.51
N ALA A 55 -4.93 -3.50 -0.87
CA ALA A 55 -4.37 -2.20 -0.50
C ALA A 55 -3.35 -2.33 0.62
N TRP A 56 -3.50 -3.34 1.47
CA TRP A 56 -2.59 -3.54 2.60
C TRP A 56 -1.18 -3.82 2.10
N LYS A 57 -1.11 -4.73 1.15
CA LYS A 57 0.16 -5.13 0.55
C LYS A 57 0.85 -3.96 -0.15
N TRP A 58 0.08 -3.14 -0.86
CA TRP A 58 0.64 -1.99 -1.55
C TRP A 58 0.99 -0.86 -0.58
N LEU A 59 0.26 -0.79 0.53
CA LEU A 59 0.49 0.25 1.54
C LEU A 59 1.92 0.18 2.05
N GLY A 60 2.41 -1.04 2.27
CA GLY A 60 3.80 -1.21 2.68
C GLY A 60 4.77 -0.66 1.65
N LYS A 61 4.52 -0.96 0.39
CA LYS A 61 5.35 -0.45 -0.70
C LYS A 61 5.22 1.06 -0.83
N THR A 62 4.10 1.58 -0.37
CA THR A 62 3.85 3.02 -0.40
C THR A 62 4.87 3.75 0.48
N LEU A 63 5.04 3.28 1.70
CA LEU A 63 6.03 3.85 2.61
C LEU A 63 7.44 3.59 2.09
N GLN A 64 7.64 2.39 1.53
CA GLN A 64 8.95 1.97 1.02
C GLN A 64 9.41 2.91 -0.09
N GLY A 65 8.54 3.16 -1.06
CA GLY A 65 8.87 4.04 -2.16
C GLY A 65 8.85 5.50 -1.76
N GLN A 66 8.13 5.82 -0.69
CA GLN A 66 8.06 7.18 -0.18
C GLN A 66 9.41 7.57 0.43
N GLY A 67 10.13 6.57 0.92
CA GLY A 67 11.44 6.82 1.49
C GLY A 67 11.56 6.40 2.94
N ASP A 68 10.54 5.72 3.44
CA ASP A 68 10.53 5.27 4.82
C ASP A 68 10.58 3.75 4.87
N ARG A 69 11.78 3.19 4.96
CA ARG A 69 11.97 1.75 4.96
C ARG A 69 11.36 1.13 6.21
N ALA A 70 11.51 1.81 7.34
CA ALA A 70 10.98 1.34 8.61
C ALA A 70 9.46 1.34 8.59
N GLY A 71 8.91 2.38 7.98
CA GLY A 71 7.47 2.48 7.85
C GLY A 71 6.91 1.42 6.94
N ALA A 72 7.72 0.99 5.98
CA ALA A 72 7.33 -0.06 5.05
C ALA A 72 7.17 -1.39 5.78
N ARG A 73 8.16 -1.77 6.56
CA ARG A 73 8.14 -3.07 7.24
C ARG A 73 7.04 -3.12 8.29
N GLN A 74 6.89 -2.05 9.06
CA GLN A 74 5.88 -2.00 10.11
C GLN A 74 4.48 -2.08 9.50
N ALA A 75 4.33 -1.48 8.31
CA ALA A 75 3.05 -1.50 7.61
C ALA A 75 2.65 -2.93 7.25
N TRP A 76 3.62 -3.72 6.80
CA TRP A 76 3.37 -5.10 6.45
C TRP A 76 3.11 -5.94 7.70
N GLU A 77 3.83 -5.64 8.78
CA GLU A 77 3.60 -6.31 10.05
C GLU A 77 2.18 -6.07 10.54
N SER A 78 1.70 -4.85 10.37
CA SER A 78 0.35 -4.48 10.77
C SER A 78 -0.68 -5.08 9.80
N GLY A 79 -0.37 -5.02 8.51
CA GLY A 79 -1.28 -5.54 7.50
C GLY A 79 -1.46 -7.04 7.57
N LEU A 80 -0.45 -7.73 8.06
CA LEU A 80 -0.51 -9.18 8.21
C LEU A 80 -1.66 -9.57 9.13
N ALA A 81 -1.72 -8.89 10.27
CA ALA A 81 -2.78 -9.13 11.25
C ALA A 81 -4.15 -8.84 10.68
N ALA A 82 -4.23 -7.88 9.77
CA ALA A 82 -5.49 -7.58 9.10
C ALA A 82 -5.91 -8.76 8.23
N ALA A 83 -4.95 -9.37 7.56
CA ALA A 83 -5.20 -10.55 6.75
C ALA A 83 -5.50 -11.75 7.64
N GLN A 84 -4.75 -11.87 8.73
CA GLN A 84 -4.96 -12.92 9.71
C GLN A 84 -6.37 -12.86 10.28
N SER A 85 -6.83 -11.64 10.56
CA SER A 85 -8.19 -11.44 11.08
C SER A 85 -9.26 -12.04 10.17
N ARG A 86 -9.09 -11.92 8.87
CA ARG A 86 -10.03 -12.48 7.91
C ARG A 86 -9.66 -13.91 7.53
N GLY A 87 -8.45 -14.31 7.87
CA GLY A 87 -7.97 -15.62 7.48
C GLY A 87 -7.66 -15.69 6.00
N ASP A 88 -7.12 -14.60 5.47
CA ASP A 88 -6.78 -14.52 4.06
C ASP A 88 -5.35 -14.96 3.86
N GLN A 89 -5.18 -16.25 3.67
CA GLN A 89 -3.88 -16.87 3.52
C GLN A 89 -3.11 -16.32 2.34
N GLN A 90 -3.82 -16.00 1.27
CA GLN A 90 -3.22 -15.45 0.07
C GLN A 90 -2.45 -14.17 0.40
N VAL A 91 -3.08 -13.28 1.13
CA VAL A 91 -2.47 -12.01 1.46
C VAL A 91 -1.34 -12.19 2.45
N VAL A 92 -1.52 -13.10 3.39
CA VAL A 92 -0.50 -13.42 4.37
C VAL A 92 0.79 -13.87 3.67
N LYS A 93 0.65 -14.83 2.76
CA LYS A 93 1.79 -15.37 2.02
C LYS A 93 2.46 -14.28 1.18
N GLU A 94 1.65 -13.41 0.58
CA GLU A 94 2.17 -12.29 -0.21
C GLU A 94 3.04 -11.38 0.66
N LEU A 95 2.53 -11.01 1.81
CA LEU A 95 3.22 -10.10 2.71
C LEU A 95 4.47 -10.75 3.29
N GLN A 96 4.42 -12.06 3.50
CA GLN A 96 5.59 -12.81 3.98
C GLN A 96 6.79 -12.61 3.06
N VAL A 97 6.52 -12.53 1.75
CA VAL A 97 7.59 -12.34 0.77
C VAL A 97 8.19 -10.94 0.91
N PHE A 98 7.33 -9.95 1.11
CA PHE A 98 7.77 -8.57 1.25
C PHE A 98 8.62 -8.38 2.51
N LEU A 99 8.30 -9.13 3.55
CA LEU A 99 9.03 -9.06 4.81
C LEU A 99 10.49 -9.47 4.61
N ARG A 100 10.71 -10.44 3.72
CA ARG A 100 12.06 -10.91 3.44
C ARG A 100 12.80 -9.86 2.65
N ARG A 101 12.09 -9.32 1.68
CA ARG A 101 12.61 -8.28 0.81
C ARG A 101 13.07 -7.07 1.63
N LEU A 102 12.22 -6.64 2.57
CA LEU A 102 12.53 -5.50 3.41
C LEU A 102 13.67 -5.84 4.37
N ALA A 103 13.61 -7.03 4.96
CA ALA A 103 14.59 -7.46 5.95
C ALA A 103 16.00 -7.42 5.37
N ARG A 104 16.14 -7.80 4.11
CA ARG A 104 17.44 -7.76 3.44
C ARG A 104 17.99 -6.34 3.39
N GLU A 105 17.11 -5.36 3.26
CA GLU A 105 17.51 -3.97 3.22
C GLU A 105 17.90 -3.46 4.60
N ASP A 106 17.06 -3.74 5.60
CA ASP A 106 17.29 -3.25 6.95
C ASP A 106 18.52 -3.90 7.55
N ALA A 107 18.70 -5.18 7.23
CA ALA A 107 19.86 -5.94 7.69
C ALA A 107 21.17 -5.30 7.24
N LEU A 108 21.13 -4.56 6.14
CA LEU A 108 22.31 -3.87 5.66
C LEU A 108 22.59 -2.62 6.49
N GLU A 109 21.53 -1.97 6.95
CA GLU A 109 21.66 -0.70 7.65
C GLU A 109 21.87 -0.91 9.15
N HIS A 110 21.52 -2.09 9.59
CA HIS A 110 21.65 -2.47 11.00
C HIS A 110 22.53 -3.69 11.15
N HIS A 111 23.38 -3.93 10.15
CA HIS A 111 24.20 -5.13 10.10
C HIS A 111 25.10 -5.26 11.32
N HIS A 112 26.05 -4.35 11.47
CA HIS A 112 26.99 -4.43 12.57
C HIS A 112 26.84 -3.25 13.51
N HIS A 113 25.65 -3.09 14.07
CA HIS A 113 25.42 -2.06 15.06
C HIS A 113 25.85 -2.54 16.44
N HIS A 114 26.83 -1.87 17.02
CA HIS A 114 27.35 -2.28 18.32
C HIS A 114 26.42 -1.82 19.43
N HIS A 115 26.10 -2.75 20.32
CA HIS A 115 25.16 -2.53 21.42
C HIS A 115 23.77 -2.24 20.87
N MET A 1 -3.94 19.99 -19.80
CA MET A 1 -3.54 18.60 -19.50
C MET A 1 -4.57 17.92 -18.60
N GLN A 2 -5.33 16.99 -19.18
CA GLN A 2 -6.26 16.18 -18.41
C GLN A 2 -5.54 15.02 -17.74
N ALA A 3 -6.23 14.30 -16.87
CA ALA A 3 -5.63 13.18 -16.17
C ALA A 3 -6.67 12.13 -15.83
N ILE A 4 -6.27 10.86 -15.91
CA ILE A 4 -7.12 9.75 -15.55
C ILE A 4 -7.56 9.84 -14.09
N THR A 5 -6.64 10.25 -13.23
CA THR A 5 -6.89 10.33 -11.80
C THR A 5 -8.02 11.30 -11.47
N GLU A 6 -7.95 12.51 -12.01
CA GLU A 6 -8.91 13.56 -11.68
C GLU A 6 -10.31 13.21 -12.15
N ARG A 7 -10.43 12.59 -13.32
CA ARG A 7 -11.73 12.18 -13.83
C ARG A 7 -12.27 11.01 -13.03
N LEU A 8 -11.37 10.17 -12.52
CA LEU A 8 -11.75 9.12 -11.59
C LEU A 8 -12.28 9.72 -10.29
N GLU A 9 -11.58 10.73 -9.78
CA GLU A 9 -12.00 11.44 -8.58
C GLU A 9 -13.37 12.08 -8.78
N ALA A 10 -13.61 12.57 -9.99
CA ALA A 10 -14.88 13.18 -10.33
C ALA A 10 -16.04 12.20 -10.18
N MET A 11 -15.77 10.91 -10.43
CA MET A 11 -16.79 9.88 -10.32
C MET A 11 -17.32 9.81 -8.89
N LEU A 12 -16.45 10.09 -7.93
CA LEU A 12 -16.87 10.10 -6.53
C LEU A 12 -17.67 11.37 -6.24
N ALA A 13 -17.35 12.44 -6.96
CA ALA A 13 -18.02 13.72 -6.79
C ALA A 13 -19.44 13.68 -7.33
N GLN A 14 -19.63 12.97 -8.44
CA GLN A 14 -20.94 12.81 -9.02
C GLN A 14 -21.77 11.77 -8.26
N GLY A 15 -21.13 11.07 -7.33
CA GLY A 15 -21.85 10.16 -6.46
C GLY A 15 -21.89 8.73 -6.97
N THR A 16 -20.95 8.39 -7.85
CA THR A 16 -20.87 7.03 -8.39
C THR A 16 -19.86 6.21 -7.60
N ASP A 17 -19.94 6.31 -6.27
CA ASP A 17 -19.01 5.60 -5.40
C ASP A 17 -19.33 4.10 -5.37
N ASN A 18 -18.28 3.31 -5.33
CA ASN A 18 -18.39 1.86 -5.40
C ASN A 18 -17.32 1.18 -4.56
N MET A 19 -16.33 1.97 -4.17
CA MET A 19 -15.13 1.50 -3.47
C MET A 19 -14.20 0.76 -4.43
N LEU A 20 -14.76 -0.19 -5.18
CA LEU A 20 -14.00 -0.91 -6.21
C LEU A 20 -13.78 0.00 -7.42
N LEU A 21 -13.09 1.11 -7.17
CA LEU A 21 -12.82 2.10 -8.21
C LEU A 21 -11.64 2.97 -7.77
N ARG A 22 -11.70 3.46 -6.53
CA ARG A 22 -10.69 4.39 -6.01
C ARG A 22 -9.34 3.72 -5.79
N PHE A 23 -9.29 2.39 -5.88
CA PHE A 23 -8.03 1.67 -5.71
C PHE A 23 -7.09 1.94 -6.88
N THR A 24 -7.67 2.15 -8.06
CA THR A 24 -6.89 2.39 -9.27
C THR A 24 -6.16 3.74 -9.18
N LEU A 25 -6.78 4.71 -8.51
CA LEU A 25 -6.20 6.04 -8.37
C LEU A 25 -4.82 5.99 -7.73
N GLY A 26 -4.71 5.20 -6.66
CA GLY A 26 -3.45 5.08 -5.95
C GLY A 26 -2.37 4.45 -6.80
N LYS A 27 -2.77 3.54 -7.67
CA LYS A 27 -1.83 2.87 -8.55
C LYS A 27 -1.12 3.86 -9.46
N THR A 28 -1.88 4.77 -10.07
CA THR A 28 -1.33 5.74 -11.01
C THR A 28 -0.23 6.59 -10.37
N TYR A 29 -0.46 7.01 -9.13
CA TYR A 29 0.54 7.79 -8.40
C TYR A 29 1.79 6.97 -8.19
N ALA A 30 1.61 5.71 -7.83
CA ALA A 30 2.73 4.82 -7.54
C ALA A 30 3.53 4.50 -8.80
N GLU A 31 2.82 4.34 -9.92
CA GLU A 31 3.45 4.07 -11.20
C GLU A 31 4.19 5.30 -11.73
N HIS A 32 3.79 6.47 -11.26
CA HIS A 32 4.48 7.72 -11.60
C HIS A 32 5.61 7.99 -10.62
N GLU A 33 5.88 7.01 -9.75
CA GLU A 33 6.90 7.13 -8.72
C GLU A 33 6.56 8.23 -7.72
N GLN A 34 5.29 8.60 -7.65
CA GLN A 34 4.84 9.58 -6.68
C GLN A 34 4.03 8.87 -5.60
N PHE A 35 4.72 8.13 -4.76
CA PHE A 35 4.09 7.35 -3.72
C PHE A 35 3.46 8.25 -2.66
N ASP A 36 4.13 9.38 -2.42
CA ASP A 36 3.67 10.36 -1.45
C ASP A 36 2.23 10.80 -1.73
N ALA A 37 1.93 10.91 -3.02
CA ALA A 37 0.61 11.33 -3.47
C ALA A 37 -0.42 10.23 -3.27
N ALA A 38 0.05 8.99 -3.29
CA ALA A 38 -0.83 7.83 -3.13
C ALA A 38 -1.36 7.74 -1.70
N LEU A 39 -0.49 8.06 -0.72
CA LEU A 39 -0.81 7.88 0.70
C LEU A 39 -2.18 8.46 1.10
N PRO A 40 -2.45 9.77 0.83
CA PRO A 40 -3.71 10.39 1.25
C PRO A 40 -4.94 9.73 0.62
N HIS A 41 -4.83 9.38 -0.65
CA HIS A 41 -5.96 8.80 -1.37
C HIS A 41 -6.21 7.36 -0.91
N LEU A 42 -5.14 6.61 -0.71
CA LEU A 42 -5.26 5.23 -0.25
C LEU A 42 -5.80 5.17 1.17
N ARG A 43 -5.32 6.07 2.02
CA ARG A 43 -5.73 6.10 3.41
C ARG A 43 -7.20 6.52 3.51
N ALA A 44 -7.64 7.35 2.58
CA ALA A 44 -9.03 7.76 2.50
C ALA A 44 -9.93 6.54 2.27
N ALA A 45 -9.48 5.63 1.41
CA ALA A 45 -10.21 4.41 1.13
C ALA A 45 -10.27 3.52 2.36
N LEU A 46 -9.17 3.51 3.11
CA LEU A 46 -9.08 2.73 4.33
C LEU A 46 -10.04 3.23 5.39
N ASP A 47 -10.40 4.50 5.28
CA ASP A 47 -11.34 5.11 6.22
C ASP A 47 -12.75 4.57 5.98
N PHE A 48 -13.07 4.35 4.71
CA PHE A 48 -14.38 3.84 4.34
C PHE A 48 -14.48 2.34 4.57
N ASP A 49 -13.43 1.62 4.18
CA ASP A 49 -13.40 0.17 4.36
C ASP A 49 -11.99 -0.30 4.67
N PRO A 50 -11.63 -0.32 5.95
CA PRO A 50 -10.29 -0.75 6.41
C PRO A 50 -10.04 -2.24 6.19
N THR A 51 -11.07 -2.94 5.71
CA THR A 51 -11.01 -4.37 5.50
C THR A 51 -10.54 -4.69 4.08
N TYR A 52 -10.16 -3.66 3.34
CA TYR A 52 -9.71 -3.82 1.96
C TYR A 52 -8.31 -4.46 1.93
N SER A 53 -8.30 -5.78 1.80
CA SER A 53 -7.07 -6.57 1.87
C SER A 53 -6.05 -6.16 0.80
N VAL A 54 -6.54 -5.78 -0.38
CA VAL A 54 -5.66 -5.37 -1.46
C VAL A 54 -4.86 -4.14 -1.07
N ALA A 55 -5.49 -3.24 -0.32
CA ALA A 55 -4.87 -1.99 0.07
C ALA A 55 -3.78 -2.23 1.11
N TRP A 56 -3.96 -3.26 1.94
CA TRP A 56 -2.97 -3.59 2.96
C TRP A 56 -1.62 -3.87 2.31
N LYS A 57 -1.65 -4.67 1.26
CA LYS A 57 -0.45 -5.02 0.51
C LYS A 57 0.15 -3.80 -0.19
N TRP A 58 -0.71 -2.93 -0.70
CA TRP A 58 -0.26 -1.72 -1.39
C TRP A 58 0.41 -0.74 -0.44
N LEU A 59 -0.06 -0.68 0.80
CA LEU A 59 0.47 0.24 1.80
C LEU A 59 1.97 0.06 1.98
N GLY A 60 2.38 -1.17 2.23
CA GLY A 60 3.79 -1.46 2.44
C GLY A 60 4.62 -1.12 1.22
N LYS A 61 4.11 -1.47 0.04
CA LYS A 61 4.79 -1.18 -1.21
C LYS A 61 5.00 0.33 -1.39
N THR A 62 3.96 1.09 -1.10
CA THR A 62 3.97 2.52 -1.31
C THR A 62 5.00 3.22 -0.41
N LEU A 63 4.98 2.89 0.88
CA LEU A 63 5.91 3.48 1.83
C LEU A 63 7.35 3.14 1.47
N GLN A 64 7.59 1.87 1.16
CA GLN A 64 8.93 1.40 0.80
C GLN A 64 9.41 2.10 -0.48
N GLY A 65 8.50 2.25 -1.42
CA GLY A 65 8.82 2.92 -2.66
C GLY A 65 9.19 4.38 -2.46
N GLN A 66 8.44 5.07 -1.60
CA GLN A 66 8.70 6.47 -1.32
C GLN A 66 10.03 6.64 -0.59
N GLY A 67 10.34 5.70 0.30
CA GLY A 67 11.60 5.74 1.01
C GLY A 67 11.44 5.68 2.51
N ASP A 68 10.28 5.23 2.97
CA ASP A 68 10.02 5.08 4.38
C ASP A 68 9.99 3.60 4.75
N ARG A 69 11.16 3.04 5.03
CA ARG A 69 11.29 1.62 5.32
C ARG A 69 10.57 1.27 6.62
N ALA A 70 10.60 2.20 7.57
CA ALA A 70 9.96 1.98 8.87
C ALA A 70 8.44 1.92 8.71
N GLY A 71 7.90 2.88 7.97
CA GLY A 71 6.47 2.89 7.69
C GLY A 71 6.04 1.70 6.87
N ALA A 72 6.90 1.30 5.93
CA ALA A 72 6.66 0.12 5.12
C ALA A 72 6.51 -1.12 6.00
N ARG A 73 7.48 -1.31 6.90
CA ARG A 73 7.43 -2.44 7.83
C ARG A 73 6.17 -2.38 8.69
N GLN A 74 5.87 -1.18 9.18
CA GLN A 74 4.69 -0.96 10.01
C GLN A 74 3.44 -1.42 9.27
N ALA A 75 3.33 -1.04 8.00
CA ALA A 75 2.19 -1.39 7.18
C ALA A 75 2.15 -2.90 6.91
N TRP A 76 3.33 -3.48 6.66
CA TRP A 76 3.42 -4.91 6.37
C TRP A 76 3.00 -5.76 7.58
N GLU A 77 3.52 -5.45 8.76
CA GLU A 77 3.16 -6.19 9.96
C GLU A 77 1.68 -5.98 10.30
N SER A 78 1.21 -4.75 10.10
CA SER A 78 -0.18 -4.43 10.38
C SER A 78 -1.11 -5.18 9.43
N GLY A 79 -0.79 -5.14 8.14
CA GLY A 79 -1.58 -5.82 7.15
C GLY A 79 -1.46 -7.33 7.26
N LEU A 80 -0.32 -7.80 7.76
CA LEU A 80 -0.09 -9.23 7.91
C LEU A 80 -1.06 -9.82 8.92
N ALA A 81 -1.10 -9.22 10.10
CA ALA A 81 -2.01 -9.65 11.16
C ALA A 81 -3.46 -9.39 10.76
N ALA A 82 -3.67 -8.35 9.96
CA ALA A 82 -4.99 -8.05 9.45
C ALA A 82 -5.46 -9.16 8.53
N ALA A 83 -4.56 -9.60 7.65
CA ALA A 83 -4.86 -10.69 6.72
C ALA A 83 -4.99 -12.01 7.47
N GLN A 84 -4.15 -12.21 8.47
CA GLN A 84 -4.24 -13.38 9.33
C GLN A 84 -5.59 -13.43 10.04
N SER A 85 -6.02 -12.30 10.57
CA SER A 85 -7.31 -12.20 11.23
C SER A 85 -8.44 -12.38 10.21
N ARG A 86 -8.23 -11.91 8.99
CA ARG A 86 -9.19 -12.00 7.93
C ARG A 86 -9.24 -13.43 7.37
N GLY A 87 -8.23 -14.22 7.71
CA GLY A 87 -8.15 -15.57 7.18
C GLY A 87 -7.72 -15.60 5.73
N ASP A 88 -6.96 -14.59 5.33
CA ASP A 88 -6.50 -14.48 3.97
C ASP A 88 -5.03 -14.84 3.90
N GLN A 89 -4.76 -16.11 3.73
CA GLN A 89 -3.41 -16.63 3.70
C GLN A 89 -2.64 -16.10 2.50
N GLN A 90 -3.32 -15.94 1.38
CA GLN A 90 -2.68 -15.46 0.16
C GLN A 90 -1.99 -14.12 0.38
N VAL A 91 -2.71 -13.19 1.00
CA VAL A 91 -2.19 -11.84 1.21
C VAL A 91 -0.99 -11.86 2.16
N VAL A 92 -1.09 -12.70 3.19
CA VAL A 92 0.00 -12.87 4.14
C VAL A 92 1.27 -13.33 3.45
N LYS A 93 1.14 -14.39 2.66
CA LYS A 93 2.28 -14.98 1.97
C LYS A 93 2.84 -14.03 0.89
N GLU A 94 1.97 -13.21 0.30
CA GLU A 94 2.43 -12.22 -0.67
C GLU A 94 3.32 -11.18 0.02
N LEU A 95 2.84 -10.66 1.14
CA LEU A 95 3.58 -9.66 1.90
C LEU A 95 4.85 -10.25 2.50
N GLN A 96 4.78 -11.53 2.84
CA GLN A 96 5.93 -12.25 3.39
C GLN A 96 7.12 -12.18 2.45
N VAL A 97 6.86 -12.22 1.14
CA VAL A 97 7.91 -12.14 0.14
C VAL A 97 8.69 -10.83 0.28
N PHE A 98 7.95 -9.75 0.53
CA PHE A 98 8.56 -8.44 0.70
C PHE A 98 9.40 -8.40 1.97
N LEU A 99 8.92 -9.08 3.01
CA LEU A 99 9.62 -9.11 4.30
C LEU A 99 10.97 -9.80 4.18
N ARG A 100 11.05 -10.80 3.29
CA ARG A 100 12.29 -11.53 3.08
C ARG A 100 13.31 -10.64 2.40
N ARG A 101 12.87 -9.95 1.37
CA ARG A 101 13.71 -8.98 0.69
C ARG A 101 14.11 -7.86 1.64
N LEU A 102 13.15 -7.44 2.45
CA LEU A 102 13.37 -6.38 3.44
C LEU A 102 14.48 -6.75 4.41
N ALA A 103 14.59 -8.05 4.72
CA ALA A 103 15.63 -8.53 5.63
C ALA A 103 17.01 -8.36 5.01
N ARG A 104 17.09 -8.55 3.70
CA ARG A 104 18.35 -8.36 2.98
C ARG A 104 18.73 -6.89 2.97
N GLU A 105 17.73 -6.04 2.76
CA GLU A 105 17.91 -4.60 2.79
C GLU A 105 18.30 -4.13 4.19
N ASP A 106 17.65 -4.73 5.18
CA ASP A 106 17.92 -4.44 6.59
C ASP A 106 19.38 -4.69 6.92
N ALA A 107 19.88 -5.82 6.43
CA ALA A 107 21.26 -6.25 6.66
C ALA A 107 22.27 -5.19 6.20
N LEU A 108 21.90 -4.42 5.19
CA LEU A 108 22.79 -3.39 4.66
C LEU A 108 23.07 -2.30 5.69
N GLU A 109 22.18 -2.16 6.67
CA GLU A 109 22.37 -1.20 7.74
C GLU A 109 22.49 -1.92 9.08
N HIS A 110 22.66 -3.23 9.01
CA HIS A 110 22.64 -4.06 10.21
C HIS A 110 23.91 -4.89 10.32
N HIS A 111 24.71 -4.84 9.27
CA HIS A 111 25.86 -5.73 9.12
C HIS A 111 27.08 -5.20 9.87
N HIS A 112 27.05 -3.93 10.25
CA HIS A 112 28.17 -3.35 10.98
C HIS A 112 27.75 -2.96 12.39
N HIS A 113 26.71 -2.15 12.49
CA HIS A 113 26.23 -1.62 13.77
C HIS A 113 27.32 -0.79 14.44
N HIS A 114 27.54 0.40 13.90
CA HIS A 114 28.57 1.30 14.40
C HIS A 114 28.04 2.72 14.40
N HIS A 115 28.37 3.48 15.44
CA HIS A 115 27.93 4.86 15.53
C HIS A 115 29.11 5.76 15.87
N MET A 1 -4.27 12.14 -22.98
CA MET A 1 -4.86 11.60 -21.74
C MET A 1 -4.27 10.23 -21.42
N GLN A 2 -3.37 10.21 -20.44
CA GLN A 2 -2.81 8.98 -19.93
C GLN A 2 -2.92 8.98 -18.43
N ALA A 3 -3.05 7.80 -17.85
CA ALA A 3 -3.39 7.63 -16.44
C ALA A 3 -4.84 8.01 -16.20
N ILE A 4 -5.68 6.99 -16.19
CA ILE A 4 -7.14 7.11 -16.12
C ILE A 4 -7.61 7.91 -14.89
N THR A 5 -6.72 8.12 -13.95
CA THR A 5 -7.05 8.74 -12.68
C THR A 5 -7.73 10.11 -12.83
N GLU A 6 -7.38 10.88 -13.86
CA GLU A 6 -7.92 12.23 -13.98
C GLU A 6 -9.40 12.20 -14.38
N ARG A 7 -9.75 11.29 -15.30
CA ARG A 7 -11.13 11.14 -15.72
C ARG A 7 -11.95 10.46 -14.62
N LEU A 8 -11.29 9.59 -13.86
CA LEU A 8 -11.92 9.00 -12.67
C LEU A 8 -12.23 10.10 -11.65
N GLU A 9 -11.27 11.00 -11.46
CA GLU A 9 -11.41 12.13 -10.57
C GLU A 9 -12.53 13.05 -11.05
N ALA A 10 -12.71 13.11 -12.36
CA ALA A 10 -13.78 13.91 -12.97
C ALA A 10 -15.14 13.43 -12.51
N MET A 11 -15.33 12.10 -12.48
CA MET A 11 -16.57 11.51 -12.01
C MET A 11 -16.77 11.81 -10.53
N LEU A 12 -15.66 11.82 -9.79
CA LEU A 12 -15.70 12.16 -8.37
C LEU A 12 -16.22 13.59 -8.21
N ALA A 13 -15.80 14.47 -9.11
CA ALA A 13 -16.24 15.87 -9.10
C ALA A 13 -17.70 16.00 -9.54
N GLN A 14 -18.28 14.90 -10.02
CA GLN A 14 -19.68 14.87 -10.41
C GLN A 14 -20.54 14.32 -9.28
N GLY A 15 -19.91 14.13 -8.13
CA GLY A 15 -20.62 13.63 -6.96
C GLY A 15 -20.73 12.12 -6.97
N THR A 16 -19.80 11.47 -7.64
CA THR A 16 -19.78 10.02 -7.71
C THR A 16 -18.69 9.48 -6.80
N ASP A 17 -18.99 9.41 -5.51
CA ASP A 17 -18.06 8.88 -4.53
C ASP A 17 -18.26 7.38 -4.35
N ASN A 18 -17.35 6.60 -4.90
CA ASN A 18 -17.45 5.14 -4.83
C ASN A 18 -16.27 4.58 -4.05
N MET A 19 -16.50 3.48 -3.36
CA MET A 19 -15.46 2.79 -2.62
C MET A 19 -14.41 2.24 -3.58
N LEU A 20 -14.88 1.70 -4.70
CA LEU A 20 -14.00 1.13 -5.71
C LEU A 20 -13.54 2.22 -6.68
N LEU A 21 -13.64 3.47 -6.25
CA LEU A 21 -13.14 4.59 -7.03
C LEU A 21 -11.95 5.23 -6.31
N ARG A 22 -12.16 5.58 -5.05
CA ARG A 22 -11.11 6.20 -4.23
C ARG A 22 -9.84 5.35 -4.25
N PHE A 23 -10.03 4.03 -4.16
CA PHE A 23 -8.93 3.09 -4.13
C PHE A 23 -8.20 3.05 -5.47
N THR A 24 -8.97 3.10 -6.55
CA THR A 24 -8.42 3.03 -7.90
C THR A 24 -7.52 4.22 -8.20
N LEU A 25 -7.89 5.40 -7.70
CA LEU A 25 -7.06 6.59 -7.84
C LEU A 25 -5.71 6.37 -7.17
N GLY A 26 -5.75 5.81 -5.96
CA GLY A 26 -4.52 5.53 -5.24
C GLY A 26 -3.64 4.54 -5.98
N LYS A 27 -4.26 3.49 -6.49
CA LYS A 27 -3.55 2.47 -7.27
C LYS A 27 -2.84 3.10 -8.46
N THR A 28 -3.54 3.97 -9.16
CA THR A 28 -3.01 4.58 -10.37
C THR A 28 -1.87 5.54 -10.06
N TYR A 29 -2.02 6.32 -9.00
CA TYR A 29 -0.99 7.25 -8.59
C TYR A 29 0.27 6.51 -8.12
N ALA A 30 0.06 5.43 -7.35
CA ALA A 30 1.18 4.69 -6.78
C ALA A 30 2.03 4.05 -7.86
N GLU A 31 1.36 3.44 -8.84
CA GLU A 31 2.02 2.81 -9.95
C GLU A 31 2.89 3.80 -10.71
N HIS A 32 2.47 5.06 -10.74
CA HIS A 32 3.17 6.08 -11.49
C HIS A 32 4.07 6.94 -10.61
N GLU A 33 4.45 6.39 -9.45
CA GLU A 33 5.45 7.01 -8.57
C GLU A 33 4.87 8.22 -7.82
N GLN A 34 3.55 8.40 -7.90
CA GLN A 34 2.89 9.50 -7.21
C GLN A 34 2.44 9.03 -5.83
N PHE A 35 3.37 8.38 -5.13
CA PHE A 35 3.11 7.78 -3.82
C PHE A 35 2.42 8.76 -2.88
N ASP A 36 2.78 10.03 -3.01
CA ASP A 36 2.22 11.10 -2.19
C ASP A 36 0.69 11.07 -2.22
N ALA A 37 0.16 10.98 -3.43
CA ALA A 37 -1.28 11.05 -3.66
C ALA A 37 -1.95 9.73 -3.27
N ALA A 38 -1.20 8.64 -3.33
CA ALA A 38 -1.73 7.33 -3.02
C ALA A 38 -2.01 7.17 -1.53
N LEU A 39 -1.13 7.72 -0.70
CA LEU A 39 -1.20 7.52 0.75
C LEU A 39 -2.58 7.86 1.34
N PRO A 40 -3.12 9.07 1.11
CA PRO A 40 -4.41 9.47 1.69
C PRO A 40 -5.56 8.61 1.16
N HIS A 41 -5.46 8.20 -0.10
CA HIS A 41 -6.52 7.43 -0.74
C HIS A 41 -6.59 6.02 -0.19
N LEU A 42 -5.45 5.36 -0.07
CA LEU A 42 -5.41 4.00 0.46
C LEU A 42 -5.77 3.99 1.94
N ARG A 43 -5.34 5.02 2.66
CA ARG A 43 -5.65 5.13 4.08
C ARG A 43 -7.16 5.27 4.28
N ALA A 44 -7.79 6.06 3.43
CA ALA A 44 -9.23 6.25 3.49
C ALA A 44 -9.95 4.95 3.16
N ALA A 45 -9.47 4.25 2.12
CA ALA A 45 -10.06 2.98 1.70
C ALA A 45 -9.98 1.95 2.83
N LEU A 46 -8.82 1.87 3.47
CA LEU A 46 -8.62 0.94 4.58
C LEU A 46 -9.47 1.32 5.78
N ASP A 47 -9.79 2.60 5.89
CA ASP A 47 -10.66 3.07 6.96
C ASP A 47 -12.08 2.57 6.73
N PHE A 48 -12.51 2.61 5.47
CA PHE A 48 -13.85 2.18 5.11
C PHE A 48 -13.98 0.66 5.15
N ASP A 49 -12.99 -0.03 4.61
CA ASP A 49 -13.05 -1.49 4.52
C ASP A 49 -11.66 -2.10 4.55
N PRO A 50 -11.17 -2.40 5.76
CA PRO A 50 -9.80 -2.90 5.98
C PRO A 50 -9.57 -4.30 5.44
N THR A 51 -10.62 -4.94 4.90
CA THR A 51 -10.52 -6.33 4.47
C THR A 51 -9.84 -6.45 3.10
N TYR A 52 -9.60 -5.33 2.45
CA TYR A 52 -8.99 -5.33 1.14
C TYR A 52 -7.49 -5.61 1.22
N SER A 53 -7.13 -6.88 1.01
CA SER A 53 -5.74 -7.33 1.07
C SER A 53 -4.86 -6.63 0.05
N VAL A 54 -5.47 -6.27 -1.08
CA VAL A 54 -4.76 -5.55 -2.13
C VAL A 54 -4.18 -4.24 -1.59
N ALA A 55 -4.92 -3.62 -0.68
CA ALA A 55 -4.52 -2.34 -0.12
C ALA A 55 -3.33 -2.50 0.82
N TRP A 56 -3.32 -3.57 1.61
CA TRP A 56 -2.22 -3.80 2.55
C TRP A 56 -0.91 -3.94 1.79
N LYS A 57 -0.96 -4.77 0.75
CA LYS A 57 0.19 -5.10 -0.06
C LYS A 57 0.72 -3.88 -0.83
N TRP A 58 -0.18 -3.09 -1.39
CA TRP A 58 0.24 -1.91 -2.14
C TRP A 58 0.71 -0.78 -1.23
N LEU A 59 0.11 -0.67 -0.05
CA LEU A 59 0.52 0.33 0.92
C LEU A 59 1.98 0.08 1.31
N GLY A 60 2.30 -1.18 1.55
CA GLY A 60 3.67 -1.56 1.87
C GLY A 60 4.63 -1.24 0.73
N LYS A 61 4.22 -1.55 -0.50
CA LYS A 61 5.03 -1.25 -1.68
C LYS A 61 5.31 0.24 -1.78
N THR A 62 4.30 1.04 -1.48
CA THR A 62 4.40 2.48 -1.56
C THR A 62 5.45 3.02 -0.59
N LEU A 63 5.38 2.59 0.66
CA LEU A 63 6.31 3.03 1.68
C LEU A 63 7.72 2.50 1.42
N GLN A 64 7.81 1.29 0.87
CA GLN A 64 9.10 0.71 0.51
C GLN A 64 9.72 1.50 -0.64
N GLY A 65 8.86 1.90 -1.57
CA GLY A 65 9.30 2.69 -2.71
C GLY A 65 9.84 4.05 -2.30
N GLN A 66 9.35 4.57 -1.18
CA GLN A 66 9.83 5.84 -0.65
C GLN A 66 11.11 5.62 0.16
N GLY A 67 11.23 4.44 0.74
CA GLY A 67 12.41 4.12 1.53
C GLY A 67 12.24 4.50 2.99
N ASP A 68 11.08 4.17 3.55
CA ASP A 68 10.82 4.45 4.96
C ASP A 68 10.71 3.15 5.72
N ARG A 69 11.77 2.83 6.45
CA ARG A 69 11.88 1.57 7.16
C ARG A 69 10.73 1.34 8.15
N ALA A 70 10.46 2.36 8.97
CA ALA A 70 9.42 2.25 10.00
C ALA A 70 8.03 2.20 9.39
N GLY A 71 7.74 3.11 8.45
CA GLY A 71 6.42 3.20 7.87
C GLY A 71 6.04 1.97 7.08
N ALA A 72 6.99 1.44 6.32
CA ALA A 72 6.75 0.25 5.52
C ALA A 72 6.50 -0.96 6.41
N ARG A 73 7.37 -1.14 7.40
CA ARG A 73 7.27 -2.26 8.32
C ARG A 73 5.96 -2.21 9.11
N GLN A 74 5.57 -0.99 9.48
CA GLN A 74 4.33 -0.77 10.24
C GLN A 74 3.14 -1.34 9.47
N ALA A 75 3.09 -1.04 8.18
CA ALA A 75 2.01 -1.51 7.33
C ALA A 75 2.04 -3.02 7.14
N TRP A 76 3.23 -3.56 6.93
CA TRP A 76 3.38 -4.98 6.62
C TRP A 76 3.00 -5.86 7.79
N GLU A 77 3.51 -5.56 8.98
CA GLU A 77 3.21 -6.39 10.15
C GLU A 77 1.72 -6.32 10.49
N SER A 78 1.13 -5.15 10.28
CA SER A 78 -0.30 -4.96 10.52
C SER A 78 -1.14 -5.71 9.47
N GLY A 79 -0.72 -5.61 8.21
CA GLY A 79 -1.43 -6.27 7.13
C GLY A 79 -1.21 -7.76 7.13
N LEU A 80 -0.04 -8.19 7.58
CA LEU A 80 0.28 -9.60 7.66
C LEU A 80 -0.67 -10.29 8.62
N ALA A 81 -0.84 -9.70 9.79
CA ALA A 81 -1.77 -10.20 10.79
C ALA A 81 -3.19 -10.19 10.27
N ALA A 82 -3.51 -9.19 9.44
CA ALA A 82 -4.82 -9.13 8.82
C ALA A 82 -5.01 -10.32 7.88
N ALA A 83 -3.97 -10.65 7.12
CA ALA A 83 -3.98 -11.80 6.24
C ALA A 83 -4.02 -13.09 7.03
N GLN A 84 -3.29 -13.11 8.16
CA GLN A 84 -3.31 -14.23 9.08
C GLN A 84 -4.73 -14.48 9.58
N SER A 85 -5.36 -13.40 10.06
CA SER A 85 -6.74 -13.47 10.55
C SER A 85 -7.70 -13.99 9.46
N ARG A 86 -7.47 -13.55 8.23
CA ARG A 86 -8.30 -13.95 7.11
C ARG A 86 -7.95 -15.35 6.62
N GLY A 87 -6.81 -15.87 7.06
CA GLY A 87 -6.34 -17.16 6.59
C GLY A 87 -5.92 -17.11 5.14
N ASP A 88 -5.44 -15.95 4.71
CA ASP A 88 -5.06 -15.74 3.33
C ASP A 88 -3.55 -15.87 3.20
N GLN A 89 -3.11 -17.11 3.07
CA GLN A 89 -1.69 -17.41 2.97
C GLN A 89 -1.06 -16.81 1.72
N GLN A 90 -1.84 -16.69 0.65
CA GLN A 90 -1.34 -16.08 -0.58
C GLN A 90 -0.83 -14.67 -0.31
N VAL A 91 -1.63 -13.87 0.40
CA VAL A 91 -1.26 -12.50 0.71
C VAL A 91 -0.08 -12.46 1.69
N VAL A 92 -0.08 -13.38 2.64
CA VAL A 92 1.00 -13.49 3.61
C VAL A 92 2.33 -13.69 2.90
N LYS A 93 2.36 -14.64 1.97
CA LYS A 93 3.57 -14.94 1.22
C LYS A 93 3.98 -13.80 0.29
N GLU A 94 3.00 -13.06 -0.23
CA GLU A 94 3.28 -11.89 -1.05
C GLU A 94 3.99 -10.82 -0.25
N LEU A 95 3.43 -10.50 0.91
CA LEU A 95 4.01 -9.48 1.77
C LEU A 95 5.32 -9.97 2.39
N GLN A 96 5.40 -11.27 2.61
CA GLN A 96 6.60 -11.91 3.15
C GLN A 96 7.80 -11.63 2.25
N VAL A 97 7.59 -11.62 0.94
CA VAL A 97 8.65 -11.32 -0.01
C VAL A 97 9.20 -9.91 0.22
N PHE A 98 8.29 -8.96 0.41
CA PHE A 98 8.68 -7.57 0.63
C PHE A 98 9.40 -7.41 1.96
N LEU A 99 9.03 -8.24 2.94
CA LEU A 99 9.68 -8.23 4.24
C LEU A 99 11.15 -8.62 4.12
N ARG A 100 11.43 -9.57 3.23
CA ARG A 100 12.80 -10.01 2.99
C ARG A 100 13.59 -8.87 2.38
N ARG A 101 12.99 -8.28 1.35
CA ARG A 101 13.58 -7.13 0.68
C ARG A 101 13.83 -5.99 1.68
N LEU A 102 12.88 -5.77 2.58
CA LEU A 102 12.99 -4.72 3.59
C LEU A 102 14.21 -4.98 4.48
N ALA A 103 14.39 -6.23 4.88
CA ALA A 103 15.51 -6.61 5.74
C ALA A 103 16.84 -6.35 5.05
N ARG A 104 16.87 -6.50 3.74
CA ARG A 104 18.07 -6.23 2.98
C ARG A 104 18.37 -4.74 2.93
N GLU A 105 17.32 -3.93 2.78
CA GLU A 105 17.44 -2.49 2.82
C GLU A 105 17.87 -2.03 4.21
N ASP A 106 17.32 -2.69 5.23
CA ASP A 106 17.71 -2.45 6.63
C ASP A 106 19.20 -2.67 6.80
N ALA A 107 19.66 -3.79 6.29
CA ALA A 107 21.06 -4.21 6.41
C ALA A 107 22.01 -3.15 5.86
N LEU A 108 21.55 -2.37 4.88
CA LEU A 108 22.37 -1.34 4.26
C LEU A 108 22.81 -0.27 5.28
N GLU A 109 22.07 -0.19 6.39
CA GLU A 109 22.41 0.75 7.44
C GLU A 109 22.53 0.01 8.78
N HIS A 110 22.56 -1.31 8.71
CA HIS A 110 22.48 -2.13 9.90
C HIS A 110 23.48 -3.29 9.84
N HIS A 111 24.38 -3.23 8.86
CA HIS A 111 25.30 -4.32 8.61
C HIS A 111 26.43 -4.35 9.63
N HIS A 112 27.24 -3.30 9.66
CA HIS A 112 28.36 -3.25 10.60
C HIS A 112 28.11 -2.20 11.67
N HIS A 113 26.90 -1.67 11.67
CA HIS A 113 26.45 -0.76 12.70
C HIS A 113 25.34 -1.42 13.49
N HIS A 114 25.66 -1.89 14.68
CA HIS A 114 24.70 -2.67 15.47
C HIS A 114 23.94 -1.76 16.44
N HIS A 115 24.32 -0.50 16.45
CA HIS A 115 23.66 0.50 17.28
C HIS A 115 22.87 1.45 16.40
N MET A 1 -9.60 13.42 -21.37
CA MET A 1 -9.91 12.08 -20.83
C MET A 1 -8.71 11.17 -20.92
N GLN A 2 -7.57 11.67 -20.47
CA GLN A 2 -6.34 10.89 -20.43
C GLN A 2 -6.15 10.31 -19.04
N ALA A 3 -5.60 9.11 -19.00
CA ALA A 3 -5.37 8.38 -17.76
C ALA A 3 -6.68 8.08 -17.04
N ILE A 4 -6.57 7.24 -16.03
CA ILE A 4 -7.68 6.89 -15.17
C ILE A 4 -8.14 8.13 -14.39
N THR A 5 -7.24 9.08 -14.23
CA THR A 5 -7.51 10.27 -13.45
C THR A 5 -8.68 11.09 -14.00
N GLU A 6 -8.65 11.43 -15.29
CA GLU A 6 -9.65 12.33 -15.85
C GLU A 6 -11.03 11.71 -15.91
N ARG A 7 -11.11 10.41 -16.23
CA ARG A 7 -12.40 9.74 -16.27
C ARG A 7 -13.02 9.68 -14.87
N LEU A 8 -12.18 9.48 -13.86
CA LEU A 8 -12.64 9.50 -12.48
C LEU A 8 -13.10 10.88 -12.06
N GLU A 9 -12.36 11.91 -12.47
CA GLU A 9 -12.73 13.29 -12.18
C GLU A 9 -14.13 13.60 -12.69
N ALA A 10 -14.41 13.16 -13.92
CA ALA A 10 -15.69 13.41 -14.55
C ALA A 10 -16.82 12.64 -13.85
N MET A 11 -16.60 11.34 -13.61
CA MET A 11 -17.64 10.49 -13.06
C MET A 11 -17.92 10.85 -11.59
N LEU A 12 -16.89 11.29 -10.89
CA LEU A 12 -17.06 11.72 -9.50
C LEU A 12 -18.02 12.90 -9.42
N ALA A 13 -17.84 13.85 -10.32
CA ALA A 13 -18.68 15.05 -10.35
C ALA A 13 -20.11 14.72 -10.79
N GLN A 14 -20.29 13.60 -11.47
CA GLN A 14 -21.62 13.18 -11.89
C GLN A 14 -22.38 12.55 -10.73
N GLY A 15 -21.69 12.31 -9.63
CA GLY A 15 -22.34 11.75 -8.46
C GLY A 15 -21.97 10.31 -8.20
N THR A 16 -20.80 9.90 -8.65
CA THR A 16 -20.33 8.56 -8.42
C THR A 16 -19.18 8.54 -7.41
N ASP A 17 -19.52 8.64 -6.14
CA ASP A 17 -18.54 8.52 -5.08
C ASP A 17 -18.44 7.06 -4.65
N ASN A 18 -17.53 6.33 -5.27
CA ASN A 18 -17.42 4.90 -5.05
C ASN A 18 -16.55 4.61 -3.82
N MET A 19 -16.54 3.37 -3.42
CA MET A 19 -15.82 2.94 -2.23
C MET A 19 -14.32 2.85 -2.50
N LEU A 20 -13.96 2.17 -3.58
CA LEU A 20 -12.56 2.03 -3.97
C LEU A 20 -12.11 3.24 -4.80
N LEU A 21 -12.91 4.31 -4.77
CA LEU A 21 -12.63 5.52 -5.53
C LEU A 21 -11.25 6.06 -5.15
N ARG A 22 -10.95 6.02 -3.86
CA ARG A 22 -9.70 6.55 -3.34
C ARG A 22 -8.53 5.67 -3.79
N PHE A 23 -8.75 4.36 -3.75
CA PHE A 23 -7.71 3.39 -4.07
C PHE A 23 -7.38 3.41 -5.57
N THR A 24 -8.41 3.49 -6.40
CA THR A 24 -8.21 3.42 -7.85
C THR A 24 -7.39 4.60 -8.36
N LEU A 25 -7.56 5.77 -7.73
CA LEU A 25 -6.76 6.93 -8.08
C LEU A 25 -5.33 6.76 -7.58
N GLY A 26 -5.20 6.14 -6.41
CA GLY A 26 -3.90 5.90 -5.82
C GLY A 26 -3.01 5.04 -6.69
N LYS A 27 -3.64 4.17 -7.49
CA LYS A 27 -2.92 3.32 -8.42
C LYS A 27 -2.07 4.15 -9.37
N THR A 28 -2.67 5.17 -9.97
CA THR A 28 -1.98 6.00 -10.95
C THR A 28 -0.87 6.82 -10.29
N TYR A 29 -1.10 7.23 -9.05
CA TYR A 29 -0.08 7.96 -8.32
C TYR A 29 1.12 7.06 -8.03
N ALA A 30 0.83 5.85 -7.56
CA ALA A 30 1.89 4.93 -7.15
C ALA A 30 2.68 4.42 -8.35
N GLU A 31 1.98 4.11 -9.42
CA GLU A 31 2.63 3.62 -10.64
C GLU A 31 3.44 4.73 -11.30
N HIS A 32 3.11 5.97 -11.01
CA HIS A 32 3.89 7.10 -11.52
C HIS A 32 4.89 7.57 -10.47
N GLU A 33 5.16 6.71 -9.50
CA GLU A 33 6.22 6.91 -8.50
C GLU A 33 5.88 8.06 -7.55
N GLN A 34 4.63 8.48 -7.53
CA GLN A 34 4.20 9.49 -6.58
C GLN A 34 3.54 8.83 -5.38
N PHE A 35 4.36 8.19 -4.57
CA PHE A 35 3.89 7.52 -3.36
C PHE A 35 3.40 8.54 -2.35
N ASP A 36 4.01 9.72 -2.38
CA ASP A 36 3.61 10.84 -1.53
C ASP A 36 2.15 11.18 -1.73
N ALA A 37 1.76 11.30 -2.99
CA ALA A 37 0.39 11.62 -3.35
C ALA A 37 -0.53 10.41 -3.16
N ALA A 38 0.01 9.22 -3.36
CA ALA A 38 -0.77 7.99 -3.27
C ALA A 38 -1.15 7.68 -1.82
N LEU A 39 -0.22 7.92 -0.90
CA LEU A 39 -0.37 7.53 0.50
C LEU A 39 -1.71 8.00 1.09
N PRO A 40 -2.04 9.32 1.03
CA PRO A 40 -3.30 9.84 1.58
C PRO A 40 -4.53 9.18 0.95
N HIS A 41 -4.45 8.85 -0.34
CA HIS A 41 -5.56 8.25 -1.04
C HIS A 41 -5.79 6.82 -0.57
N LEU A 42 -4.71 6.06 -0.45
CA LEU A 42 -4.80 4.68 0.03
C LEU A 42 -5.25 4.65 1.49
N ARG A 43 -4.75 5.59 2.29
CA ARG A 43 -5.15 5.69 3.69
C ARG A 43 -6.64 5.98 3.80
N ALA A 44 -7.13 6.88 2.96
CA ALA A 44 -8.55 7.22 2.95
C ALA A 44 -9.40 6.00 2.59
N ALA A 45 -8.87 5.17 1.71
CA ALA A 45 -9.55 3.94 1.30
C ALA A 45 -9.57 2.93 2.45
N LEU A 46 -8.40 2.72 3.08
CA LEU A 46 -8.28 1.75 4.16
C LEU A 46 -9.09 2.14 5.38
N ASP A 47 -9.27 3.44 5.56
CA ASP A 47 -10.10 3.95 6.64
C ASP A 47 -11.53 3.46 6.49
N PHE A 48 -12.04 3.56 5.28
CA PHE A 48 -13.42 3.19 4.99
C PHE A 48 -13.55 1.69 4.75
N ASP A 49 -12.57 1.11 4.07
CA ASP A 49 -12.59 -0.31 3.73
C ASP A 49 -11.41 -1.05 4.33
N PRO A 50 -11.53 -1.51 5.59
CA PRO A 50 -10.49 -2.30 6.25
C PRO A 50 -10.47 -3.75 5.74
N THR A 51 -11.41 -4.09 4.86
CA THR A 51 -11.52 -5.44 4.35
C THR A 51 -10.91 -5.57 2.95
N TYR A 52 -10.28 -4.51 2.47
CA TYR A 52 -9.65 -4.54 1.16
C TYR A 52 -8.22 -5.05 1.28
N SER A 53 -8.08 -6.38 1.23
CA SER A 53 -6.79 -7.07 1.36
C SER A 53 -5.72 -6.46 0.46
N VAL A 54 -6.11 -6.14 -0.77
CA VAL A 54 -5.20 -5.59 -1.77
C VAL A 54 -4.57 -4.27 -1.27
N ALA A 55 -5.37 -3.49 -0.54
CA ALA A 55 -4.91 -2.19 -0.07
C ALA A 55 -3.89 -2.32 1.05
N TRP A 56 -4.00 -3.37 1.86
CA TRP A 56 -3.02 -3.61 2.92
C TRP A 56 -1.65 -3.82 2.28
N LYS A 57 -1.65 -4.67 1.26
CA LYS A 57 -0.45 -5.04 0.54
C LYS A 57 0.14 -3.86 -0.24
N TRP A 58 -0.74 -3.03 -0.79
CA TRP A 58 -0.28 -1.85 -1.52
C TRP A 58 0.21 -0.76 -0.59
N LEU A 59 -0.35 -0.67 0.61
CA LEU A 59 0.07 0.31 1.58
C LEU A 59 1.55 0.10 1.92
N GLY A 60 1.92 -1.16 2.14
CA GLY A 60 3.30 -1.49 2.40
C GLY A 60 4.20 -1.15 1.22
N LYS A 61 3.71 -1.44 0.02
CA LYS A 61 4.43 -1.12 -1.21
C LYS A 61 4.62 0.38 -1.36
N THR A 62 3.62 1.15 -0.94
CA THR A 62 3.69 2.60 -1.01
C THR A 62 4.80 3.14 -0.11
N LEU A 63 4.90 2.57 1.09
CA LEU A 63 5.93 2.97 2.04
C LEU A 63 7.31 2.52 1.54
N GLN A 64 7.33 1.39 0.85
CA GLN A 64 8.55 0.88 0.22
C GLN A 64 9.10 1.90 -0.76
N GLY A 65 8.23 2.39 -1.64
CA GLY A 65 8.65 3.36 -2.64
C GLY A 65 8.90 4.73 -2.06
N GLN A 66 8.23 5.04 -0.96
CA GLN A 66 8.39 6.31 -0.27
C GLN A 66 9.75 6.37 0.43
N GLY A 67 10.38 5.22 0.59
CA GLY A 67 11.69 5.16 1.20
C GLY A 67 11.62 5.11 2.71
N ASP A 68 10.50 4.66 3.25
CA ASP A 68 10.36 4.53 4.69
C ASP A 68 10.32 3.06 5.06
N ARG A 69 11.50 2.50 5.31
CA ARG A 69 11.63 1.09 5.62
C ARG A 69 10.97 0.75 6.96
N ALA A 70 10.99 1.71 7.88
CA ALA A 70 10.41 1.49 9.20
C ALA A 70 8.89 1.36 9.11
N GLY A 71 8.27 2.30 8.43
CA GLY A 71 6.84 2.26 8.25
C GLY A 71 6.38 1.01 7.55
N ALA A 72 7.14 0.59 6.55
CA ALA A 72 6.83 -0.61 5.79
C ALA A 72 6.99 -1.85 6.68
N ARG A 73 8.05 -1.86 7.46
CA ARG A 73 8.35 -2.96 8.37
C ARG A 73 7.17 -3.22 9.30
N GLN A 74 6.69 -2.18 9.96
CA GLN A 74 5.59 -2.30 10.89
C GLN A 74 4.27 -2.58 10.16
N ALA A 75 4.10 -1.96 8.99
CA ALA A 75 2.87 -2.11 8.22
C ALA A 75 2.69 -3.53 7.71
N TRP A 76 3.77 -4.14 7.26
CA TRP A 76 3.72 -5.50 6.75
C TRP A 76 3.38 -6.49 7.86
N GLU A 77 3.89 -6.23 9.06
CA GLU A 77 3.53 -7.05 10.22
C GLU A 77 2.03 -7.00 10.45
N SER A 78 1.45 -5.82 10.30
CA SER A 78 0.02 -5.63 10.48
C SER A 78 -0.75 -6.27 9.31
N GLY A 79 -0.18 -6.17 8.12
CA GLY A 79 -0.79 -6.76 6.94
C GLY A 79 -0.80 -8.28 7.01
N LEU A 80 0.28 -8.85 7.51
CA LEU A 80 0.39 -10.29 7.67
C LEU A 80 -0.71 -10.81 8.59
N ALA A 81 -0.87 -10.17 9.75
CA ALA A 81 -1.89 -10.57 10.71
C ALA A 81 -3.29 -10.38 10.13
N ALA A 82 -3.44 -9.37 9.28
CA ALA A 82 -4.71 -9.14 8.61
C ALA A 82 -4.99 -10.27 7.64
N ALA A 83 -3.97 -10.64 6.87
CA ALA A 83 -4.08 -11.73 5.92
C ALA A 83 -4.24 -13.07 6.63
N GLN A 84 -3.52 -13.24 7.75
CA GLN A 84 -3.64 -14.44 8.56
C GLN A 84 -5.05 -14.59 9.11
N SER A 85 -5.61 -13.50 9.61
CA SER A 85 -6.98 -13.51 10.13
C SER A 85 -7.97 -13.81 9.01
N ARG A 86 -7.73 -13.26 7.82
CA ARG A 86 -8.58 -13.52 6.66
C ARG A 86 -8.30 -14.91 6.08
N GLY A 87 -7.20 -15.51 6.49
CA GLY A 87 -6.83 -16.82 5.98
C GLY A 87 -6.28 -16.76 4.57
N ASP A 88 -5.86 -15.57 4.17
CA ASP A 88 -5.38 -15.34 2.81
C ASP A 88 -3.91 -15.71 2.73
N GLN A 89 -3.67 -16.96 2.41
CA GLN A 89 -2.32 -17.50 2.31
C GLN A 89 -1.50 -16.78 1.25
N GLN A 90 -2.13 -16.50 0.12
CA GLN A 90 -1.44 -15.86 -1.00
C GLN A 90 -0.81 -14.54 -0.58
N VAL A 91 -1.58 -13.71 0.11
CA VAL A 91 -1.11 -12.38 0.46
C VAL A 91 0.05 -12.46 1.45
N VAL A 92 -0.03 -13.41 2.37
CA VAL A 92 1.04 -13.62 3.34
C VAL A 92 2.35 -13.92 2.63
N LYS A 93 2.29 -14.80 1.64
CA LYS A 93 3.48 -15.17 0.88
C LYS A 93 3.99 -14.00 0.05
N GLU A 94 3.08 -13.27 -0.58
CA GLU A 94 3.43 -12.12 -1.40
C GLU A 94 4.13 -11.04 -0.58
N LEU A 95 3.53 -10.68 0.56
CA LEU A 95 4.09 -9.65 1.42
C LEU A 95 5.41 -10.12 2.04
N GLN A 96 5.51 -11.41 2.30
CA GLN A 96 6.72 -11.99 2.87
C GLN A 96 7.92 -11.79 1.94
N VAL A 97 7.65 -11.76 0.64
CA VAL A 97 8.69 -11.52 -0.35
C VAL A 97 9.33 -10.14 -0.14
N PHE A 98 8.50 -9.14 0.13
CA PHE A 98 8.97 -7.78 0.34
C PHE A 98 9.81 -7.68 1.61
N LEU A 99 9.44 -8.47 2.61
CA LEU A 99 10.16 -8.49 3.88
C LEU A 99 11.62 -8.88 3.68
N ARG A 100 11.85 -9.80 2.76
CA ARG A 100 13.21 -10.28 2.47
C ARG A 100 14.04 -9.15 1.92
N ARG A 101 13.45 -8.42 0.99
CA ARG A 101 14.11 -7.27 0.36
C ARG A 101 14.33 -6.15 1.38
N LEU A 102 13.36 -5.96 2.27
CA LEU A 102 13.44 -4.92 3.28
C LEU A 102 14.58 -5.21 4.25
N ALA A 103 14.69 -6.47 4.65
CA ALA A 103 15.70 -6.89 5.61
C ALA A 103 17.11 -6.63 5.09
N ARG A 104 17.29 -6.73 3.78
CA ARG A 104 18.59 -6.51 3.16
C ARG A 104 19.11 -5.10 3.47
N GLU A 105 18.21 -4.13 3.42
CA GLU A 105 18.56 -2.75 3.68
C GLU A 105 18.91 -2.55 5.15
N ASP A 106 18.12 -3.15 6.03
CA ASP A 106 18.37 -3.08 7.47
C ASP A 106 19.71 -3.73 7.82
N ALA A 107 19.91 -4.91 7.25
CA ALA A 107 21.10 -5.71 7.50
C ALA A 107 22.39 -4.92 7.24
N LEU A 108 22.32 -3.94 6.33
CA LEU A 108 23.47 -3.10 6.00
C LEU A 108 24.04 -2.44 7.26
N GLU A 109 23.18 -1.91 8.10
CA GLU A 109 23.61 -1.25 9.34
C GLU A 109 23.41 -2.18 10.53
N HIS A 110 22.87 -3.35 10.25
CA HIS A 110 22.60 -4.35 11.28
C HIS A 110 23.66 -5.45 11.23
N HIS A 111 24.70 -5.21 10.43
CA HIS A 111 25.82 -6.14 10.32
C HIS A 111 26.55 -6.29 11.65
N HIS A 112 26.54 -5.22 12.44
CA HIS A 112 27.26 -5.21 13.70
C HIS A 112 26.53 -6.07 14.73
N HIS A 113 25.25 -5.73 14.95
CA HIS A 113 24.40 -6.49 15.86
C HIS A 113 25.02 -6.59 17.25
N HIS A 114 25.11 -5.47 17.93
CA HIS A 114 25.49 -5.45 19.33
C HIS A 114 24.24 -5.73 20.14
N HIS A 115 23.13 -5.23 19.62
CA HIS A 115 21.79 -5.54 20.12
C HIS A 115 20.80 -5.33 18.98
#